data_3S4P
# 
_entry.id   3S4P 
# 
_audit_conform.dict_name       mmcif_pdbx.dic 
_audit_conform.dict_version    5.380 
_audit_conform.dict_location   http://mmcif.pdb.org/dictionaries/ascii/mmcif_pdbx.dic 
# 
loop_
_database_2.database_id 
_database_2.database_code 
_database_2.pdbx_database_accession 
_database_2.pdbx_DOI 
PDB   3S4P         pdb_00003s4p 10.2210/pdb3s4p/pdb 
NDB   NA1132       ?            ?                   
RCSB  RCSB065757   ?            ?                   
WWPDB D_1000065757 ?            ?                   
# 
loop_
_pdbx_database_related.db_name 
_pdbx_database_related.db_id 
_pdbx_database_related.details 
_pdbx_database_related.content_type 
PDB 2PWT . unspecified 
PDB 2BE0 . unspecified 
PDB 2BEE . unspecified 
# 
_pdbx_database_status.entry_id                        3S4P 
_pdbx_database_status.deposit_site                    RCSB 
_pdbx_database_status.process_site                    PDBJ 
_pdbx_database_status.recvd_initial_deposition_date   2011-05-20 
_pdbx_database_status.status_code                     REL 
_pdbx_database_status.status_code_sf                  REL 
_pdbx_database_status.status_code_mr                  ? 
_pdbx_database_status.SG_entry                        ? 
_pdbx_database_status.status_code_cs                  ? 
_pdbx_database_status.pdb_format_compatible           Y 
_pdbx_database_status.status_code_nmr_data            ? 
_pdbx_database_status.methods_development_category    ? 
# 
loop_
_audit_author.name 
_audit_author.pdbx_ordinal 
'Szychowski, J.' 1 
'Kondo, J.'      2 
'Zahr, O.'       3 
'Auclair, K.'    4 
'Westhof, E.'    5 
'Hanessian, S.'  6 
'Keillor, J.W.'  7 
# 
_citation.id                        primary 
_citation.title                     
;Inhibition of aminoglycoside-deactivating enzymes APH(3')-IIIa and AAC(6')-Ii by amphiphilic paromomycin O2''-ether analogues
;
_citation.journal_abbrev            Chemmedchem 
_citation.journal_volume            6 
_citation.page_first                1961 
_citation.page_last                 1966 
_citation.year                      2011 
_citation.journal_id_ASTM           ? 
_citation.country                   DE 
_citation.journal_id_ISSN           1860-7179 
_citation.journal_id_CSD            ? 
_citation.book_publisher            ? 
_citation.pdbx_database_id_PubMed   21905229 
_citation.pdbx_database_id_DOI      10.1002/cmdc.201100346 
# 
loop_
_citation_author.citation_id 
_citation_author.name 
_citation_author.ordinal 
_citation_author.identifier_ORCID 
primary 'Szychowski, J.' 1 ? 
primary 'Kondo, J.'      2 ? 
primary 'Zahr, O.'       3 ? 
primary 'Auclair, K.'    4 ? 
primary 'Westhof, E.'    5 ? 
primary 'Hanessian, S.'  6 ? 
primary 'Keillor, J.W.'  7 ? 
# 
_cell.length_a           34.189 
_cell.length_b           44.689 
_cell.length_c           94.585 
_cell.angle_alpha        90.000 
_cell.angle_beta         90.000 
_cell.angle_gamma        90.000 
_cell.entry_id           3S4P 
_cell.pdbx_unique_axis   ? 
_cell.Z_PDB              8 
_cell.length_a_esd       ? 
_cell.length_b_esd       ? 
_cell.length_c_esd       ? 
_cell.angle_alpha_esd    ? 
_cell.angle_beta_esd     ? 
_cell.angle_gamma_esd    ? 
# 
_symmetry.space_group_name_H-M             'P 21 21 21' 
_symmetry.entry_id                         3S4P 
_symmetry.pdbx_full_space_group_name_H-M   ? 
_symmetry.Int_Tables_number                19 
_symmetry.cell_setting                     ? 
_symmetry.space_group_name_Hall            ? 
# 
loop_
_entity.id 
_entity.type 
_entity.src_method 
_entity.pdbx_description 
_entity.formula_weight 
_entity.pdbx_number_of_molecules 
_entity.pdbx_ec 
_entity.pdbx_mutation 
_entity.pdbx_fragment 
_entity.details 
1 polymer     syn 
;RNA (5'-R(P*GP*CP*GP*UP*CP*AP*CP*AP*CP*CP*GP*GP*UP*GP*AP*AP*GP*UP*CP*GP*C)-3')
;
6743.077 2  ? ? ? ? 
2 non-polymer syn 
;(1R,2R,3S,4R,6S)-4,6-diamino-2-{[3-O-(2,6-diamino-2,6-dideoxy-beta-L-idopyranosyl)-2-O-{2-[(2-phenylethyl)amino]ethyl}-beta-D-ribofuranosyl]oxy}-3-hydroxycyclohexyl 2-amino-2-deoxy-alpha-D-glucopyranoside
;
762.845  2  ? ? ? ? 
3 water       nat water 18.015   38 ? ? ? ? 
# 
_entity_poly.entity_id                      1 
_entity_poly.type                           polyribonucleotide 
_entity_poly.nstd_linkage                   no 
_entity_poly.nstd_monomer                   no 
_entity_poly.pdbx_seq_one_letter_code       GCGUCACACCGGUGAAGUCGC 
_entity_poly.pdbx_seq_one_letter_code_can   GCGUCACACCGGUGAAGUCGC 
_entity_poly.pdbx_strand_id                 A,B 
_entity_poly.pdbx_target_identifier         ? 
# 
loop_
_entity_poly_seq.entity_id 
_entity_poly_seq.num 
_entity_poly_seq.mon_id 
_entity_poly_seq.hetero 
1 1  G n 
1 2  C n 
1 3  G n 
1 4  U n 
1 5  C n 
1 6  A n 
1 7  C n 
1 8  A n 
1 9  C n 
1 10 C n 
1 11 G n 
1 12 G n 
1 13 U n 
1 14 G n 
1 15 A n 
1 16 A n 
1 17 G n 
1 18 U n 
1 19 C n 
1 20 G n 
1 21 C n 
# 
_pdbx_entity_src_syn.entity_id              1 
_pdbx_entity_src_syn.pdbx_src_id            1 
_pdbx_entity_src_syn.pdbx_alt_source_flag   sample 
_pdbx_entity_src_syn.pdbx_beg_seq_num       ? 
_pdbx_entity_src_syn.pdbx_end_seq_num       ? 
_pdbx_entity_src_syn.organism_scientific    ? 
_pdbx_entity_src_syn.organism_common_name   ? 
_pdbx_entity_src_syn.ncbi_taxonomy_id       ? 
_pdbx_entity_src_syn.details                'Chemically synthesized' 
# 
_struct_ref.id                         1 
_struct_ref.db_name                    PDB 
_struct_ref.db_code                    3S4P 
_struct_ref.pdbx_db_accession          3S4P 
_struct_ref.entity_id                  1 
_struct_ref.pdbx_align_begin           ? 
_struct_ref.pdbx_seq_one_letter_code   ? 
_struct_ref.pdbx_db_isoform            ? 
# 
loop_
_struct_ref_seq.align_id 
_struct_ref_seq.ref_id 
_struct_ref_seq.pdbx_PDB_id_code 
_struct_ref_seq.pdbx_strand_id 
_struct_ref_seq.seq_align_beg 
_struct_ref_seq.pdbx_seq_align_beg_ins_code 
_struct_ref_seq.seq_align_end 
_struct_ref_seq.pdbx_seq_align_end_ins_code 
_struct_ref_seq.pdbx_db_accession 
_struct_ref_seq.db_align_beg 
_struct_ref_seq.pdbx_db_align_beg_ins_code 
_struct_ref_seq.db_align_end 
_struct_ref_seq.pdbx_db_align_end_ins_code 
_struct_ref_seq.pdbx_auth_seq_align_beg 
_struct_ref_seq.pdbx_auth_seq_align_end 
1 1 3S4P A 1 ? 21 ? 3S4P 1  ? 21 ? 1  21 
2 1 3S4P B 1 ? 21 ? 3S4P 22 ? 42 ? 22 42 
# 
loop_
_chem_comp.id 
_chem_comp.type 
_chem_comp.mon_nstd_flag 
_chem_comp.name 
_chem_comp.pdbx_synonyms 
_chem_comp.formula 
_chem_comp.formula_weight 
A   'RNA linking' y "ADENOSINE-5'-MONOPHOSPHATE" ? 'C10 H14 N5 O7 P' 347.221 
C   'RNA linking' y "CYTIDINE-5'-MONOPHOSPHATE" ? 'C9 H14 N3 O8 P'  323.197 
G   'RNA linking' y "GUANOSINE-5'-MONOPHOSPHATE" ? 'C10 H14 N5 O8 P' 363.221 
HOH non-polymer   . WATER ? 'H2 O'            18.015  
JS6 non-polymer   . 
;(1R,2R,3S,4R,6S)-4,6-diamino-2-{[3-O-(2,6-diamino-2,6-dideoxy-beta-L-idopyranosyl)-2-O-{2-[(2-phenylethyl)amino]ethyl}-beta-D-ribofuranosyl]oxy}-3-hydroxycyclohexyl 2-amino-2-deoxy-alpha-D-glucopyranoside
;
? 'C33 H58 N6 O14'  762.845 
U   'RNA linking' y "URIDINE-5'-MONOPHOSPHATE" ? 'C9 H13 N2 O9 P'  324.181 
# 
_exptl.crystals_number   1 
_exptl.entry_id          3S4P 
_exptl.method            'X-RAY DIFFRACTION' 
# 
_exptl_crystal.id                    1 
_exptl_crystal.pdbx_mosaicity        ? 
_exptl_crystal.pdbx_mosaicity_esd    ? 
_exptl_crystal.density_Matthews      2.68 
_exptl_crystal.density_diffrn        ? 
_exptl_crystal.density_meas          ? 
_exptl_crystal.density_meas_temp     ? 
_exptl_crystal.density_percent_sol   54.09 
_exptl_crystal.size_max              ? 
_exptl_crystal.size_mid              ? 
_exptl_crystal.size_min              ? 
_exptl_crystal.size_rad              ? 
_exptl_crystal.description           ? 
_exptl_crystal.F_000                 ? 
_exptl_crystal.preparation           ? 
# 
_exptl_crystal_grow.crystal_id      1 
_exptl_crystal_grow.method          'VAPOR DIFFUSION, HANGING DROP' 
_exptl_crystal_grow.pH              7 
_exptl_crystal_grow.temp            293 
_exptl_crystal_grow.temp_details    ? 
_exptl_crystal_grow.pdbx_details    'Sodium Cacodylate, Spermine, KCl, MPD, pH 7, VAPOR DIFFUSION, HANGING DROP, temperature 293K' 
_exptl_crystal_grow.pdbx_pH_range   . 
# 
_diffrn.id                     1 
_diffrn.ambient_temp           100 
_diffrn.ambient_temp_details   ? 
_diffrn.crystal_id             1 
# 
_diffrn_detector.diffrn_id              1 
_diffrn_detector.detector               CCD 
_diffrn_detector.type                   'ADSC QUANTUM 210' 
_diffrn_detector.pdbx_collection_date   2006-05-27 
_diffrn_detector.details                ? 
# 
_diffrn_radiation.diffrn_id                        1 
_diffrn_radiation.wavelength_id                    1 
_diffrn_radiation.pdbx_diffrn_protocol             'SINGLE WAVELENGTH' 
_diffrn_radiation.monochromator                    ? 
_diffrn_radiation.pdbx_monochromatic_or_laue_m_l   M 
_diffrn_radiation.pdbx_scattering_type             x-ray 
# 
_diffrn_radiation_wavelength.id           1 
_diffrn_radiation_wavelength.wavelength   0.9 
_diffrn_radiation_wavelength.wt           1.0 
# 
_diffrn_source.diffrn_id                   1 
_diffrn_source.source                      SYNCHROTRON 
_diffrn_source.type                        'ESRF BEAMLINE ID29' 
_diffrn_source.pdbx_wavelength             ? 
_diffrn_source.pdbx_wavelength_list        0.9 
_diffrn_source.pdbx_synchrotron_site       ESRF 
_diffrn_source.pdbx_synchrotron_beamline   ID29 
# 
_reflns.entry_id                     3S4P 
_reflns.observed_criterion_sigma_F   ? 
_reflns.observed_criterion_sigma_I   ? 
_reflns.d_resolution_high            2.56 
_reflns.d_resolution_low             40.4 
_reflns.number_all                   ? 
_reflns.number_obs                   5003 
_reflns.percent_possible_obs         99.6 
_reflns.pdbx_Rmerge_I_obs            ? 
_reflns.pdbx_Rsym_value              ? 
_reflns.pdbx_netI_over_sigmaI        ? 
_reflns.B_iso_Wilson_estimate        ? 
_reflns.pdbx_redundancy              ? 
_reflns.R_free_details               ? 
_reflns.limit_h_max                  ? 
_reflns.limit_h_min                  ? 
_reflns.limit_k_max                  ? 
_reflns.limit_k_min                  ? 
_reflns.limit_l_max                  ? 
_reflns.limit_l_min                  ? 
_reflns.observed_criterion_F_max     ? 
_reflns.observed_criterion_F_min     ? 
_reflns.pdbx_chi_squared             ? 
_reflns.pdbx_scaling_rejects         ? 
_reflns.pdbx_ordinal                 1 
_reflns.pdbx_diffrn_id               1 
# 
_refine.entry_id                                 3S4P 
_refine.ls_d_res_high                            2.5600 
_refine.ls_d_res_low                             10.0000 
_refine.pdbx_ls_sigma_F                          65.000 
_refine.pdbx_data_cutoff_high_absF               ? 
_refine.pdbx_data_cutoff_low_absF                ? 
_refine.ls_percent_reflns_obs                    98.6000 
_refine.ls_number_reflns_obs                     4848 
_refine.ls_number_reflns_all                     ? 
_refine.pdbx_ls_cross_valid_method               ? 
_refine.pdbx_R_Free_selection_details            ? 
_refine.details                                  ? 
_refine.ls_R_factor_all                          ? 
_refine.ls_R_factor_obs                          ? 
_refine.ls_R_factor_R_work                       0.2379 
_refine.ls_wR_factor_R_work                      ? 
_refine.ls_R_factor_R_free                       0.2671 
_refine.ls_wR_factor_R_free                      ? 
_refine.ls_percent_reflns_R_free                 10.2000 
_refine.ls_number_reflns_R_free                  501 
_refine.ls_R_factor_R_free_error                 ? 
_refine.B_iso_mean                               47.9676 
_refine.solvent_model_param_bsol                 36.3817 
_refine.solvent_model_param_ksol                 ? 
_refine.pdbx_isotropic_thermal_model             ? 
_refine.aniso_B[1][1]                            -6.3500 
_refine.aniso_B[2][2]                            6.9600 
_refine.aniso_B[3][3]                            -0.6100 
_refine.aniso_B[1][2]                            0.0000 
_refine.aniso_B[1][3]                            0.0000 
_refine.aniso_B[2][3]                            0.0000 
_refine.correlation_coeff_Fo_to_Fc               ? 
_refine.correlation_coeff_Fo_to_Fc_free          ? 
_refine.overall_SU_R_Cruickshank_DPI             ? 
_refine.overall_SU_R_free                        ? 
_refine.pdbx_overall_ESU_R_Free                  ? 
_refine.overall_SU_ML                            ? 
_refine.overall_SU_B                             ? 
_refine.solvent_model_details                    ? 
_refine.pdbx_solvent_vdw_probe_radii             ? 
_refine.pdbx_solvent_ion_probe_radii             ? 
_refine.pdbx_solvent_shrinkage_radii             ? 
_refine.ls_number_parameters                     ? 
_refine.ls_number_restraints                     ? 
_refine.pdbx_starting_model                      1J7T 
_refine.pdbx_method_to_determine_struct          'MOLECULAR REPLACEMENT' 
_refine.pdbx_stereochemistry_target_values       ? 
_refine.pdbx_stereochem_target_val_spec_case     ? 
_refine.overall_FOM_work_R_set                   0.8273 
_refine.B_iso_max                                92.190 
_refine.B_iso_min                                14.540 
_refine.pdbx_overall_phase_error                 ? 
_refine.occupancy_max                            1.000 
_refine.occupancy_min                            1.000 
_refine.pdbx_ls_sigma_I                          ? 
_refine.ls_redundancy_reflns_obs                 ? 
_refine.ls_R_factor_R_free_error_details         ? 
_refine.pdbx_data_cutoff_high_rms_absF           ? 
_refine.overall_FOM_free_R_set                   ? 
_refine.pdbx_diffrn_id                           1 
_refine.pdbx_refine_id                           'X-RAY DIFFRACTION' 
_refine.pdbx_overall_ESU_R                       ? 
_refine.pdbx_TLS_residual_ADP_flag               ? 
_refine.pdbx_overall_SU_R_free_Cruickshank_DPI   ? 
_refine.pdbx_overall_SU_R_Blow_DPI               ? 
_refine.pdbx_overall_SU_R_free_Blow_DPI          ? 
# 
_refine_hist.pdbx_refine_id                   'X-RAY DIFFRACTION' 
_refine_hist.cycle_id                         LAST 
_refine_hist.pdbx_number_atoms_protein        0 
_refine_hist.pdbx_number_atoms_nucleic_acid   900 
_refine_hist.pdbx_number_atoms_ligand         106 
_refine_hist.number_atoms_solvent             38 
_refine_hist.number_atoms_total               1044 
_refine_hist.d_res_high                       2.5600 
_refine_hist.d_res_low                        10.0000 
# 
loop_
_refine_ls_restr.type 
_refine_ls_restr.number 
_refine_ls_restr.dev_ideal 
_refine_ls_restr.dev_ideal_target 
_refine_ls_restr.weight 
_refine_ls_restr.pdbx_restraint_function 
_refine_ls_restr.pdbx_refine_id 
c_bond_d     ? 0.006 ?     ? ? 'X-RAY DIFFRACTION' 
c_angle_deg  ? 0.895 ?     ? ? 'X-RAY DIFFRACTION' 
c_mcbond_it  ? 0.000 ?     ? ? 'X-RAY DIFFRACTION' 
c_scbond_it  ? 1.731 2.000 ? ? 'X-RAY DIFFRACTION' 
c_mcangle_it ? 0.000 2.000 ? ? 'X-RAY DIFFRACTION' 
c_scangle_it ? 2.635 2.500 ? ? 'X-RAY DIFFRACTION' 
# 
loop_
_refine_ls_shell.d_res_high 
_refine_ls_shell.d_res_low 
_refine_ls_shell.pdbx_total_number_of_bins_used 
_refine_ls_shell.percent_reflns_obs 
_refine_ls_shell.number_reflns_R_work 
_refine_ls_shell.R_factor_all 
_refine_ls_shell.R_factor_R_work 
_refine_ls_shell.R_factor_R_free 
_refine_ls_shell.percent_reflns_R_free 
_refine_ls_shell.number_reflns_R_free 
_refine_ls_shell.R_factor_R_free_error 
_refine_ls_shell.number_reflns_all 
_refine_ls_shell.number_reflns_obs 
_refine_ls_shell.pdbx_refine_id 
_refine_ls_shell.redundancy_reflns_obs 
2.5600 2.6500  10 . 405 . 0.5000 0.6031 . 50 . 455 . 'X-RAY DIFFRACTION' . 
2.6500 2.7500  10 . 414 . 0.4134 0.4429 . 39 . 453 . 'X-RAY DIFFRACTION' . 
2.7500 2.8800  10 . 430 . 0.3903 0.4440 . 50 . 480 . 'X-RAY DIFFRACTION' . 
2.8800 3.0200  10 . 432 . 0.3127 0.3423 . 43 . 475 . 'X-RAY DIFFRACTION' . 
3.0200 3.2100  10 . 436 . 0.2225 0.2741 . 49 . 485 . 'X-RAY DIFFRACTION' . 
3.2100 3.4500  10 . 443 . 0.2429 0.2477 . 52 . 495 . 'X-RAY DIFFRACTION' . 
3.4500 3.7800  10 . 433 . 0.2261 0.3118 . 56 . 489 . 'X-RAY DIFFRACTION' . 
3.7800 4.2800  10 . 442 . 0.2010 0.2496 . 49 . 491 . 'X-RAY DIFFRACTION' . 
4.2800 5.2600  10 . 444 . 0.2017 0.1982 . 53 . 497 . 'X-RAY DIFFRACTION' . 
5.2600 10.0000 10 . 468 . 0.1807 0.1992 . 60 . 528 . 'X-RAY DIFFRACTION' . 
# 
loop_
_pdbx_xplor_file.pdbx_refine_id 
_pdbx_xplor_file.serial_no 
_pdbx_xplor_file.param_file 
_pdbx_xplor_file.topol_file 
'X-RAY DIFFRACTION' 1 protein_rep.param protein.top 
'X-RAY DIFFRACTION' 2 rna_jw.param      dna-rna.top 
'X-RAY DIFFRACTION' 3 water_rep.param   water.top   
'X-RAY DIFFRACTION' 4 ion.param         ion.top     
'X-RAY DIFFRACTION' 5 JS136.param       JS136.top   
# 
_struct.entry_id                  3S4P 
_struct.title                     
;Crystal structure of the bacterial ribosomal decoding site complexed with an amphiphilic paromomycin O2''-ether analogue
;
_struct.pdbx_model_details        ? 
_struct.pdbx_CASP_flag            ? 
_struct.pdbx_model_type_details   ? 
# 
_struct_keywords.entry_id        3S4P 
_struct_keywords.pdbx_keywords   RNA/ANTIBIOTIC 
_struct_keywords.text            'aminoglycoside, antibiotics, ribosome, decoding site, RNA, RNA-ANTIBIOTIC complex' 
# 
loop_
_struct_asym.id 
_struct_asym.pdbx_blank_PDB_chainid_flag 
_struct_asym.pdbx_modified 
_struct_asym.entity_id 
_struct_asym.details 
A N N 1 ? 
B N N 1 ? 
C N N 2 ? 
D N N 2 ? 
E N N 3 ? 
F N N 3 ? 
# 
_struct_biol.id        1 
_struct_biol.details   ? 
# 
loop_
_struct_conn.id 
_struct_conn.conn_type_id 
_struct_conn.pdbx_leaving_atom_flag 
_struct_conn.pdbx_PDB_id 
_struct_conn.ptnr1_label_asym_id 
_struct_conn.ptnr1_label_comp_id 
_struct_conn.ptnr1_label_seq_id 
_struct_conn.ptnr1_label_atom_id 
_struct_conn.pdbx_ptnr1_label_alt_id 
_struct_conn.pdbx_ptnr1_PDB_ins_code 
_struct_conn.pdbx_ptnr1_standard_comp_id 
_struct_conn.ptnr1_symmetry 
_struct_conn.ptnr2_label_asym_id 
_struct_conn.ptnr2_label_comp_id 
_struct_conn.ptnr2_label_seq_id 
_struct_conn.ptnr2_label_atom_id 
_struct_conn.pdbx_ptnr2_label_alt_id 
_struct_conn.pdbx_ptnr2_PDB_ins_code 
_struct_conn.ptnr1_auth_asym_id 
_struct_conn.ptnr1_auth_comp_id 
_struct_conn.ptnr1_auth_seq_id 
_struct_conn.ptnr2_auth_asym_id 
_struct_conn.ptnr2_auth_comp_id 
_struct_conn.ptnr2_auth_seq_id 
_struct_conn.ptnr2_symmetry 
_struct_conn.pdbx_ptnr3_label_atom_id 
_struct_conn.pdbx_ptnr3_label_seq_id 
_struct_conn.pdbx_ptnr3_label_comp_id 
_struct_conn.pdbx_ptnr3_label_asym_id 
_struct_conn.pdbx_ptnr3_label_alt_id 
_struct_conn.pdbx_ptnr3_PDB_ins_code 
_struct_conn.details 
_struct_conn.pdbx_dist_value 
_struct_conn.pdbx_value_order 
_struct_conn.pdbx_role 
hydrog1  hydrog ? ? A G 1  N1 ? ? ? 1_555 B C 21 N3 ? ? A G 1  B C 42 1_555 ? ? ? ? ? ? WATSON-CRICK ? ? ? 
hydrog2  hydrog ? ? A G 1  N2 ? ? ? 1_555 B C 21 O2 ? ? A G 1  B C 42 1_555 ? ? ? ? ? ? WATSON-CRICK ? ? ? 
hydrog3  hydrog ? ? A G 1  O6 ? ? ? 1_555 B C 21 N4 ? ? A G 1  B C 42 1_555 ? ? ? ? ? ? WATSON-CRICK ? ? ? 
hydrog4  hydrog ? ? A C 2  N3 ? ? ? 1_555 B G 20 N1 ? ? A C 2  B G 41 1_555 ? ? ? ? ? ? WATSON-CRICK ? ? ? 
hydrog5  hydrog ? ? A C 2  N4 ? ? ? 1_555 B G 20 O6 ? ? A C 2  B G 41 1_555 ? ? ? ? ? ? WATSON-CRICK ? ? ? 
hydrog6  hydrog ? ? A C 2  O2 ? ? ? 1_555 B G 20 N2 ? ? A C 2  B G 41 1_555 ? ? ? ? ? ? WATSON-CRICK ? ? ? 
hydrog7  hydrog ? ? A G 3  N1 ? ? ? 1_555 B C 19 N3 ? ? A G 3  B C 40 1_555 ? ? ? ? ? ? WATSON-CRICK ? ? ? 
hydrog8  hydrog ? ? A G 3  N2 ? ? ? 1_555 B C 19 O2 ? ? A G 3  B C 40 1_555 ? ? ? ? ? ? WATSON-CRICK ? ? ? 
hydrog9  hydrog ? ? A G 3  O6 ? ? ? 1_555 B C 19 N4 ? ? A G 3  B C 40 1_555 ? ? ? ? ? ? WATSON-CRICK ? ? ? 
hydrog10 hydrog ? ? A U 4  N3 ? ? ? 1_555 B U 18 O4 ? ? A U 4  B U 39 1_555 ? ? ? ? ? ? TYPE_16_PAIR ? ? ? 
hydrog11 hydrog ? ? A U 4  O2 ? ? ? 1_555 B U 18 N3 ? ? A U 4  B U 39 1_555 ? ? ? ? ? ? TYPE_16_PAIR ? ? ? 
hydrog12 hydrog ? ? A C 5  N3 ? ? ? 1_555 B G 17 N1 ? ? A C 5  B G 38 1_555 ? ? ? ? ? ? WATSON-CRICK ? ? ? 
hydrog13 hydrog ? ? A C 5  N4 ? ? ? 1_555 B G 17 O6 ? ? A C 5  B G 38 1_555 ? ? ? ? ? ? WATSON-CRICK ? ? ? 
hydrog14 hydrog ? ? A C 5  O2 ? ? ? 1_555 B G 17 N2 ? ? A C 5  B G 38 1_555 ? ? ? ? ? ? WATSON-CRICK ? ? ? 
hydrog15 hydrog ? ? A C 7  N3 ? ? ? 1_555 B G 14 N1 ? ? A C 7  B G 35 1_555 ? ? ? ? ? ? WATSON-CRICK ? ? ? 
hydrog16 hydrog ? ? A C 7  N4 ? ? ? 1_555 B G 14 O6 ? ? A C 7  B G 35 1_555 ? ? ? ? ? ? WATSON-CRICK ? ? ? 
hydrog17 hydrog ? ? A C 7  O2 ? ? ? 1_555 B G 14 N2 ? ? A C 7  B G 35 1_555 ? ? ? ? ? ? WATSON-CRICK ? ? ? 
hydrog18 hydrog ? ? A A 8  N1 ? ? ? 1_555 B U 13 N3 ? ? A A 8  B U 34 1_555 ? ? ? ? ? ? WATSON-CRICK ? ? ? 
hydrog19 hydrog ? ? A A 8  N6 ? ? ? 1_555 B U 13 O4 ? ? A A 8  B U 34 1_555 ? ? ? ? ? ? WATSON-CRICK ? ? ? 
hydrog20 hydrog ? ? A C 9  N3 ? ? ? 1_555 B G 12 N1 ? ? A C 9  B G 33 1_555 ? ? ? ? ? ? WATSON-CRICK ? ? ? 
hydrog21 hydrog ? ? A C 9  N4 ? ? ? 1_555 B G 12 O6 ? ? A C 9  B G 33 1_555 ? ? ? ? ? ? WATSON-CRICK ? ? ? 
hydrog22 hydrog ? ? A C 9  O2 ? ? ? 1_555 B G 12 N2 ? ? A C 9  B G 33 1_555 ? ? ? ? ? ? WATSON-CRICK ? ? ? 
hydrog23 hydrog ? ? A C 10 N3 ? ? ? 1_555 B G 11 N1 ? ? A C 10 B G 32 1_555 ? ? ? ? ? ? WATSON-CRICK ? ? ? 
hydrog24 hydrog ? ? A C 10 N4 ? ? ? 1_555 B G 11 O6 ? ? A C 10 B G 32 1_555 ? ? ? ? ? ? WATSON-CRICK ? ? ? 
hydrog25 hydrog ? ? A C 10 O2 ? ? ? 1_555 B G 11 N2 ? ? A C 10 B G 32 1_555 ? ? ? ? ? ? WATSON-CRICK ? ? ? 
hydrog26 hydrog ? ? A G 11 N1 ? ? ? 1_555 B C 10 N3 ? ? A G 11 B C 31 1_555 ? ? ? ? ? ? WATSON-CRICK ? ? ? 
hydrog27 hydrog ? ? A G 11 N2 ? ? ? 1_555 B C 10 O2 ? ? A G 11 B C 31 1_555 ? ? ? ? ? ? WATSON-CRICK ? ? ? 
hydrog28 hydrog ? ? A G 11 O6 ? ? ? 1_555 B C 10 N4 ? ? A G 11 B C 31 1_555 ? ? ? ? ? ? WATSON-CRICK ? ? ? 
hydrog29 hydrog ? ? A G 12 N1 ? ? ? 1_555 B C 9  N3 ? ? A G 12 B C 30 1_555 ? ? ? ? ? ? WATSON-CRICK ? ? ? 
hydrog30 hydrog ? ? A G 12 N2 ? ? ? 1_555 B C 9  O2 ? ? A G 12 B C 30 1_555 ? ? ? ? ? ? WATSON-CRICK ? ? ? 
hydrog31 hydrog ? ? A G 12 O6 ? ? ? 1_555 B C 9  N4 ? ? A G 12 B C 30 1_555 ? ? ? ? ? ? WATSON-CRICK ? ? ? 
hydrog32 hydrog ? ? A U 13 N3 ? ? ? 1_555 B A 8  N1 ? ? A U 13 B A 29 1_555 ? ? ? ? ? ? WATSON-CRICK ? ? ? 
hydrog33 hydrog ? ? A U 13 O4 ? ? ? 1_555 B A 8  N6 ? ? A U 13 B A 29 1_555 ? ? ? ? ? ? WATSON-CRICK ? ? ? 
hydrog34 hydrog ? ? A G 14 N1 ? ? ? 1_555 B C 7  N3 ? ? A G 14 B C 28 1_555 ? ? ? ? ? ? WATSON-CRICK ? ? ? 
hydrog35 hydrog ? ? A G 14 N2 ? ? ? 1_555 B C 7  O2 ? ? A G 14 B C 28 1_555 ? ? ? ? ? ? WATSON-CRICK ? ? ? 
hydrog36 hydrog ? ? A G 14 O6 ? ? ? 1_555 B C 7  N4 ? ? A G 14 B C 28 1_555 ? ? ? ? ? ? WATSON-CRICK ? ? ? 
hydrog37 hydrog ? ? A G 17 N1 ? ? ? 1_555 B C 5  N3 ? ? A G 17 B C 26 1_555 ? ? ? ? ? ? WATSON-CRICK ? ? ? 
hydrog38 hydrog ? ? A G 17 N2 ? ? ? 1_555 B C 5  O2 ? ? A G 17 B C 26 1_555 ? ? ? ? ? ? WATSON-CRICK ? ? ? 
hydrog39 hydrog ? ? A G 17 O6 ? ? ? 1_555 B C 5  N4 ? ? A G 17 B C 26 1_555 ? ? ? ? ? ? WATSON-CRICK ? ? ? 
hydrog40 hydrog ? ? A U 18 N3 ? ? ? 1_555 B U 4  O2 ? ? A U 18 B U 25 1_555 ? ? ? ? ? ? TYPE_16_PAIR ? ? ? 
hydrog41 hydrog ? ? A U 18 O4 ? ? ? 1_555 B U 4  N3 ? ? A U 18 B U 25 1_555 ? ? ? ? ? ? TYPE_16_PAIR ? ? ? 
hydrog42 hydrog ? ? A C 19 N3 ? ? ? 1_555 B G 3  N1 ? ? A C 19 B G 24 1_555 ? ? ? ? ? ? WATSON-CRICK ? ? ? 
hydrog43 hydrog ? ? A C 19 N4 ? ? ? 1_555 B G 3  O6 ? ? A C 19 B G 24 1_555 ? ? ? ? ? ? WATSON-CRICK ? ? ? 
hydrog44 hydrog ? ? A C 19 O2 ? ? ? 1_555 B G 3  N2 ? ? A C 19 B G 24 1_555 ? ? ? ? ? ? WATSON-CRICK ? ? ? 
hydrog45 hydrog ? ? A G 20 N1 ? ? ? 1_555 B C 2  N3 ? ? A G 20 B C 23 1_555 ? ? ? ? ? ? WATSON-CRICK ? ? ? 
hydrog46 hydrog ? ? A G 20 N2 ? ? ? 1_555 B C 2  O2 ? ? A G 20 B C 23 1_555 ? ? ? ? ? ? WATSON-CRICK ? ? ? 
hydrog47 hydrog ? ? A G 20 O6 ? ? ? 1_555 B C 2  N4 ? ? A G 20 B C 23 1_555 ? ? ? ? ? ? WATSON-CRICK ? ? ? 
hydrog48 hydrog ? ? A C 21 N3 ? ? ? 1_555 B G 1  N1 ? ? A C 21 B G 22 1_555 ? ? ? ? ? ? WATSON-CRICK ? ? ? 
hydrog49 hydrog ? ? A C 21 N4 ? ? ? 1_555 B G 1  O6 ? ? A C 21 B G 22 1_555 ? ? ? ? ? ? WATSON-CRICK ? ? ? 
hydrog50 hydrog ? ? A C 21 O2 ? ? ? 1_555 B G 1  N2 ? ? A C 21 B G 22 1_555 ? ? ? ? ? ? WATSON-CRICK ? ? ? 
# 
_struct_conn_type.id          hydrog 
_struct_conn_type.criteria    ? 
_struct_conn_type.reference   ? 
# 
loop_
_struct_site.id 
_struct_site.pdbx_evidence_code 
_struct_site.pdbx_auth_asym_id 
_struct_site.pdbx_auth_comp_id 
_struct_site.pdbx_auth_seq_id 
_struct_site.pdbx_auth_ins_code 
_struct_site.pdbx_num_residues 
_struct_site.details 
AC1 Software A JS6 50 ? 9  'BINDING SITE FOR RESIDUE JS6 A 50' 
AC2 Software B JS6 51 ? 11 'BINDING SITE FOR RESIDUE JS6 B 51' 
1   ?        ? ?   ?  ? ?  ?                                   
# 
loop_
_struct_site_gen.id 
_struct_site_gen.site_id 
_struct_site_gen.pdbx_num_res 
_struct_site_gen.label_comp_id 
_struct_site_gen.label_asym_id 
_struct_site_gen.label_seq_id 
_struct_site_gen.pdbx_auth_ins_code 
_struct_site_gen.auth_comp_id 
_struct_site_gen.auth_asym_id 
_struct_site_gen.auth_seq_id 
_struct_site_gen.label_atom_id 
_struct_site_gen.label_alt_id 
_struct_site_gen.symmetry 
_struct_site_gen.details 
1  AC1 9  U A 13 ? U A 13 . ? 1_555 ? 
2  AC1 9  G A 14 ? G A 14 . ? 1_555 ? 
3  AC1 9  A A 15 ? A A 15 . ? 1_555 ? 
4  AC1 9  A A 16 ? A A 16 . ? 1_555 ? 
5  AC1 9  G A 17 ? G A 17 . ? 1_555 ? 
6  AC1 9  U A 18 ? U A 18 . ? 1_555 ? 
7  AC1 9  U B 4  ? U B 25 . ? 1_555 ? 
8  AC1 9  C B 5  ? C B 26 . ? 1_555 ? 
9  AC1 9  A B 6  ? A B 27 . ? 1_555 ? 
10 AC2 11 G A 3  ? G A 3  . ? 1_555 ? 
11 AC2 11 U A 4  ? U A 4  . ? 1_555 ? 
12 AC2 11 C A 5  ? C A 5  . ? 1_555 ? 
13 AC2 11 A A 6  ? A A 6  . ? 1_555 ? 
14 AC2 11 G B 12 ? G B 33 . ? 1_555 ? 
15 AC2 11 U B 13 ? U B 34 . ? 1_555 ? 
16 AC2 11 G B 14 ? G B 35 . ? 1_555 ? 
17 AC2 11 A B 15 ? A B 36 . ? 1_555 ? 
18 AC2 11 A B 16 ? A B 37 . ? 1_555 ? 
19 AC2 11 G B 17 ? G B 38 . ? 1_555 ? 
20 AC2 11 U B 18 ? U B 39 . ? 1_555 ? 
# 
_atom_sites.entry_id                    3S4P 
_atom_sites.fract_transf_matrix[1][1]   0.01483315 
_atom_sites.fract_transf_matrix[1][2]   -0.01328209 
_atom_sites.fract_transf_matrix[1][3]   -0.02142587 
_atom_sites.fract_transf_matrix[2][1]   0.00085782 
_atom_sites.fract_transf_matrix[2][2]   -0.01873428 
_atom_sites.fract_transf_matrix[2][3]   0.01220742 
_atom_sites.fract_transf_matrix[3][1]   -0.00910351 
_atom_sites.fract_transf_matrix[3][2]   -0.00322202 
_atom_sites.fract_transf_matrix[3][3]   -0.00430501 
_atom_sites.fract_transf_vector[1]      0.300374 
_atom_sites.fract_transf_vector[2]      0.435953 
_atom_sites.fract_transf_vector[3]      0.377935 
# 
loop_
_atom_type.symbol 
C 
N 
O 
P 
# 
loop_
_atom_site.group_PDB 
_atom_site.id 
_atom_site.type_symbol 
_atom_site.label_atom_id 
_atom_site.label_alt_id 
_atom_site.label_comp_id 
_atom_site.label_asym_id 
_atom_site.label_entity_id 
_atom_site.label_seq_id 
_atom_site.pdbx_PDB_ins_code 
_atom_site.Cartn_x 
_atom_site.Cartn_y 
_atom_site.Cartn_z 
_atom_site.occupancy 
_atom_site.B_iso_or_equiv 
_atom_site.pdbx_formal_charge 
_atom_site.auth_seq_id 
_atom_site.auth_comp_id 
_atom_site.auth_asym_id 
_atom_site.auth_atom_id 
_atom_site.pdbx_PDB_model_num 
ATOM   1    O OP3   . G   A 1 1  ? 17.205  -19.572 -0.650  1.00 83.98 ? 1  G   A OP3   1 
ATOM   2    P P     . G   A 1 1  ? 18.002  -19.650 -1.946  1.00 83.93 ? 1  G   A P     1 
ATOM   3    O OP1   . G   A 1 1  ? 18.082  -18.313 -2.672  1.00 83.77 ? 1  G   A OP1   1 
ATOM   4    O OP2   . G   A 1 1  ? 19.365  -20.305 -1.768  1.00 84.26 ? 1  G   A OP2   1 
ATOM   5    O "O5'" . G   A 1 1  ? 17.163  -20.647 -2.925  1.00 81.37 ? 1  G   A "O5'" 1 
ATOM   6    C "C5'" . G   A 1 1  ? 17.636  -20.949 -4.248  1.00 77.88 ? 1  G   A "C5'" 1 
ATOM   7    C "C4'" . G   A 1 1  ? 16.487  -21.393 -5.115  1.00 74.91 ? 1  G   A "C4'" 1 
ATOM   8    O "O4'" . G   A 1 1  ? 16.011  -22.689 -4.662  1.00 72.51 ? 1  G   A "O4'" 1 
ATOM   9    C "C3'" . G   A 1 1  ? 15.253  -20.516 -5.021  1.00 74.26 ? 1  G   A "C3'" 1 
ATOM   10   O "O3'" . G   A 1 1  ? 15.350  -19.367 -5.842  1.00 75.64 ? 1  G   A "O3'" 1 
ATOM   11   C "C2'" . G   A 1 1  ? 14.153  -21.457 -5.489  1.00 72.08 ? 1  G   A "C2'" 1 
ATOM   12   O "O2'" . G   A 1 1  ? 14.100  -21.580 -6.897  1.00 71.21 ? 1  G   A "O2'" 1 
ATOM   13   C "C1'" . G   A 1 1  ? 14.602  -22.770 -4.845  1.00 69.43 ? 1  G   A "C1'" 1 
ATOM   14   N N9    . G   A 1 1  ? 13.981  -22.986 -3.543  1.00 63.70 ? 1  G   A N9    1 
ATOM   15   C C8    . G   A 1 1  ? 14.533  -22.757 -2.303  1.00 62.47 ? 1  G   A C8    1 
ATOM   16   N N7    . G   A 1 1  ? 13.721  -23.047 -1.320  1.00 59.95 ? 1  G   A N7    1 
ATOM   17   C C5    . G   A 1 1  ? 12.566  -23.494 -1.949  1.00 58.31 ? 1  G   A C5    1 
ATOM   18   C C6    . G   A 1 1  ? 11.336  -23.953 -1.405  1.00 55.43 ? 1  G   A C6    1 
ATOM   19   O O6    . G   A 1 1  ? 11.006  -24.053 -0.220  1.00 53.65 ? 1  G   A O6    1 
ATOM   20   N N1    . G   A 1 1  ? 10.441  -24.316 -2.402  1.00 54.56 ? 1  G   A N1    1 
ATOM   21   C C2    . G   A 1 1  ? 10.688  -24.246 -3.749  1.00 55.93 ? 1  G   A C2    1 
ATOM   22   N N2    . G   A 1 1  ? 9.701   -24.652 -4.550  1.00 54.00 ? 1  G   A N2    1 
ATOM   23   N N3    . G   A 1 1  ? 11.824  -23.814 -4.271  1.00 58.12 ? 1  G   A N3    1 
ATOM   24   C C4    . G   A 1 1  ? 12.712  -23.462 -3.321  1.00 60.01 ? 1  G   A C4    1 
ATOM   25   P P     . C   A 1 2  ? 14.164  -18.291 -5.820  1.00 77.08 ? 2  C   A P     1 
ATOM   26   O OP1   . C   A 1 2  ? 14.664  -17.011 -6.387  1.00 77.60 ? 2  C   A OP1   1 
ATOM   27   O OP2   . C   A 1 2  ? 13.548  -18.308 -4.466  1.00 76.03 ? 2  C   A OP2   1 
ATOM   28   O "O5'" . C   A 1 2  ? 13.103  -18.884 -6.842  1.00 74.56 ? 2  C   A "O5'" 1 
ATOM   29   C "C5'" . C   A 1 2  ? 11.841  -18.271 -6.968  1.00 72.22 ? 2  C   A "C5'" 1 
ATOM   30   C "C4'" . C   A 1 2  ? 10.813  -19.271 -7.415  1.00 70.38 ? 2  C   A "C4'" 1 
ATOM   31   O "O4'" . C   A 1 2  ? 10.982  -20.532 -6.716  1.00 68.99 ? 2  C   A "O4'" 1 
ATOM   32   C "C3'" . C   A 1 2  ? 9.414   -18.828 -7.057  1.00 70.18 ? 2  C   A "C3'" 1 
ATOM   33   O "O3'" . C   A 1 2  ? 8.936   -17.891 -8.001  1.00 70.48 ? 2  C   A "O3'" 1 
ATOM   34   C "C2'" . C   A 1 2  ? 8.654   -20.143 -7.003  1.00 68.93 ? 2  C   A "C2'" 1 
ATOM   35   O "O2'" . C   A 1 2  ? 8.284   -20.615 -8.282  1.00 68.99 ? 2  C   A "O2'" 1 
ATOM   36   C "C1'" . C   A 1 2  ? 9.707   -21.054 -6.367  1.00 67.34 ? 2  C   A "C1'" 1 
ATOM   37   N N1    . C   A 1 2  ? 9.625   -21.095 -4.898  1.00 64.49 ? 2  C   A N1    1 
ATOM   38   C C2    . C   A 1 2  ? 8.464   -21.585 -4.303  1.00 63.11 ? 2  C   A C2    1 
ATOM   39   O O2    . C   A 1 2  ? 7.537   -21.962 -5.031  1.00 61.54 ? 2  C   A O2    1 
ATOM   40   N N3    . C   A 1 2  ? 8.381   -21.634 -2.952  1.00 62.05 ? 2  C   A N3    1 
ATOM   41   C C4    . C   A 1 2  ? 9.409   -21.217 -2.206  1.00 63.02 ? 2  C   A C4    1 
ATOM   42   N N4    . C   A 1 2  ? 9.294   -21.294 -0.876  1.00 62.17 ? 2  C   A N4    1 
ATOM   43   C C5    . C   A 1 2  ? 10.605  -20.707 -2.789  1.00 62.91 ? 2  C   A C5    1 
ATOM   44   C C6    . C   A 1 2  ? 10.668  -20.664 -4.126  1.00 63.90 ? 2  C   A C6    1 
ATOM   45   P P     . G   A 1 3  ? 8.436   -16.457 -7.486  1.00 72.13 ? 3  G   A P     1 
ATOM   46   O OP1   . G   A 1 3  ? 8.369   -15.547 -8.665  1.00 71.76 ? 3  G   A OP1   1 
ATOM   47   O OP2   . G   A 1 3  ? 9.258   -16.075 -6.303  1.00 70.06 ? 3  G   A OP2   1 
ATOM   48   O "O5'" . G   A 1 3  ? 6.951   -16.757 -6.995  1.00 69.74 ? 3  G   A "O5'" 1 
ATOM   49   C "C5'" . G   A 1 3  ? 6.000   -17.321 -7.887  1.00 65.96 ? 3  G   A "C5'" 1 
ATOM   50   C "C4'" . G   A 1 3  ? 4.842   -17.886 -7.113  1.00 65.11 ? 3  G   A "C4'" 1 
ATOM   51   O "O4'" . G   A 1 3  ? 5.297   -19.009 -6.307  1.00 63.94 ? 3  G   A "O4'" 1 
ATOM   52   C "C3'" . G   A 1 3  ? 4.230   -16.958 -6.081  1.00 64.78 ? 3  G   A "C3'" 1 
ATOM   53   O "O3'" . G   A 1 3  ? 3.354   -16.004 -6.663  1.00 65.72 ? 3  G   A "O3'" 1 
ATOM   54   C "C2'" . G   A 1 3  ? 3.492   -17.944 -5.186  1.00 64.30 ? 3  G   A "C2'" 1 
ATOM   55   O "O2'" . G   A 1 3  ? 2.254   -18.367 -5.726  1.00 65.74 ? 3  G   A "O2'" 1 
ATOM   56   C "C1'" . G   A 1 3  ? 4.490   -19.107 -5.141  1.00 61.31 ? 3  G   A "C1'" 1 
ATOM   57   N N9    . G   A 1 3  ? 5.341   -19.002 -3.961  1.00 57.30 ? 3  G   A N9    1 
ATOM   58   C C8    . G   A 1 3  ? 6.666   -18.632 -3.895  1.00 55.73 ? 3  G   A C8    1 
ATOM   59   N N7    . G   A 1 3  ? 7.122   -18.578 -2.669  1.00 53.60 ? 3  G   A N7    1 
ATOM   60   C C5    . G   A 1 3  ? 6.034   -18.947 -1.883  1.00 53.55 ? 3  G   A C5    1 
ATOM   61   C C6    . G   A 1 3  ? 5.903   -19.063 -0.464  1.00 52.50 ? 3  G   A C6    1 
ATOM   62   O O6    . G   A 1 3  ? 6.748   -18.846 0.415   1.00 50.56 ? 3  G   A O6    1 
ATOM   63   N N1    . G   A 1 3  ? 4.621   -19.474 -0.103  1.00 52.27 ? 3  G   A N1    1 
ATOM   64   C C2    . G   A 1 3  ? 3.596   -19.734 -0.982  1.00 52.17 ? 3  G   A C2    1 
ATOM   65   N N2    . G   A 1 3  ? 2.434   -20.116 -0.444  1.00 51.97 ? 3  G   A N2    1 
ATOM   66   N N3    . G   A 1 3  ? 3.702   -19.625 -2.294  1.00 52.67 ? 3  G   A N3    1 
ATOM   67   C C4    . G   A 1 3  ? 4.936   -19.229 -2.671  1.00 54.40 ? 3  G   A C4    1 
ATOM   68   P P     . U   A 1 4  ? 3.179   -14.565 -5.965  1.00 67.76 ? 4  U   A P     1 
ATOM   69   O OP1   . U   A 1 4  ? 2.299   -13.750 -6.843  1.00 67.47 ? 4  U   A OP1   1 
ATOM   70   O OP2   . U   A 1 4  ? 4.524   -14.049 -5.585  1.00 66.62 ? 4  U   A OP2   1 
ATOM   71   O "O5'" . U   A 1 4  ? 2.370   -14.884 -4.630  1.00 66.02 ? 4  U   A "O5'" 1 
ATOM   72   C "C5'" . U   A 1 4  ? 1.110   -15.541 -4.690  1.00 64.00 ? 4  U   A "C5'" 1 
ATOM   73   C "C4'" . U   A 1 4  ? 0.657   -15.926 -3.306  1.00 62.17 ? 4  U   A "C4'" 1 
ATOM   74   O "O4'" . U   A 1 4  ? 1.582   -16.891 -2.738  1.00 61.82 ? 4  U   A "O4'" 1 
ATOM   75   C "C3'" . U   A 1 4  ? 0.634   -14.797 -2.290  1.00 61.22 ? 4  U   A "C3'" 1 
ATOM   76   O "O3'" . U   A 1 4  ? -0.560  -14.032 -2.429  1.00 59.49 ? 4  U   A "O3'" 1 
ATOM   77   C "C2'" . U   A 1 4  ? 0.708   -15.561 -0.971  1.00 61.73 ? 4  U   A "C2'" 1 
ATOM   78   O "O2'" . U   A 1 4  ? -0.530  -16.097 -0.543  1.00 61.57 ? 4  U   A "O2'" 1 
ATOM   79   C "C1'" . U   A 1 4  ? 1.670   -16.698 -1.332  1.00 60.89 ? 4  U   A "C1'" 1 
ATOM   80   N N1    . U   A 1 4  ? 3.061   -16.357 -1.006  1.00 59.83 ? 4  U   A N1    1 
ATOM   81   C C2    . U   A 1 4  ? 3.465   -16.451 0.317   1.00 59.13 ? 4  U   A C2    1 
ATOM   82   O O2    . U   A 1 4  ? 2.739   -16.857 1.206   1.00 59.49 ? 4  U   A O2    1 
ATOM   83   N N3    . U   A 1 4  ? 4.755   -16.051 0.556   1.00 57.83 ? 4  U   A N3    1 
ATOM   84   C C4    . U   A 1 4  ? 5.662   -15.584 -0.376  1.00 58.74 ? 4  U   A C4    1 
ATOM   85   O O4    . U   A 1 4  ? 6.736   -15.139 0.006   1.00 58.99 ? 4  U   A O4    1 
ATOM   86   C C5    . U   A 1 4  ? 5.181   -15.553 -1.721  1.00 59.47 ? 4  U   A C5    1 
ATOM   87   C C6    . U   A 1 4  ? 3.928   -15.932 -1.984  1.00 60.31 ? 4  U   A C6    1 
ATOM   88   P P     . C   A 1 5  ? -0.618  -12.526 -1.871  1.00 58.13 ? 5  C   A P     1 
ATOM   89   O OP1   . C   A 1 5  ? -1.863  -11.909 -2.392  1.00 58.95 ? 5  C   A OP1   1 
ATOM   90   O OP2   . C   A 1 5  ? 0.680   -11.867 -2.112  1.00 57.90 ? 5  C   A OP2   1 
ATOM   91   O "O5'" . C   A 1 5  ? -0.787  -12.713 -0.304  1.00 55.89 ? 5  C   A "O5'" 1 
ATOM   92   C "C5'" . C   A 1 5  ? -1.887  -13.437 0.211   1.00 52.69 ? 5  C   A "C5'" 1 
ATOM   93   C "C4'" . C   A 1 5  ? -1.712  -13.658 1.684   1.00 51.22 ? 5  C   A "C4'" 1 
ATOM   94   O "O4'" . C   A 1 5  ? -0.608  -14.574 1.917   1.00 50.48 ? 5  C   A "O4'" 1 
ATOM   95   C "C3'" . C   A 1 5  ? -1.306  -12.433 2.478   1.00 49.33 ? 5  C   A "C3'" 1 
ATOM   96   O "O3'" . C   A 1 5  ? -2.403  -11.581 2.739   1.00 48.66 ? 5  C   A "O3'" 1 
ATOM   97   C "C2'" . C   A 1 5  ? -0.770  -13.074 3.747   1.00 50.78 ? 5  C   A "C2'" 1 
ATOM   98   O "O2'" . C   A 1 5  ? -1.803  -13.529 4.599   1.00 51.58 ? 5  C   A "O2'" 1 
ATOM   99   C "C1'" . C   A 1 5  ? -0.001  -14.264 3.168   1.00 50.28 ? 5  C   A "C1'" 1 
ATOM   100  N N1    . C   A 1 5  ? 1.411   -13.917 2.939   1.00 48.12 ? 5  C   A N1    1 
ATOM   101  C C2    . C   A 1 5  ? 2.290   -13.947 4.029   1.00 47.97 ? 5  C   A C2    1 
ATOM   102  O O2    . C   A 1 5  ? 1.852   -14.288 5.140   1.00 47.20 ? 5  C   A O2    1 
ATOM   103  N N3    . C   A 1 5  ? 3.586   -13.599 3.845   1.00 47.47 ? 5  C   A N3    1 
ATOM   104  C C4    . C   A 1 5  ? 4.010   -13.233 2.635   1.00 47.10 ? 5  C   A C4    1 
ATOM   105  N N4    . C   A 1 5  ? 5.290   -12.886 2.504   1.00 47.43 ? 5  C   A N4    1 
ATOM   106  C C5    . C   A 1 5  ? 3.136   -13.204 1.505   1.00 46.90 ? 5  C   A C5    1 
ATOM   107  C C6    . C   A 1 5  ? 1.859   -13.556 1.700   1.00 47.01 ? 5  C   A C6    1 
ATOM   108  P P     . A   A 1 6  ? -2.138  -10.046 3.138   1.00 47.62 ? 6  A   A P     1 
ATOM   109  O OP1   . A   A 1 6  ? -3.449  -9.438  3.466   1.00 47.65 ? 6  A   A OP1   1 
ATOM   110  O OP2   . A   A 1 6  ? -1.268  -9.419  2.108   1.00 45.64 ? 6  A   A OP2   1 
ATOM   111  O "O5'" . A   A 1 6  ? -1.314  -10.152 4.493   1.00 49.28 ? 6  A   A "O5'" 1 
ATOM   112  C "C5'" . A   A 1 6  ? -1.901  -10.711 5.663   1.00 48.07 ? 6  A   A "C5'" 1 
ATOM   113  C "C4'" . A   A 1 6  ? -0.965  -10.538 6.834   1.00 47.47 ? 6  A   A "C4'" 1 
ATOM   114  O "O4'" . A   A 1 6  ? 0.192   -11.398 6.673   1.00 46.99 ? 6  A   A "O4'" 1 
ATOM   115  C "C3'" . A   A 1 6  ? -0.359  -9.154  6.939   1.00 47.09 ? 6  A   A "C3'" 1 
ATOM   116  O "O3'" . A   A 1 6  ? -1.245  -8.248  7.569   1.00 47.73 ? 6  A   A "O3'" 1 
ATOM   117  C "C2'" . A   A 1 6  ? 0.885   -9.414  7.773   1.00 47.16 ? 6  A   A "C2'" 1 
ATOM   118  O "O2'" . A   A 1 6  ? 0.601   -9.554  9.147   1.00 51.07 ? 6  A   A "O2'" 1 
ATOM   119  C "C1'" . A   A 1 6  ? 1.338   -10.762 7.215   1.00 46.07 ? 6  A   A "C1'" 1 
ATOM   120  N N9    . A   A 1 6  ? 2.330   -10.618 6.152   1.00 44.36 ? 6  A   A N9    1 
ATOM   121  C C8    . A   A 1 6  ? 2.115   -10.599 4.794   1.00 43.18 ? 6  A   A C8    1 
ATOM   122  N N7    . A   A 1 6  ? 3.208   -10.439 4.090   1.00 42.40 ? 6  A   A N7    1 
ATOM   123  C C5    . A   A 1 6  ? 4.211   -10.354 5.046   1.00 40.84 ? 6  A   A C5    1 
ATOM   124  C C6    . A   A 1 6  ? 5.604   -10.175 4.943   1.00 39.12 ? 6  A   A C6    1 
ATOM   125  N N6    . A   A 1 6  ? 6.258   -10.057 3.782   1.00 32.53 ? 6  A   A N6    1 
ATOM   126  N N1    . A   A 1 6  ? 6.314   -10.119 6.092   1.00 40.77 ? 6  A   A N1    1 
ATOM   127  C C2    . A   A 1 6  ? 5.661   -10.247 7.259   1.00 40.83 ? 6  A   A C2    1 
ATOM   128  N N3    . A   A 1 6  ? 4.359   -10.424 7.482   1.00 41.24 ? 6  A   A N3    1 
ATOM   129  C C4    . A   A 1 6  ? 3.684   -10.465 6.321   1.00 41.89 ? 6  A   A C4    1 
ATOM   130  P P     . C   A 1 7  ? -1.042  -6.675  7.345   1.00 50.46 ? 7  C   A P     1 
ATOM   131  O OP1   . C   A 1 7  ? -2.006  -5.945  8.204   1.00 50.64 ? 7  C   A OP1   1 
ATOM   132  O OP2   . C   A 1 7  ? -1.022  -6.425  5.881   1.00 50.01 ? 7  C   A OP2   1 
ATOM   133  O "O5'" . C   A 1 7  ? 0.423   -6.404  7.904   1.00 51.02 ? 7  C   A "O5'" 1 
ATOM   134  C "C5'" . C   A 1 7  ? 0.718   -6.544  9.289   1.00 50.11 ? 7  C   A "C5'" 1 
ATOM   135  C "C4'" . C   A 1 7  ? 2.174   -6.222  9.541   1.00 50.32 ? 7  C   A "C4'" 1 
ATOM   136  O "O4'" . C   A 1 7  ? 3.006   -7.216  8.885   1.00 49.36 ? 7  C   A "O4'" 1 
ATOM   137  C "C3'" . C   A 1 7  ? 2.656   -4.914  8.938   1.00 50.17 ? 7  C   A "C3'" 1 
ATOM   138  O "O3'" . C   A 1 7  ? 2.316   -3.787  9.726   1.00 49.74 ? 7  C   A "O3'" 1 
ATOM   139  C "C2'" . C   A 1 7  ? 4.156   -5.136  8.849   1.00 50.12 ? 7  C   A "C2'" 1 
ATOM   140  O "O2'" . C   A 1 7  ? 4.825   -4.939  10.076  1.00 51.47 ? 7  C   A "O2'" 1 
ATOM   141  C "C1'" . C   A 1 7  ? 4.209   -6.608  8.438   1.00 49.19 ? 7  C   A "C1'" 1 
ATOM   142  N N1    . C   A 1 7  ? 4.284   -6.741  6.978   1.00 48.13 ? 7  C   A N1    1 
ATOM   143  C C2    . C   A 1 7  ? 5.540   -6.680  6.366   1.00 47.48 ? 7  C   A C2    1 
ATOM   144  O O2    . C   A 1 7  ? 6.539   -6.546  7.077   1.00 47.02 ? 7  C   A O2    1 
ATOM   145  N N3    . C   A 1 7  ? 5.629   -6.768  5.020   1.00 47.28 ? 7  C   A N3    1 
ATOM   146  C C4    . C   A 1 7  ? 4.523   -6.923  4.291   1.00 47.15 ? 7  C   A C4    1 
ATOM   147  N N4    . C   A 1 7  ? 4.658   -7.001  2.967   1.00 47.93 ? 7  C   A N4    1 
ATOM   148  C C5    . C   A 1 7  ? 3.228   -7.000  4.889   1.00 46.75 ? 7  C   A C5    1 
ATOM   149  C C6    . C   A 1 7  ? 3.156   -6.907  6.225   1.00 47.09 ? 7  C   A C6    1 
ATOM   150  P P     . A   A 1 8  ? 2.137   -2.363  9.013   1.00 50.53 ? 8  A   A P     1 
ATOM   151  O OP1   . A   A 1 8  ? 1.600   -1.402  10.012  1.00 51.81 ? 8  A   A OP1   1 
ATOM   152  O OP2   . A   A 1 8  ? 1.410   -2.573  7.737   1.00 51.02 ? 8  A   A OP2   1 
ATOM   153  O "O5'" . A   A 1 8  ? 3.627   -1.942  8.648   1.00 48.77 ? 8  A   A "O5'" 1 
ATOM   154  C "C5'" . A   A 1 8  ? 4.564   -1.618  9.665   1.00 45.68 ? 8  A   A "C5'" 1 
ATOM   155  C "C4'" . A   A 1 8  ? 5.880   -1.241  9.045   1.00 43.87 ? 8  A   A "C4'" 1 
ATOM   156  O "O4'" . A   A 1 8  ? 6.423   -2.395  8.354   1.00 42.80 ? 8  A   A "O4'" 1 
ATOM   157  C "C3'" . A   A 1 8  ? 5.786   -0.170  7.976   1.00 43.53 ? 8  A   A "C3'" 1 
ATOM   158  O "O3'" . A   A 1 8  ? 5.838   1.116   8.578   1.00 44.37 ? 8  A   A "O3'" 1 
ATOM   159  C "C2'" . A   A 1 8  ? 7.026   -0.447  7.142   1.00 43.95 ? 8  A   A "C2'" 1 
ATOM   160  O "O2'" . A   A 1 8  ? 8.190   0.073   7.743   1.00 47.88 ? 8  A   A "O2'" 1 
ATOM   161  C "C1'" . A   A 1 8  ? 7.086   -1.974  7.180   1.00 42.07 ? 8  A   A "C1'" 1 
ATOM   162  N N9    . A   A 1 8  ? 6.439   -2.612  6.034   1.00 40.83 ? 8  A   A N9    1 
ATOM   163  C C8    . A   A 1 8  ? 5.194   -3.184  5.976   1.00 39.35 ? 8  A   A C8    1 
ATOM   164  N N7    . A   A 1 8  ? 4.902   -3.692  4.803   1.00 39.32 ? 8  A   A N7    1 
ATOM   165  C C5    . A   A 1 8  ? 6.031   -3.434  4.036   1.00 39.48 ? 8  A   A C5    1 
ATOM   166  C C6    . A   A 1 8  ? 6.360   -3.725  2.690   1.00 39.85 ? 8  A   A C6    1 
ATOM   167  N N6    . A   A 1 8  ? 5.548   -4.368  1.840   1.00 39.34 ? 8  A   A N6    1 
ATOM   168  N N1    . A   A 1 8  ? 7.572   -3.326  2.243   1.00 39.09 ? 8  A   A N1    1 
ATOM   169  C C2    . A   A 1 8  ? 8.385   -2.682  3.089   1.00 40.30 ? 8  A   A C2    1 
ATOM   170  N N3    . A   A 1 8  ? 8.190   -2.355  4.368   1.00 39.89 ? 8  A   A N3    1 
ATOM   171  C C4    . A   A 1 8  ? 6.982   -2.765  4.783   1.00 39.33 ? 8  A   A C4    1 
ATOM   172  P P     . C   A 1 9  ? 5.101   2.364   7.873   1.00 46.96 ? 9  C   A P     1 
ATOM   173  O OP1   . C   A 1 9  ? 4.958   3.428   8.905   1.00 45.32 ? 9  C   A OP1   1 
ATOM   174  O OP2   . C   A 1 9  ? 3.896   1.874   7.146   1.00 46.18 ? 9  C   A OP2   1 
ATOM   175  O "O5'" . C   A 1 9  ? 6.140   2.858   6.777   1.00 44.23 ? 9  C   A "O5'" 1 
ATOM   176  C "C5'" . C   A 1 9  ? 7.485   3.113   7.123   1.00 44.24 ? 9  C   A "C5'" 1 
ATOM   177  C "C4'" . C   A 1 9  ? 8.332   3.089   5.888   1.00 46.04 ? 9  C   A "C4'" 1 
ATOM   178  O "O4'" . C   A 1 9  ? 8.347   1.741   5.346   1.00 46.42 ? 9  C   A "O4'" 1 
ATOM   179  C "C3'" . C   A 1 9  ? 7.789   3.909   4.734   1.00 45.70 ? 9  C   A "C3'" 1 
ATOM   180  O "O3'" . C   A 1 9  ? 8.122   5.276   4.881   1.00 46.66 ? 9  C   A "O3'" 1 
ATOM   181  C "C2'" . C   A 1 9  ? 8.508   3.286   3.548   1.00 45.50 ? 9  C   A "C2'" 1 
ATOM   182  O "O2'" . C   A 1 9  ? 9.834   3.756   3.428   1.00 45.10 ? 9  C   A "O2'" 1 
ATOM   183  C "C1'" . C   A 1 9  ? 8.514   1.806   3.940   1.00 43.93 ? 9  C   A "C1'" 1 
ATOM   184  N N1    . C   A 1 9  ? 7.444   1.029   3.303   1.00 42.43 ? 9  C   A N1    1 
ATOM   185  C C2    . C   A 1 9  ? 7.639   0.595   1.995   1.00 41.56 ? 9  C   A C2    1 
ATOM   186  O O2    . C   A 1 9  ? 8.688   0.903   1.426   1.00 42.84 ? 9  C   A O2    1 
ATOM   187  N N3    . C   A 1 9  ? 6.684   -0.146  1.386   1.00 40.48 ? 9  C   A N3    1 
ATOM   188  C C4    . C   A 1 9  ? 5.565   -0.457  2.046   1.00 39.92 ? 9  C   A C4    1 
ATOM   189  N N4    . C   A 1 9  ? 4.665   -1.217  1.425   1.00 37.91 ? 9  C   A N4    1 
ATOM   190  C C5    . C   A 1 9  ? 5.326   -0.006  3.379   1.00 38.88 ? 9  C   A C5    1 
ATOM   191  C C6    . C   A 1 9  ? 6.284   0.728   3.966   1.00 40.87 ? 9  C   A C6    1 
ATOM   192  P P     . C   A 1 10 ? 7.243   6.388   4.128   1.00 49.45 ? 10 C   A P     1 
ATOM   193  O OP1   . C   A 1 10 ? 7.721   7.716   4.592   1.00 49.61 ? 10 C   A OP1   1 
ATOM   194  O OP2   . C   A 1 10 ? 5.806   6.041   4.263   1.00 50.07 ? 10 C   A OP2   1 
ATOM   195  O "O5'" . C   A 1 10 ? 7.649   6.206   2.604   1.00 45.36 ? 10 C   A "O5'" 1 
ATOM   196  C "C5'" . C   A 1 10 ? 9.007   6.294   2.205   1.00 41.00 ? 10 C   A "C5'" 1 
ATOM   197  C "C4'" . C   A 1 10 ? 9.142   5.886   0.764   1.00 39.52 ? 10 C   A "C4'" 1 
ATOM   198  O "O4'" . C   A 1 10 ? 8.862   4.467   0.637   1.00 39.12 ? 10 C   A "O4'" 1 
ATOM   199  C "C3'" . C   A 1 10 ? 8.133   6.531   -0.161  1.00 38.51 ? 10 C   A "C3'" 1 
ATOM   200  O "O3'" . C   A 1 10 ? 8.549   7.837   -0.536  1.00 40.28 ? 10 C   A "O3'" 1 
ATOM   201  C "C2'" . C   A 1 10 ? 8.104   5.559   -1.330  1.00 37.12 ? 10 C   A "C2'" 1 
ATOM   202  O "O2'" . C   A 1 10 ? 9.200   5.708   -2.198  1.00 36.84 ? 10 C   A "O2'" 1 
ATOM   203  C "C1'" . C   A 1 10 ? 8.251   4.218   -0.614  1.00 36.99 ? 10 C   A "C1'" 1 
ATOM   204  N N1    . C   A 1 10 ? 6.975   3.519   -0.392  1.00 35.49 ? 10 C   A N1    1 
ATOM   205  C C2    . C   A 1 10 ? 6.472   2.717   -1.422  1.00 33.44 ? 10 C   A C2    1 
ATOM   206  O O2    . C   A 1 10 ? 7.102   2.648   -2.488  1.00 29.95 ? 10 C   A O2    1 
ATOM   207  N N3    . C   A 1 10 ? 5.314   2.040   -1.233  1.00 33.39 ? 10 C   A N3    1 
ATOM   208  C C4    . C   A 1 10 ? 4.663   2.146   -0.075  1.00 33.86 ? 10 C   A C4    1 
ATOM   209  N N4    . C   A 1 10 ? 3.528   1.449   0.069   1.00 31.05 ? 10 C   A N4    1 
ATOM   210  C C5    . C   A 1 10 ? 5.145   2.970   0.988   1.00 32.84 ? 10 C   A C5    1 
ATOM   211  C C6    . C   A 1 10 ? 6.294   3.633   0.787   1.00 33.19 ? 10 C   A C6    1 
ATOM   212  P P     . G   A 1 11 ? 7.471   8.861   -1.138  1.00 42.78 ? 11 G   A P     1 
ATOM   213  O OP1   . G   A 1 11 ? 8.137   10.152  -1.418  1.00 44.86 ? 11 G   A OP1   1 
ATOM   214  O OP2   . G   A 1 11 ? 6.250   8.828   -0.292  1.00 41.75 ? 11 G   A OP2   1 
ATOM   215  O "O5'" . G   A 1 11 ? 7.141   8.211   -2.545  1.00 42.65 ? 11 G   A "O5'" 1 
ATOM   216  C "C5'" . G   A 1 11 ? 5.868   8.336   -3.135  1.00 39.39 ? 11 G   A "C5'" 1 
ATOM   217  C "C4'" . G   A 1 11 ? 5.861   7.587   -4.437  1.00 40.28 ? 11 G   A "C4'" 1 
ATOM   218  O "O4'" . G   A 1 11 ? 6.198   6.190   -4.201  1.00 41.38 ? 11 G   A "O4'" 1 
ATOM   219  C "C3'" . G   A 1 11 ? 4.523   7.545   -5.132  1.00 39.21 ? 11 G   A "C3'" 1 
ATOM   220  O "O3'" . G   A 1 11 ? 4.368   8.725   -5.893  1.00 41.15 ? 11 G   A "O3'" 1 
ATOM   221  C "C2'" . G   A 1 11 ? 4.664   6.294   -5.979  1.00 38.73 ? 11 G   A "C2'" 1 
ATOM   222  O "O2'" . G   A 1 11 ? 5.517   6.498   -7.086  1.00 37.26 ? 11 G   A "O2'" 1 
ATOM   223  C "C1'" . G   A 1 11 ? 5.351   5.359   -4.982  1.00 38.05 ? 11 G   A "C1'" 1 
ATOM   224  N N9    . G   A 1 11 ? 4.398   4.723   -4.076  1.00 35.11 ? 11 G   A N9    1 
ATOM   225  C C8    . G   A 1 11 ? 4.206   5.016   -2.750  1.00 33.46 ? 11 G   A C8    1 
ATOM   226  N N7    . G   A 1 11 ? 3.255   4.310   -2.203  1.00 33.23 ? 11 G   A N7    1 
ATOM   227  C C5    . G   A 1 11 ? 2.796   3.495   -3.230  1.00 32.13 ? 11 G   A C5    1 
ATOM   228  C C6    . G   A 1 11 ? 1.761   2.533   -3.241  1.00 31.61 ? 11 G   A C6    1 
ATOM   229  O O6    . G   A 1 11 ? 1.008   2.196   -2.320  1.00 30.45 ? 11 G   A O6    1 
ATOM   230  N N1    . G   A 1 11 ? 1.636   1.937   -4.485  1.00 32.62 ? 11 G   A N1    1 
ATOM   231  C C2    . G   A 1 11 ? 2.404   2.227   -5.580  1.00 32.19 ? 11 G   A C2    1 
ATOM   232  N N2    . G   A 1 11 ? 2.144   1.520   -6.687  1.00 31.58 ? 11 G   A N2    1 
ATOM   233  N N3    . G   A 1 11 ? 3.358   3.134   -5.588  1.00 32.83 ? 11 G   A N3    1 
ATOM   234  C C4    . G   A 1 11 ? 3.500   3.726   -4.387  1.00 32.60 ? 11 G   A C4    1 
ATOM   235  P P     . G   A 1 12 ? 2.928   9.426   -5.975  1.00 42.74 ? 12 G   A P     1 
ATOM   236  O OP1   . G   A 1 12 ? 3.121   10.671  -6.770  1.00 41.15 ? 12 G   A OP1   1 
ATOM   237  O OP2   . G   A 1 12 ? 2.347   9.508   -4.606  1.00 36.46 ? 12 G   A OP2   1 
ATOM   238  O "O5'" . G   A 1 12 ? 2.088   8.400   -6.866  1.00 37.44 ? 12 G   A "O5'" 1 
ATOM   239  C "C5'" . G   A 1 12 ? 2.552   8.041   -8.162  1.00 31.39 ? 12 G   A "C5'" 1 
ATOM   240  C "C4'" . G   A 1 12 ? 1.833   6.814   -8.666  1.00 30.69 ? 12 G   A "C4'" 1 
ATOM   241  O "O4'" . G   A 1 12 ? 2.068   5.701   -7.768  1.00 31.24 ? 12 G   A "O4'" 1 
ATOM   242  C "C3'" . G   A 1 12 ? 0.323   6.901   -8.740  1.00 28.69 ? 12 G   A "C3'" 1 
ATOM   243  O "O3'" . G   A 1 12 ? -0.055  7.523   -9.948  1.00 29.32 ? 12 G   A "O3'" 1 
ATOM   244  C "C2'" . G   A 1 12 ? -0.073  5.433   -8.750  1.00 28.25 ? 12 G   A "C2'" 1 
ATOM   245  O "O2'" . G   A 1 12 ? 0.110   4.841   -10.019 1.00 27.94 ? 12 G   A "O2'" 1 
ATOM   246  C "C1'" . G   A 1 12 ? 0.932   4.851   -7.757  1.00 28.65 ? 12 G   A "C1'" 1 
ATOM   247  N N9    . G   A 1 12 ? 0.420   4.819   -6.395  1.00 27.13 ? 12 G   A N9    1 
ATOM   248  C C8    . G   A 1 12 ? 0.846   5.585   -5.339  1.00 27.86 ? 12 G   A C8    1 
ATOM   249  N N7    . G   A 1 12 ? 0.212   5.325   -4.230  1.00 28.76 ? 12 G   A N7    1 
ATOM   250  C C5    . G   A 1 12 ? -0.693  4.330   -4.578  1.00 28.48 ? 12 G   A C5    1 
ATOM   251  C C6    . G   A 1 12 ? -1.652  3.643   -3.786  1.00 27.52 ? 12 G   A C6    1 
ATOM   252  O O6    . G   A 1 12 ? -1.886  3.774   -2.576  1.00 24.98 ? 12 G   A O6    1 
ATOM   253  N N1    . G   A 1 12 ? -2.367  2.712   -4.540  1.00 26.16 ? 12 G   A N1    1 
ATOM   254  C C2    . G   A 1 12 ? -2.179  2.472   -5.879  1.00 26.91 ? 12 G   A C2    1 
ATOM   255  N N2    . G   A 1 12 ? -2.966  1.535   -6.433  1.00 25.07 ? 12 G   A N2    1 
ATOM   256  N N3    . G   A 1 12 ? -1.283  3.104   -6.626  1.00 28.77 ? 12 G   A N3    1 
ATOM   257  C C4    . G   A 1 12 ? -0.579  4.012   -5.913  1.00 28.30 ? 12 G   A C4    1 
ATOM   258  P P     . U   A 1 13 ? -1.277  8.563   -9.962  1.00 31.24 ? 13 U   A P     1 
ATOM   259  O OP1   . U   A 1 13 ? -1.204  9.257   -11.274 1.00 29.81 ? 13 U   A OP1   1 
ATOM   260  O OP2   . U   A 1 13 ? -1.260  9.357   -8.706  1.00 28.47 ? 13 U   A OP2   1 
ATOM   261  O "O5'" . U   A 1 13 ? -2.569  7.629   -9.956  1.00 28.40 ? 13 U   A "O5'" 1 
ATOM   262  C "C5'" . U   A 1 13 ? -2.837  6.769   -11.048 1.00 28.55 ? 13 U   A "C5'" 1 
ATOM   263  C "C4'" . U   A 1 13 ? -3.874  5.749   -10.665 1.00 29.87 ? 13 U   A "C4'" 1 
ATOM   264  O "O4'" . U   A 1 13 ? -3.387  4.954   -9.549  1.00 29.68 ? 13 U   A "O4'" 1 
ATOM   265  C "C3'" . U   A 1 13 ? -5.195  6.282   -10.144 1.00 30.23 ? 13 U   A "C3'" 1 
ATOM   266  O "O3'" . U   A 1 13 ? -6.054  6.714   -11.185 1.00 29.19 ? 13 U   A "O3'" 1 
ATOM   267  C "C2'" . U   A 1 13 ? -5.748  5.044   -9.462  1.00 28.78 ? 13 U   A "C2'" 1 
ATOM   268  O "O2'" . U   A 1 13 ? -6.168  4.104   -10.422 1.00 31.51 ? 13 U   A "O2'" 1 
ATOM   269  C "C1'" . U   A 1 13 ? -4.493  4.502   -8.785  1.00 28.94 ? 13 U   A "C1'" 1 
ATOM   270  N N1    . U   A 1 13 ? -4.357  4.990   -7.406  1.00 27.04 ? 13 U   A N1    1 
ATOM   271  C C2    . U   A 1 13 ? -5.063  4.314   -6.452  1.00 25.22 ? 13 U   A C2    1 
ATOM   272  O O2    . U   A 1 13 ? -5.806  3.399   -6.720  1.00 26.57 ? 13 U   A O2    1 
ATOM   273  N N3    . U   A 1 13 ? -4.879  4.749   -5.174  1.00 26.19 ? 13 U   A N3    1 
ATOM   274  C C4    . U   A 1 13 ? -4.085  5.786   -4.758  1.00 28.08 ? 13 U   A C4    1 
ATOM   275  O O4    . U   A 1 13 ? -3.972  6.005   -3.549  1.00 27.68 ? 13 U   A O4    1 
ATOM   276  C C5    . U   A 1 13 ? -3.404  6.474   -5.813  1.00 27.56 ? 13 U   A C5    1 
ATOM   277  C C6    . U   A 1 13 ? -3.559  6.059   -7.075  1.00 27.06 ? 13 U   A C6    1 
ATOM   278  P P     . G   A 1 14 ? -7.284  7.679   -10.832 1.00 28.13 ? 14 G   A P     1 
ATOM   279  O OP1   . G   A 1 14 ? -7.892  8.016   -12.137 1.00 29.44 ? 14 G   A OP1   1 
ATOM   280  O OP2   . G   A 1 14 ? -6.800  8.757   -9.935  1.00 26.29 ? 14 G   A OP2   1 
ATOM   281  O "O5'" . G   A 1 14 ? -8.286  6.767   -9.992  1.00 26.07 ? 14 G   A "O5'" 1 
ATOM   282  C "C5'" . G   A 1 14 ? -9.010  5.716   -10.616 1.00 23.75 ? 14 G   A "C5'" 1 
ATOM   283  C "C4'" . G   A 1 14 ? -9.937  5.064   -9.618  1.00 26.36 ? 14 G   A "C4'" 1 
ATOM   284  O "O4'" . G   A 1 14 ? -9.149  4.444   -8.571  1.00 25.32 ? 14 G   A "O4'" 1 
ATOM   285  C "C3'" . G   A 1 14 ? -10.860 6.013   -8.875  1.00 26.76 ? 14 G   A "C3'" 1 
ATOM   286  O "O3'" . G   A 1 14 ? -12.037 6.277   -9.626  1.00 30.60 ? 14 G   A "O3'" 1 
ATOM   287  C "C2'" . G   A 1 14 ? -11.180 5.223   -7.617  1.00 25.91 ? 14 G   A "C2'" 1 
ATOM   288  O "O2'" . G   A 1 14 ? -12.205 4.269   -7.812  1.00 28.22 ? 14 G   A "O2'" 1 
ATOM   289  C "C1'" . G   A 1 14 ? -9.839  4.535   -7.336  1.00 24.93 ? 14 G   A "C1'" 1 
ATOM   290  N N9    . G   A 1 14 ? -9.005  5.290   -6.406  1.00 22.48 ? 14 G   A N9    1 
ATOM   291  C C8    . G   A 1 14 ? -8.005  6.181   -6.732  1.00 21.82 ? 14 G   A C8    1 
ATOM   292  N N7    . G   A 1 14 ? -7.433  6.719   -5.689  1.00 18.90 ? 14 G   A N7    1 
ATOM   293  C C5    . G   A 1 14 ? -8.093  6.150   -4.605  1.00 20.57 ? 14 G   A C5    1 
ATOM   294  C C6    . G   A 1 14 ? -7.905  6.344   -3.200  1.00 18.42 ? 14 G   A C6    1 
ATOM   295  O O6    . G   A 1 14 ? -7.085  7.055   -2.623  1.00 19.31 ? 14 G   A O6    1 
ATOM   296  N N1    . G   A 1 14 ? -8.796  5.589   -2.455  1.00 17.67 ? 14 G   A N1    1 
ATOM   297  C C2    . G   A 1 14 ? -9.745  4.743   -2.980  1.00 18.86 ? 14 G   A C2    1 
ATOM   298  N N2    . G   A 1 14 ? -10.523 4.122   -2.089  1.00 14.54 ? 14 G   A N2    1 
ATOM   299  N N3    . G   A 1 14 ? -9.919  4.532   -4.286  1.00 18.53 ? 14 G   A N3    1 
ATOM   300  C C4    . G   A 1 14 ? -9.068  5.266   -5.033  1.00 19.76 ? 14 G   A C4    1 
ATOM   301  P P     . A   A 1 15 ? -12.629 7.775   -9.684  1.00 32.58 ? 15 A   A P     1 
ATOM   302  O OP1   . A   A 1 15 ? -13.583 7.820   -10.810 1.00 33.91 ? 15 A   A OP1   1 
ATOM   303  O OP2   . A   A 1 15 ? -11.530 8.766   -9.618  1.00 30.58 ? 15 A   A OP2   1 
ATOM   304  O "O5'" . A   A 1 15 ? -13.485 7.895   -8.352  1.00 36.91 ? 15 A   A "O5'" 1 
ATOM   305  C "C5'" . A   A 1 15 ? -14.774 7.311   -8.279  1.00 39.37 ? 15 A   A "C5'" 1 
ATOM   306  C "C4'" . A   A 1 15 ? -15.821 8.388   -8.111  1.00 39.86 ? 15 A   A "C4'" 1 
ATOM   307  O "O4'" . A   A 1 15 ? -17.073 7.910   -8.651  1.00 41.13 ? 15 A   A "O4'" 1 
ATOM   308  C "C3'" . A   A 1 15 ? -16.143 8.830   -6.693  1.00 38.23 ? 15 A   A "C3'" 1 
ATOM   309  O "O3'" . A   A 1 15 ? -15.292 9.887   -6.301  1.00 38.48 ? 15 A   A "O3'" 1 
ATOM   310  C "C2'" . A   A 1 15 ? -17.553 9.374   -6.846  1.00 41.26 ? 15 A   A "C2'" 1 
ATOM   311  O "O2'" . A   A 1 15 ? -17.531 10.685  -7.395  1.00 41.41 ? 15 A   A "O2'" 1 
ATOM   312  C "C1'" . A   A 1 15 ? -18.140 8.405   -7.874  1.00 39.86 ? 15 A   A "C1'" 1 
ATOM   313  N N9    . A   A 1 15 ? -18.838 7.248   -7.335  1.00 37.62 ? 15 A   A N9    1 
ATOM   314  C C8    . A   A 1 15 ? -18.300 6.079   -6.863  1.00 37.04 ? 15 A   A C8    1 
ATOM   315  N N7    . A   A 1 15 ? -19.199 5.176   -6.549  1.00 35.02 ? 15 A   A N7    1 
ATOM   316  C C5    . A   A 1 15 ? -20.405 5.805   -6.813  1.00 34.17 ? 15 A   A C5    1 
ATOM   317  C C6    . A   A 1 15 ? -21.726 5.380   -6.707  1.00 35.83 ? 15 A   A C6    1 
ATOM   318  N N6    . A   A 1 15 ? -22.072 4.155   -6.308  1.00 36.68 ? 15 A   A N6    1 
ATOM   319  N N1    . A   A 1 15 ? -22.701 6.263   -7.039  1.00 36.37 ? 15 A   A N1    1 
ATOM   320  C C2    . A   A 1 15 ? -22.347 7.483   -7.453  1.00 34.66 ? 15 A   A C2    1 
ATOM   321  N N3    . A   A 1 15 ? -21.132 7.995   -7.602  1.00 35.22 ? 15 A   A N3    1 
ATOM   322  C C4    . A   A 1 15 ? -20.197 7.093   -7.265  1.00 35.99 ? 15 A   A C4    1 
ATOM   323  P P     . A   A 1 16 ? -14.920 10.079  -4.750  1.00 40.20 ? 16 A   A P     1 
ATOM   324  O OP1   . A   A 1 16 ? -13.704 10.942  -4.673  1.00 38.21 ? 16 A   A OP1   1 
ATOM   325  O OP2   . A   A 1 16 ? -14.918 8.730   -4.130  1.00 38.48 ? 16 A   A OP2   1 
ATOM   326  O "O5'" . A   A 1 16 ? -16.151 10.858  -4.116  1.00 38.74 ? 16 A   A "O5'" 1 
ATOM   327  C "C5'" . A   A 1 16 ? -16.433 12.216  -4.428  1.00 34.43 ? 16 A   A "C5'" 1 
ATOM   328  C "C4'" . A   A 1 16 ? -17.771 12.559  -3.840  1.00 33.97 ? 16 A   A "C4'" 1 
ATOM   329  O "O4'" . A   A 1 16 ? -18.674 11.528  -4.310  1.00 33.64 ? 16 A   A "O4'" 1 
ATOM   330  C "C3'" . A   A 1 16 ? -17.805 12.470  -2.316  1.00 32.65 ? 16 A   A "C3'" 1 
ATOM   331  O "O3'" . A   A 1 16 ? -17.661 13.777  -1.760  1.00 31.85 ? 16 A   A "O3'" 1 
ATOM   332  C "C2'" . A   A 1 16 ? -19.213 11.964  -2.024  1.00 32.71 ? 16 A   A "C2'" 1 
ATOM   333  O "O2'" . A   A 1 16 ? -20.128 13.030  -1.941  1.00 37.03 ? 16 A   A "O2'" 1 
ATOM   334  C "C1'" . A   A 1 16 ? -19.527 11.123  -3.265  1.00 33.30 ? 16 A   A "C1'" 1 
ATOM   335  N N9    . A   A 1 16 ? -19.408 9.676   -3.121  1.00 33.49 ? 16 A   A N9    1 
ATOM   336  C C8    . A   A 1 16 ? -18.338 8.953   -2.677  1.00 31.88 ? 16 A   A C8    1 
ATOM   337  N N7    . A   A 1 16 ? -18.542 7.658   -2.678  1.00 35.42 ? 16 A   A N7    1 
ATOM   338  C C5    . A   A 1 16 ? -19.840 7.520   -3.151  1.00 32.45 ? 16 A   A C5    1 
ATOM   339  C C6    . A   A 1 16 ? -20.648 6.399   -3.380  1.00 32.28 ? 16 A   A C6    1 
ATOM   340  N N6    . A   A 1 16 ? -20.271 5.149   -3.127  1.00 33.69 ? 16 A   A N6    1 
ATOM   341  N N1    . A   A 1 16 ? -21.886 6.605   -3.873  1.00 33.63 ? 16 A   A N1    1 
ATOM   342  C C2    . A   A 1 16 ? -22.285 7.858   -4.097  1.00 33.57 ? 16 A   A C2    1 
ATOM   343  N N3    . A   A 1 16 ? -21.625 8.993   -3.908  1.00 34.83 ? 16 A   A N3    1 
ATOM   344  C C4    . A   A 1 16 ? -20.387 8.752   -3.429  1.00 34.31 ? 16 A   A C4    1 
ATOM   345  P P     . G   A 1 17 ? -16.303 14.201  -0.999  1.00 30.99 ? 17 G   A P     1 
ATOM   346  O OP1   . G   A 1 17 ? -16.395 15.665  -0.797  1.00 32.17 ? 17 G   A OP1   1 
ATOM   347  O OP2   . G   A 1 17 ? -15.138 13.643  -1.730  1.00 34.13 ? 17 G   A OP2   1 
ATOM   348  O "O5'" . G   A 1 17 ? -16.370 13.472  0.414   1.00 30.87 ? 17 G   A "O5'" 1 
ATOM   349  C "C5'" . G   A 1 17 ? -17.565 13.442  1.179   1.00 33.08 ? 17 G   A "C5'" 1 
ATOM   350  C "C4'" . G   A 1 17 ? -17.290 12.812  2.522   1.00 37.03 ? 17 G   A "C4'" 1 
ATOM   351  O "O4'" . G   A 1 17 ? -16.784 11.458  2.309   1.00 37.39 ? 17 G   A "O4'" 1 
ATOM   352  C "C3'" . G   A 1 17 ? -16.198 13.497  3.335   1.00 38.43 ? 17 G   A "C3'" 1 
ATOM   353  O "O3'" . G   A 1 17 ? -16.706 14.559  4.131   1.00 40.51 ? 17 G   A "O3'" 1 
ATOM   354  C "C2'" . G   A 1 17 ? -15.678 12.346  4.182   1.00 39.31 ? 17 G   A "C2'" 1 
ATOM   355  O "O2'" . G   A 1 17 ? -16.573 12.006  5.226   1.00 40.88 ? 17 G   A "O2'" 1 
ATOM   356  C "C1'" . G   A 1 17 ? -15.652 11.229  3.139   1.00 37.95 ? 17 G   A "C1'" 1 
ATOM   357  N N9    . G   A 1 17 ? -14.462 11.333  2.302   1.00 36.08 ? 17 G   A N9    1 
ATOM   358  C C8    . G   A 1 17 ? -14.414 11.378  0.930   1.00 34.45 ? 17 G   A C8    1 
ATOM   359  N N7    . G   A 1 17 ? -13.206 11.536  0.464   1.00 34.91 ? 17 G   A N7    1 
ATOM   360  C C5    . G   A 1 17 ? -12.406 11.593  1.594   1.00 35.61 ? 17 G   A C5    1 
ATOM   361  C C6    . G   A 1 17 ? -11.003 11.778  1.722   1.00 35.68 ? 17 G   A C6    1 
ATOM   362  O O6    . G   A 1 17 ? -10.162 11.951  0.828   1.00 35.48 ? 17 G   A O6    1 
ATOM   363  N N1    . G   A 1 17 ? -10.605 11.758  3.055   1.00 34.24 ? 17 G   A N1    1 
ATOM   364  C C2    . G   A 1 17 ? -11.448 11.588  4.125   1.00 36.96 ? 17 G   A C2    1 
ATOM   365  N N2    . G   A 1 17 ? -10.874 11.570  5.329   1.00 39.68 ? 17 G   A N2    1 
ATOM   366  N N3    . G   A 1 17 ? -12.760 11.436  4.022   1.00 36.31 ? 17 G   A N3    1 
ATOM   367  C C4    . G   A 1 17 ? -13.166 11.447  2.738   1.00 36.36 ? 17 G   A C4    1 
ATOM   368  P P     . U   A 1 18 ? -15.836 15.901  4.311   1.00 44.15 ? 18 U   A P     1 
ATOM   369  O OP1   . U   A 1 18 ? -16.623 16.807  5.178   1.00 44.56 ? 18 U   A OP1   1 
ATOM   370  O OP2   . U   A 1 18 ? -15.369 16.379  2.981   1.00 43.45 ? 18 U   A OP2   1 
ATOM   371  O "O5'" . U   A 1 18 ? -14.561 15.409  5.126   1.00 44.40 ? 18 U   A "O5'" 1 
ATOM   372  C "C5'" . U   A 1 18 ? -14.710 14.729  6.370   1.00 45.29 ? 18 U   A "C5'" 1 
ATOM   373  C "C4'" . U   A 1 18 ? -13.449 14.858  7.180   1.00 44.67 ? 18 U   A "C4'" 1 
ATOM   374  O "O4'" . U   A 1 18 ? -12.396 14.084  6.551   1.00 43.22 ? 18 U   A "O4'" 1 
ATOM   375  C "C3'" . U   A 1 18 ? -12.899 16.271  7.270   1.00 46.07 ? 18 U   A "C3'" 1 
ATOM   376  O "O3'" . U   A 1 18 ? -13.560 16.978  8.322   1.00 49.49 ? 18 U   A "O3'" 1 
ATOM   377  C "C2'" . U   A 1 18 ? -11.417 16.018  7.532   1.00 45.76 ? 18 U   A "C2'" 1 
ATOM   378  O "O2'" . U   A 1 18 ? -11.141 15.711  8.887   1.00 47.28 ? 18 U   A "O2'" 1 
ATOM   379  C "C1'" . U   A 1 18 ? -11.163 14.773  6.675   1.00 43.57 ? 18 U   A "C1'" 1 
ATOM   380  N N1    . U   A 1 18 ? -10.646 15.040  5.325   1.00 41.16 ? 18 U   A N1    1 
ATOM   381  C C2    . U   A 1 18 ? -9.316  15.374  5.209   1.00 41.20 ? 18 U   A C2    1 
ATOM   382  O O2    . U   A 1 18 ? -8.594  15.508  6.177   1.00 43.28 ? 18 U   A O2    1 
ATOM   383  N N3    . U   A 1 18 ? -8.869  15.554  3.920   1.00 39.91 ? 18 U   A N3    1 
ATOM   384  C C4    . U   A 1 18 ? -9.619  15.451  2.759   1.00 38.27 ? 18 U   A C4    1 
ATOM   385  O O4    . U   A 1 18 ? -9.060  15.569  1.666   1.00 36.10 ? 18 U   A O4    1 
ATOM   386  C C5    . U   A 1 18 ? -10.997 15.139  2.965   1.00 37.07 ? 18 U   A C5    1 
ATOM   387  C C6    . U   A 1 18 ? -11.453 14.948  4.208   1.00 40.01 ? 18 U   A C6    1 
ATOM   388  P P     . C   A 1 19 ? -13.585 18.595  8.326   1.00 52.68 ? 19 C   A P     1 
ATOM   389  O OP1   . C   A 1 19 ? -14.271 18.951  9.593   1.00 48.90 ? 19 C   A OP1   1 
ATOM   390  O OP2   . C   A 1 19 ? -14.105 19.134  7.038   1.00 49.18 ? 19 C   A OP2   1 
ATOM   391  O "O5'" . C   A 1 19 ? -12.041 18.987  8.437   1.00 51.58 ? 19 C   A "O5'" 1 
ATOM   392  C "C5'" . C   A 1 19 ? -11.301 18.685  9.618   1.00 52.66 ? 19 C   A "C5'" 1 
ATOM   393  C "C4'" . C   A 1 19 ? -9.821  18.914  9.399   1.00 54.64 ? 19 C   A "C4'" 1 
ATOM   394  O "O4'" . C   A 1 19 ? -9.323  18.004  8.383   1.00 55.08 ? 19 C   A "O4'" 1 
ATOM   395  C "C3'" . C   A 1 19 ? -9.399  20.274  8.868   1.00 55.64 ? 19 C   A "C3'" 1 
ATOM   396  O "O3'" . C   A 1 19 ? -9.352  21.258  9.889   1.00 56.77 ? 19 C   A "O3'" 1 
ATOM   397  C "C2'" . C   A 1 19 ? -8.003  19.978  8.342   1.00 55.35 ? 19 C   A "C2'" 1 
ATOM   398  O "O2'" . C   A 1 19 ? -7.039  19.906  9.373   1.00 56.32 ? 19 C   A "O2'" 1 
ATOM   399  C "C1'" . C   A 1 19 ? -8.203  18.591  7.734   1.00 54.43 ? 19 C   A "C1'" 1 
ATOM   400  N N1    . C   A 1 19 ? -8.468  18.658  6.290   1.00 53.50 ? 19 C   A N1    1 
ATOM   401  C C2    . C   A 1 19 ? -7.383  18.809  5.426   1.00 53.72 ? 19 C   A C2    1 
ATOM   402  O O2    . C   A 1 19 ? -6.245  18.899  5.904   1.00 53.01 ? 19 C   A O2    1 
ATOM   403  N N3    . C   A 1 19 ? -7.600  18.856  4.092   1.00 53.48 ? 19 C   A N3    1 
ATOM   404  C C4    . C   A 1 19 ? -8.840  18.762  3.615   1.00 51.10 ? 19 C   A C4    1 
ATOM   405  N N4    . C   A 1 19 ? -8.994  18.805  2.295   1.00 50.70 ? 19 C   A N4    1 
ATOM   406  C C5    . C   A 1 19 ? -9.967  18.619  4.471   1.00 50.52 ? 19 C   A C5    1 
ATOM   407  C C6    . C   A 1 19 ? -9.739  18.574  5.792   1.00 52.84 ? 19 C   A C6    1 
ATOM   408  P P     . G   A 1 20 ? -9.616  22.801  9.513   1.00 59.11 ? 20 G   A P     1 
ATOM   409  O OP1   . G   A 1 20 ? -9.713  23.548  10.795  1.00 60.15 ? 20 G   A OP1   1 
ATOM   410  O OP2   . G   A 1 20 ? -10.746 22.866  8.548   1.00 59.63 ? 20 G   A OP2   1 
ATOM   411  O "O5'" . G   A 1 20 ? -8.286  23.237  8.751   1.00 56.35 ? 20 G   A "O5'" 1 
ATOM   412  C "C5'" . G   A 1 20 ? -7.033  23.230  9.422   1.00 56.55 ? 20 G   A "C5'" 1 
ATOM   413  C "C4'" . G   A 1 20 ? -5.926  23.587  8.464   1.00 57.23 ? 20 G   A "C4'" 1 
ATOM   414  O "O4'" . G   A 1 20 ? -5.716  22.502  7.522   1.00 56.80 ? 20 G   A "O4'" 1 
ATOM   415  C "C3'" . G   A 1 20 ? -6.196  24.786  7.576   1.00 59.33 ? 20 G   A "C3'" 1 
ATOM   416  O "O3'" . G   A 1 20 ? -5.958  26.011  8.262   1.00 63.08 ? 20 G   A "O3'" 1 
ATOM   417  C "C2'" . G   A 1 20 ? -5.215  24.549  6.437   1.00 58.83 ? 20 G   A "C2'" 1 
ATOM   418  O "O2'" . G   A 1 20 ? -3.891  24.902  6.781   1.00 59.48 ? 20 G   A "O2'" 1 
ATOM   419  C "C1'" . G   A 1 20 ? -5.315  23.031  6.266   1.00 57.41 ? 20 G   A "C1'" 1 
ATOM   420  N N9    . G   A 1 20 ? -6.305  22.640  5.264   1.00 56.27 ? 20 G   A N9    1 
ATOM   421  C C8    . G   A 1 20 ? -7.592  22.216  5.501   1.00 56.31 ? 20 G   A C8    1 
ATOM   422  N N7    . G   A 1 20 ? -8.258  21.958  4.404   1.00 55.32 ? 20 G   A N7    1 
ATOM   423  C C5    . G   A 1 20 ? -7.357  22.221  3.381   1.00 53.43 ? 20 G   A C5    1 
ATOM   424  C C6    . G   A 1 20 ? -7.516  22.126  1.979   1.00 52.71 ? 20 G   A C6    1 
ATOM   425  O O6    . G   A 1 20 ? -8.518  21.789  1.338   1.00 52.69 ? 20 G   A O6    1 
ATOM   426  N N1    . G   A 1 20 ? -6.352  22.480  1.308   1.00 52.48 ? 20 G   A N1    1 
ATOM   427  C C2    . G   A 1 20 ? -5.185  22.882  1.909   1.00 53.04 ? 20 G   A C2    1 
ATOM   428  N N2    . G   A 1 20 ? -4.176  23.192  1.082   1.00 51.39 ? 20 G   A N2    1 
ATOM   429  N N3    . G   A 1 20 ? -5.021  22.977  3.222   1.00 52.28 ? 20 G   A N3    1 
ATOM   430  C C4    . G   A 1 20 ? -6.142  22.635  3.892   1.00 53.94 ? 20 G   A C4    1 
ATOM   431  P P     . C   A 1 21 ? -6.352  27.409  7.562   1.00 66.50 ? 21 C   A P     1 
ATOM   432  O OP1   . C   A 1 21 ? -6.323  28.448  8.624   1.00 67.19 ? 21 C   A OP1   1 
ATOM   433  O OP2   . C   A 1 21 ? -7.584  27.236  6.750   1.00 65.91 ? 21 C   A OP2   1 
ATOM   434  O "O5'" . C   A 1 21 ? -5.140  27.678  6.564   1.00 63.84 ? 21 C   A "O5'" 1 
ATOM   435  C "C5'" . C   A 1 21 ? -5.273  28.588  5.487   1.00 63.20 ? 21 C   A "C5'" 1 
ATOM   436  C "C4'" . C   A 1 21 ? -4.532  28.068  4.284   1.00 64.23 ? 21 C   A "C4'" 1 
ATOM   437  O "O4'" . C   A 1 21 ? -4.960  26.704  4.013   1.00 65.11 ? 21 C   A "O4'" 1 
ATOM   438  C "C3'" . C   A 1 21 ? -4.810  28.808  2.989   1.00 64.62 ? 21 C   A "C3'" 1 
ATOM   439  O "O3'" . C   A 1 21 ? -4.114  30.056  2.896   1.00 64.90 ? 21 C   A "O3'" 1 
ATOM   440  C "C2'" . C   A 1 21 ? -4.456  27.762  1.938   1.00 64.71 ? 21 C   A "C2'" 1 
ATOM   441  O "O2'" . C   A 1 21 ? -3.062  27.649  1.720   1.00 67.36 ? 21 C   A "O2'" 1 
ATOM   442  C "C1'" . C   A 1 21 ? -4.963  26.480  2.609   1.00 63.49 ? 21 C   A "C1'" 1 
ATOM   443  N N1    . C   A 1 21 ? -6.316  26.053  2.201   1.00 60.22 ? 21 C   A N1    1 
ATOM   444  C C2    . C   A 1 21 ? -6.600  25.920  0.836   1.00 59.10 ? 21 C   A C2    1 
ATOM   445  O O2    . C   A 1 21 ? -5.713  26.192  0.007   1.00 58.15 ? 21 C   A O2    1 
ATOM   446  N N3    . C   A 1 21 ? -7.831  25.502  0.453   1.00 57.43 ? 21 C   A N3    1 
ATOM   447  C C4    . C   A 1 21 ? -8.760  25.231  1.373   1.00 57.59 ? 21 C   A C4    1 
ATOM   448  N N4    . C   A 1 21 ? -9.957  24.813  0.950   1.00 56.76 ? 21 C   A N4    1 
ATOM   449  C C5    . C   A 1 21 ? -8.502  25.371  2.768   1.00 57.33 ? 21 C   A C5    1 
ATOM   450  C C6    . C   A 1 21 ? -7.280  25.780  3.134   1.00 58.68 ? 21 C   A C6    1 
ATOM   451  O OP3   . G   B 1 1  ? -12.402 22.281  -10.351 1.00 82.80 ? 22 G   B OP3   1 
ATOM   452  P P     . G   B 1 1  ? -11.258 21.404  -9.868  1.00 83.06 ? 22 G   B P     1 
ATOM   453  O OP1   . G   B 1 1  ? -10.545 20.672  -10.997 1.00 83.09 ? 22 G   B OP1   1 
ATOM   454  O OP2   . G   B 1 1  ? -11.654 20.480  -8.726  1.00 83.01 ? 22 G   B OP2   1 
ATOM   455  O "O5'" . G   B 1 1  ? -10.155 22.429  -9.247  1.00 80.40 ? 22 G   B "O5'" 1 
ATOM   456  C "C5'" . G   B 1 1  ? -9.447  23.347  -10.094 1.00 75.07 ? 22 G   B "C5'" 1 
ATOM   457  C "C4'" . G   B 1 1  ? -8.295  23.962  -9.339  1.00 71.40 ? 22 G   B "C4'" 1 
ATOM   458  O "O4'" . G   B 1 1  ? -8.788  24.920  -8.368  1.00 69.32 ? 22 G   B "O4'" 1 
ATOM   459  C "C3'" . G   B 1 1  ? -7.479  22.999  -8.499  1.00 69.55 ? 22 G   B "C3'" 1 
ATOM   460  O "O3'" . G   B 1 1  ? -6.541  22.293  -9.298  1.00 69.26 ? 22 G   B "O3'" 1 
ATOM   461  C "C2'" . G   B 1 1  ? -6.800  23.937  -7.508  1.00 68.10 ? 22 G   B "C2'" 1 
ATOM   462  O "O2'" . G   B 1 1  ? -5.682  24.595  -8.061  1.00 68.86 ? 22 G   B "O2'" 1 
ATOM   463  C "C1'" . G   B 1 1  ? -7.902  24.966  -7.260  1.00 67.16 ? 22 G   B "C1'" 1 
ATOM   464  N N9    . G   B 1 1  ? -8.660  24.715  -6.039  1.00 64.87 ? 22 G   B N9    1 
ATOM   465  C C8    . G   B 1 1  ? -9.927  24.194  -5.936  1.00 62.87 ? 22 G   B C8    1 
ATOM   466  N N7    . G   B 1 1  ? -10.345 24.105  -4.703  1.00 62.18 ? 22 G   B N7    1 
ATOM   467  C C5    . G   B 1 1  ? -9.289  24.593  -3.944  1.00 62.11 ? 22 G   B C5    1 
ATOM   468  C C6    . G   B 1 1  ? -9.157  24.749  -2.535  1.00 61.76 ? 22 G   B C6    1 
ATOM   469  O O6    . G   B 1 1  ? -9.984  24.489  -1.644  1.00 59.93 ? 22 G   B O6    1 
ATOM   470  N N1    . G   B 1 1  ? -7.913  25.275  -2.197  1.00 61.28 ? 22 G   B N1    1 
ATOM   471  C C2    . G   B 1 1  ? -6.927  25.614  -3.089  1.00 60.79 ? 22 G   B C2    1 
ATOM   472  N N2    . G   B 1 1  ? -5.796  26.114  -2.564  1.00 58.46 ? 22 G   B N2    1 
ATOM   473  N N3    . G   B 1 1  ? -7.041  25.479  -4.400  1.00 61.65 ? 22 G   B N3    1 
ATOM   474  C C4    . G   B 1 1  ? -8.238  24.966  -4.754  1.00 62.71 ? 22 G   B C4    1 
ATOM   475  P P     . C   B 1 2  ? -5.646  21.139  -8.630  1.00 69.14 ? 23 C   B P     1 
ATOM   476  O OP1   . C   B 1 2  ? -4.882  20.432  -9.692  1.00 69.74 ? 23 C   B OP1   1 
ATOM   477  O OP2   . C   B 1 2  ? -6.503  20.361  -7.696  1.00 67.59 ? 23 C   B OP2   1 
ATOM   478  O "O5'" . C   B 1 2  ? -4.578  21.941  -7.775  1.00 67.77 ? 23 C   B "O5'" 1 
ATOM   479  C "C5'" . C   B 1 2  ? -3.700  21.242  -6.926  1.00 66.04 ? 23 C   B "C5'" 1 
ATOM   480  C "C4'" . C   B 1 2  ? -2.961  22.195  -6.029  1.00 64.30 ? 23 C   B "C4'" 1 
ATOM   481  O "O4'" . C   B 1 2  ? -3.861  23.195  -5.487  1.00 62.44 ? 23 C   B "O4'" 1 
ATOM   482  C "C3'" . C   B 1 2  ? -2.397  21.470  -4.827  1.00 64.13 ? 23 C   B "C3'" 1 
ATOM   483  O "O3'" . C   B 1 2  ? -1.137  20.922  -5.169  1.00 65.55 ? 23 C   B "O3'" 1 
ATOM   484  C "C2'" . C   B 1 2  ? -2.345  22.564  -3.773  1.00 62.85 ? 23 C   B "C2'" 1 
ATOM   485  O "O2'" . C   B 1 2  ? -1.212  23.390  -3.924  1.00 65.03 ? 23 C   B "O2'" 1 
ATOM   486  C "C1'" . C   B 1 2  ? -3.622  23.345  -4.097  1.00 60.08 ? 23 C   B "C1'" 1 
ATOM   487  N N1    . C   B 1 2  ? -4.819  22.859  -3.395  1.00 57.38 ? 23 C   B N1    1 
ATOM   488  C C2    . C   B 1 2  ? -4.881  22.956  -2.002  1.00 56.25 ? 23 C   B C2    1 
ATOM   489  O O2    . C   B 1 2  ? -3.918  23.442  -1.393  1.00 56.36 ? 23 C   B O2    1 
ATOM   490  N N3    . C   B 1 2  ? -5.991  22.522  -1.356  1.00 54.94 ? 23 C   B N3    1 
ATOM   491  C C4    . C   B 1 2  ? -7.009  22.010  -2.053  1.00 54.52 ? 23 C   B C4    1 
ATOM   492  N N4    . C   B 1 2  ? -8.092  21.602  -1.379  1.00 52.90 ? 23 C   B N4    1 
ATOM   493  C C5    . C   B 1 2  ? -6.968  21.894  -3.473  1.00 53.95 ? 23 C   B C5    1 
ATOM   494  C C6    . C   B 1 2  ? -5.866  22.324  -4.096  1.00 55.63 ? 23 C   B C6    1 
ATOM   495  P P     . G   B 1 3  ? -0.950  19.327  -5.176  1.00 64.70 ? 24 G   B P     1 
ATOM   496  O OP1   . G   B 1 3  ? 0.265   19.018  -5.974  1.00 65.29 ? 24 G   B OP1   1 
ATOM   497  O OP2   . G   B 1 3  ? -2.252  18.720  -5.554  1.00 64.78 ? 24 G   B OP2   1 
ATOM   498  O "O5'" . G   B 1 3  ? -0.634  19.005  -3.651  1.00 62.92 ? 24 G   B "O5'" 1 
ATOM   499  C "C5'" . G   B 1 3  ? 0.466   19.634  -3.009  1.00 58.02 ? 24 G   B "C5'" 1 
ATOM   500  C "C4'" . G   B 1 3  ? 0.205   19.774  -1.535  1.00 55.17 ? 24 G   B "C4'" 1 
ATOM   501  O "O4'" . G   B 1 3  ? -0.912  20.674  -1.306  1.00 54.80 ? 24 G   B "O4'" 1 
ATOM   502  C "C3'" . G   B 1 3  ? -0.253  18.517  -0.830  1.00 54.59 ? 24 G   B "C3'" 1 
ATOM   503  O "O3'" . G   B 1 3  ? 0.804   17.613  -0.610  1.00 53.35 ? 24 G   B "O3'" 1 
ATOM   504  C "C2'" . G   B 1 3  ? -0.837  19.083  0.456   1.00 54.33 ? 24 G   B "C2'" 1 
ATOM   505  O "O2'" . G   B 1 3  ? 0.133   19.446  1.417   1.00 54.38 ? 24 G   B "O2'" 1 
ATOM   506  C "C1'" . G   B 1 3  ? -1.549  20.328  -0.079  1.00 54.05 ? 24 G   B "C1'" 1 
ATOM   507  N N9    . G   B 1 3  ? -2.945  20.018  -0.346  1.00 51.54 ? 24 G   B N9    1 
ATOM   508  C C8    . G   B 1 3  ? -3.542  19.855  -1.568  1.00 51.48 ? 24 G   B C8    1 
ATOM   509  N N7    . G   B 1 3  ? -4.801  19.519  -1.478  1.00 52.07 ? 24 G   B N7    1 
ATOM   510  C C5    . G   B 1 3  ? -5.047  19.470  -0.115  1.00 50.18 ? 24 G   B C5    1 
ATOM   511  C C6    . G   B 1 3  ? -6.229  19.153  0.591   1.00 50.96 ? 24 G   B C6    1 
ATOM   512  O O6    . G   B 1 3  ? -7.338  18.835  0.139   1.00 53.64 ? 24 G   B O6    1 
ATOM   513  N N1    . G   B 1 3  ? -6.038  19.230  1.966   1.00 51.08 ? 24 G   B N1    1 
ATOM   514  C C2    . G   B 1 3  ? -4.862  19.575  2.582   1.00 50.76 ? 24 G   B C2    1 
ATOM   515  N N2    . G   B 1 3  ? -4.883  19.607  3.921   1.00 49.67 ? 24 G   B N2    1 
ATOM   516  N N3    . G   B 1 3  ? -3.748  19.867  1.931   1.00 50.60 ? 24 G   B N3    1 
ATOM   517  C C4    . G   B 1 3  ? -3.914  19.793  0.596   1.00 50.70 ? 24 G   B C4    1 
ATOM   518  P P     . U   B 1 4  ? 0.498   16.047  -0.650  1.00 53.11 ? 25 U   B P     1 
ATOM   519  O OP1   . U   B 1 4  ? 1.790   15.317  -0.661  1.00 54.81 ? 25 U   B OP1   1 
ATOM   520  O OP2   . U   B 1 4  ? -0.483  15.823  -1.741  1.00 54.01 ? 25 U   B OP2   1 
ATOM   521  O "O5'" . U   B 1 4  ? -0.225  15.781  0.740   1.00 51.89 ? 25 U   B "O5'" 1 
ATOM   522  C "C5'" . U   B 1 4  ? 0.324   16.291  1.942   1.00 51.36 ? 25 U   B "C5'" 1 
ATOM   523  C "C4'" . U   B 1 4  ? -0.690  16.212  3.056   1.00 52.47 ? 25 U   B "C4'" 1 
ATOM   524  O "O4'" . U   B 1 4  ? -1.831  17.047  2.733   1.00 52.87 ? 25 U   B "O4'" 1 
ATOM   525  C "C3'" . U   B 1 4  ? -1.297  14.842  3.294   1.00 52.27 ? 25 U   B "C3'" 1 
ATOM   526  O "O3'" . U   B 1 4  ? -0.436  14.073  4.118   1.00 51.90 ? 25 U   B "O3'" 1 
ATOM   527  C "C2'" . U   B 1 4  ? -2.601  15.194  4.001   1.00 52.79 ? 25 U   B "C2'" 1 
ATOM   528  O "O2'" . U   B 1 4  ? -2.415  15.497  5.367   1.00 54.03 ? 25 U   B "O2'" 1 
ATOM   529  C "C1'" . U   B 1 4  ? -3.014  16.469  3.263   1.00 52.76 ? 25 U   B "C1'" 1 
ATOM   530  N N1    . U   B 1 4  ? -3.944  16.235  2.150   1.00 52.53 ? 25 U   B N1    1 
ATOM   531  C C2    . U   B 1 4  ? -5.283  16.034  2.446   1.00 52.25 ? 25 U   B C2    1 
ATOM   532  O O2    . U   B 1 4  ? -5.715  16.038  3.582   1.00 52.69 ? 25 U   B O2    1 
ATOM   533  N N3    . U   B 1 4  ? -6.094  15.829  1.356   1.00 51.35 ? 25 U   B N3    1 
ATOM   534  C C4    . U   B 1 4  ? -5.707  15.810  0.030   1.00 51.72 ? 25 U   B C4    1 
ATOM   535  O O4    . U   B 1 4  ? -6.552  15.654  -0.842  1.00 51.33 ? 25 U   B O4    1 
ATOM   536  C C5    . U   B 1 4  ? -4.309  16.020  -0.190  1.00 53.19 ? 25 U   B C5    1 
ATOM   537  C C6    . U   B 1 4  ? -3.496  16.219  0.851   1.00 53.62 ? 25 U   B C6    1 
ATOM   538  P P     . C   B 1 5  ? -0.560  12.474  4.132   1.00 51.51 ? 26 C   B P     1 
ATOM   539  O OP1   . C   B 1 5  ? 0.570   11.957  4.947   1.00 51.23 ? 26 C   B OP1   1 
ATOM   540  O OP2   . C   B 1 5  ? -0.722  12.015  2.730   1.00 48.48 ? 26 C   B OP2   1 
ATOM   541  O "O5'" . C   B 1 5  ? -1.898  12.214  4.953   1.00 46.78 ? 26 C   B "O5'" 1 
ATOM   542  C "C5'" . C   B 1 5  ? -1.941  12.498  6.336   1.00 45.60 ? 26 C   B "C5'" 1 
ATOM   543  C "C4'" . C   B 1 5  ? -3.349  12.368  6.865   1.00 46.63 ? 26 C   B "C4'" 1 
ATOM   544  O "O4'" . C   B 1 5  ? -4.222  13.318  6.193   1.00 46.03 ? 26 C   B "O4'" 1 
ATOM   545  C "C3'" . C   B 1 5  ? -4.051  11.048  6.629   1.00 45.66 ? 26 C   B "C3'" 1 
ATOM   546  O "O3'" . C   B 1 5  ? -3.627  10.042  7.533   1.00 47.08 ? 26 C   B "O3'" 1 
ATOM   547  C "C2'" . C   B 1 5  ? -5.502  11.441  6.858   1.00 45.02 ? 26 C   B "C2'" 1 
ATOM   548  O "O2'" . C   B 1 5  ? -5.823  11.595  8.225   1.00 43.07 ? 26 C   B "O2'" 1 
ATOM   549  C "C1'" . C   B 1 5  ? -5.545  12.802  6.162   1.00 43.83 ? 26 C   B "C1'" 1 
ATOM   550  N N1    . C   B 1 5  ? -5.961  12.684  4.756   1.00 41.14 ? 26 C   B N1    1 
ATOM   551  C C2    . C   B 1 5  ? -7.323  12.536  4.465   1.00 38.54 ? 26 C   B C2    1 
ATOM   552  O O2    . C   B 1 5  ? -8.138  12.525  5.393   1.00 32.80 ? 26 C   B O2    1 
ATOM   553  N N3    . C   B 1 5  ? -7.713  12.407  3.178   1.00 39.48 ? 26 C   B N3    1 
ATOM   554  C C4    . C   B 1 5  ? -6.804  12.428  2.201   1.00 40.46 ? 26 C   B C4    1 
ATOM   555  N N4    . C   B 1 5  ? -7.231  12.295  0.947   1.00 39.86 ? 26 C   B N4    1 
ATOM   556  C C5    . C   B 1 5  ? -5.414  12.586  2.468   1.00 41.77 ? 26 C   B C5    1 
ATOM   557  C C6    . C   B 1 5  ? -5.039  12.710  3.750   1.00 40.89 ? 26 C   B C6    1 
ATOM   558  P P     . A   B 1 6  ? -3.587  8.514   7.037   1.00 49.48 ? 27 A   B P     1 
ATOM   559  O OP1   . A   B 1 6  ? -2.958  7.671   8.091   1.00 48.98 ? 27 A   B OP1   1 
ATOM   560  O OP2   . A   B 1 6  ? -3.026  8.516   5.660   1.00 45.63 ? 27 A   B OP2   1 
ATOM   561  O "O5'" . A   B 1 6  ? -5.124  8.115   6.984   1.00 46.25 ? 27 A   B "O5'" 1 
ATOM   562  C "C5'" . A   B 1 6  ? -5.934  8.284   8.134   1.00 44.89 ? 27 A   B "C5'" 1 
ATOM   563  C "C4'" . A   B 1 6  ? -7.389  8.085   7.789   1.00 43.81 ? 27 A   B "C4'" 1 
ATOM   564  O "O4'" . A   B 1 6  ? -7.838  9.130   6.887   1.00 41.08 ? 27 A   B "O4'" 1 
ATOM   565  C "C3'" . A   B 1 6  ? -7.724  6.811   7.042   1.00 41.76 ? 27 A   B "C3'" 1 
ATOM   566  O "O3'" . A   B 1 6  ? -7.813  5.720   7.941   1.00 42.01 ? 27 A   B "O3'" 1 
ATOM   567  C "C2'" . A   B 1 6  ? -9.079  7.153   6.446   1.00 41.10 ? 27 A   B "C2'" 1 
ATOM   568  O "O2'" . A   B 1 6  ? -10.115 7.036   7.396   1.00 41.78 ? 27 A   B "O2'" 1 
ATOM   569  C "C1'" . A   B 1 6  ? -8.891  8.630   6.083   1.00 39.75 ? 27 A   B "C1'" 1 
ATOM   570  N N9    . A   B 1 6  ? -8.536  8.844   4.682   1.00 38.66 ? 27 A   B N9    1 
ATOM   571  C C8    . A   B 1 6  ? -7.311  9.199   4.158   1.00 39.77 ? 27 A   B C8    1 
ATOM   572  N N7    . A   B 1 6  ? -7.312  9.331   2.851   1.00 36.55 ? 27 A   B N7    1 
ATOM   573  C C5    . A   B 1 6  ? -8.619  9.039   2.490   1.00 34.59 ? 27 A   B C5    1 
ATOM   574  C C6    . A   B 1 6  ? -9.259  8.999   1.253   1.00 32.79 ? 27 A   B C6    1 
ATOM   575  N N6    . A   B 1 6  ? -8.645  9.239   0.093   1.00 30.08 ? 27 A   B N6    1 
ATOM   576  N N1    . A   B 1 6  ? -10.571 8.690   1.239   1.00 33.89 ? 27 A   B N1    1 
ATOM   577  C C2    . A   B 1 6  ? -11.184 8.422   2.402   1.00 33.67 ? 27 A   B C2    1 
ATOM   578  N N3    . A   B 1 6  ? -10.687 8.410   3.628   1.00 33.39 ? 27 A   B N3    1 
ATOM   579  C C4    . A   B 1 6  ? -9.384  8.736   3.606   1.00 35.71 ? 27 A   B C4    1 
ATOM   580  P P     . C   B 1 7  ? -7.328  4.260   7.465   1.00 44.29 ? 28 C   B P     1 
ATOM   581  O OP1   . C   B 1 7  ? -7.546  3.329   8.604   1.00 43.35 ? 28 C   B OP1   1 
ATOM   582  O OP2   . C   B 1 7  ? -5.968  4.387   6.873   1.00 40.84 ? 28 C   B OP2   1 
ATOM   583  O "O5'" . C   B 1 7  ? -8.363  3.890   6.309   1.00 39.93 ? 28 C   B "O5'" 1 
ATOM   584  C "C5'" . C   B 1 7  ? -9.733  3.663   6.607   1.00 35.40 ? 28 C   B "C5'" 1 
ATOM   585  C "C4'" . C   B 1 7  ? -10.509 3.380   5.342   1.00 35.88 ? 28 C   B "C4'" 1 
ATOM   586  O "O4'" . C   B 1 7  ? -10.649 4.589   4.545   1.00 34.25 ? 28 C   B "O4'" 1 
ATOM   587  C "C3'" . C   B 1 7  ? -9.879  2.395   4.373   1.00 34.75 ? 28 C   B "C3'" 1 
ATOM   588  O "O3'" . C   B 1 7  ? -10.090 1.055   4.780   1.00 35.02 ? 28 C   B "O3'" 1 
ATOM   589  C "C2'" . C   B 1 7  ? -10.640 2.714   3.096   1.00 33.29 ? 28 C   B "C2'" 1 
ATOM   590  O "O2'" . C   B 1 7  ? -11.939 2.174   3.143   1.00 35.28 ? 28 C   B "O2'" 1 
ATOM   591  C "C1'" . C   B 1 7  ? -10.734 4.239   3.172   1.00 30.58 ? 28 C   B "C1'" 1 
ATOM   592  N N1    . C   B 1 7  ? -9.638  4.902   2.446   1.00 28.31 ? 28 C   B N1    1 
ATOM   593  C C2    . C   B 1 7  ? -9.776  5.100   1.076   1.00 27.97 ? 28 C   B C2    1 
ATOM   594  O O2    . C   B 1 7  ? -10.823 4.744   0.527   1.00 31.69 ? 28 C   B O2    1 
ATOM   595  N N3    . C   B 1 7  ? -8.769  5.678   0.381   1.00 25.55 ? 28 C   B N3    1 
ATOM   596  C C4    . C   B 1 7  ? -7.656  6.054   1.013   1.00 25.25 ? 28 C   B C4    1 
ATOM   597  N N4    . C   B 1 7  ? -6.676  6.599   0.284   1.00 21.38 ? 28 C   B N4    1 
ATOM   598  C C5    . C   B 1 7  ? -7.496  5.882   2.418   1.00 24.77 ? 28 C   B C5    1 
ATOM   599  C C6    . C   B 1 7  ? -8.504  5.307   3.090   1.00 25.98 ? 28 C   B C6    1 
ATOM   600  P P     . A   B 1 8  ? -8.998  -0.067  4.416   1.00 38.97 ? 29 A   B P     1 
ATOM   601  O OP1   . A   B 1 8  ? -9.411  -1.309  5.120   1.00 39.97 ? 29 A   B OP1   1 
ATOM   602  O OP2   . A   B 1 8  ? -7.632  0.476   4.632   1.00 35.91 ? 29 A   B OP2   1 
ATOM   603  O "O5'" . A   B 1 8  ? -9.206  -0.312  2.857   1.00 34.75 ? 29 A   B "O5'" 1 
ATOM   604  C "C5'" . A   B 1 8  ? -10.415 -0.867  2.369   1.00 32.92 ? 29 A   B "C5'" 1 
ATOM   605  C "C4'" . A   B 1 8  ? -10.412 -0.844  0.869   1.00 33.64 ? 29 A   B "C4'" 1 
ATOM   606  O "O4'" . A   B 1 8  ? -10.341 0.536   0.420   1.00 34.53 ? 29 A   B "O4'" 1 
ATOM   607  C "C3'" . A   B 1 8  ? -9.178  -1.458  0.242   1.00 34.39 ? 29 A   B "C3'" 1 
ATOM   608  O "O3'" . A   B 1 8  ? -9.277  -2.872  0.176   1.00 37.20 ? 29 A   B "O3'" 1 
ATOM   609  C "C2'" . A   B 1 8  ? -9.199  -0.828  -1.136  1.00 33.51 ? 29 A   B "C2'" 1 
ATOM   610  O "O2'" . A   B 1 8  ? -10.194 -1.436  -1.929  1.00 31.83 ? 29 A   B "O2'" 1 
ATOM   611  C "C1'" . A   B 1 8  ? -9.618  0.605   -0.797  1.00 31.77 ? 29 A   B "C1'" 1 
ATOM   612  N N9    . A   B 1 8  ? -8.496  1.527   -0.619  1.00 30.23 ? 29 A   B N9    1 
ATOM   613  C C8    . A   B 1 8  ? -7.922  1.946   0.558   1.00 30.25 ? 29 A   B C8    1 
ATOM   614  N N7    . A   B 1 8  ? -6.913  2.775   0.392   1.00 27.71 ? 29 A   B N7    1 
ATOM   615  C C5    . A   B 1 8  ? -6.820  2.916   -0.985  1.00 26.85 ? 29 A   B C5    1 
ATOM   616  C C6    . A   B 1 8  ? -5.959  3.670   -1.804  1.00 26.70 ? 29 A   B C6    1 
ATOM   617  N N6    . A   B 1 8  ? -4.994  4.462   -1.344  1.00 23.30 ? 29 A   B N6    1 
ATOM   618  N N1    . A   B 1 8  ? -6.131  3.585   -3.137  1.00 27.45 ? 29 A   B N1    1 
ATOM   619  C C2    . A   B 1 8  ? -7.117  2.812   -3.608  1.00 29.65 ? 29 A   B C2    1 
ATOM   620  N N3    . A   B 1 8  ? -7.997  2.065   -2.943  1.00 28.66 ? 29 A   B N3    1 
ATOM   621  C C4    . A   B 1 8  ? -7.790  2.157   -1.620  1.00 28.04 ? 29 A   B C4    1 
ATOM   622  P P     . C   B 1 9  ? -7.943  -3.753  0.304   1.00 35.95 ? 30 C   B P     1 
ATOM   623  O OP1   . C   B 1 9  ? -8.348  -5.116  0.688   1.00 39.18 ? 30 C   B OP1   1 
ATOM   624  O OP2   . C   B 1 9  ? -6.983  -3.006  1.151   1.00 37.08 ? 30 C   B OP2   1 
ATOM   625  O "O5'" . C   B 1 9  ? -7.353  -3.781  -1.173  1.00 36.07 ? 30 C   B "O5'" 1 
ATOM   626  C "C5'" . C   B 1 9  ? -8.152  -4.193  -2.272  1.00 32.61 ? 30 C   B "C5'" 1 
ATOM   627  C "C4'" . C   B 1 9  ? -7.652  -3.551  -3.543  1.00 32.76 ? 30 C   B "C4'" 1 
ATOM   628  O "O4'" . C   B 1 9  ? -7.737  -2.102  -3.416  1.00 32.77 ? 30 C   B "O4'" 1 
ATOM   629  C "C3'" . C   B 1 9  ? -6.190  -3.772  -3.879  1.00 29.68 ? 30 C   B "C3'" 1 
ATOM   630  O "O3'" . C   B 1 9  ? -6.014  -5.029  -4.499  1.00 31.93 ? 30 C   B "O3'" 1 
ATOM   631  C "C2'" . C   B 1 9  ? -5.930  -2.638  -4.857  1.00 32.22 ? 30 C   B "C2'" 1 
ATOM   632  O "O2'" . C   B 1 9  ? -6.400  -2.905  -6.164  1.00 35.16 ? 30 C   B "O2'" 1 
ATOM   633  C "C1'" . C   B 1 9  ? -6.735  -1.503  -4.220  1.00 30.61 ? 30 C   B "C1'" 1 
ATOM   634  N N1    . C   B 1 9  ? -5.878  -0.691  -3.359  1.00 29.41 ? 30 C   B N1    1 
ATOM   635  C C2    . C   B 1 9  ? -5.085  0.274   -3.950  1.00 30.12 ? 30 C   B C2    1 
ATOM   636  O O2    . C   B 1 9  ? -5.141  0.409   -5.180  1.00 30.71 ? 30 C   B O2    1 
ATOM   637  N N3    . C   B 1 9  ? -4.271  1.033   -3.178  1.00 29.63 ? 30 C   B N3    1 
ATOM   638  C C4    . C   B 1 9  ? -4.227  0.827   -1.859  1.00 31.56 ? 30 C   B C4    1 
ATOM   639  N N4    . C   B 1 9  ? -3.397  1.588   -1.125  1.00 30.24 ? 30 C   B N4    1 
ATOM   640  C C5    . C   B 1 9  ? -5.030  -0.163  -1.228  1.00 28.84 ? 30 C   B C5    1 
ATOM   641  C C6    . C   B 1 9  ? -5.842  -0.887  -2.009  1.00 29.71 ? 30 C   B C6    1 
ATOM   642  P P     . C   B 1 10 ? -4.547  -5.689  -4.576  1.00 29.98 ? 31 C   B P     1 
ATOM   643  O OP1   . C   B 1 10 ? -4.721  -7.024  -5.195  1.00 29.19 ? 31 C   B OP1   1 
ATOM   644  O OP2   . C   B 1 10 ? -3.914  -5.574  -3.245  1.00 29.88 ? 31 C   B OP2   1 
ATOM   645  O "O5'" . C   B 1 10 ? -3.751  -4.781  -5.613  1.00 27.52 ? 31 C   B "O5'" 1 
ATOM   646  C "C5'" . C   B 1 10 ? -4.057  -4.846  -7.000  1.00 26.80 ? 31 C   B "C5'" 1 
ATOM   647  C "C4'" . C   B 1 10 ? -3.101  -3.991  -7.791  1.00 28.17 ? 31 C   B "C4'" 1 
ATOM   648  O "O4'" . C   B 1 10 ? -3.261  -2.596  -7.419  1.00 27.31 ? 31 C   B "O4'" 1 
ATOM   649  C "C3'" . C   B 1 10 ? -1.627  -4.258  -7.563  1.00 26.49 ? 31 C   B "C3'" 1 
ATOM   650  O "O3'" . C   B 1 10 ? -1.206  -5.344  -8.354  1.00 27.30 ? 31 C   B "O3'" 1 
ATOM   651  C "C2'" . C   B 1 10 ? -1.005  -2.962  -8.048  1.00 26.75 ? 31 C   B "C2'" 1 
ATOM   652  O "O2'" . C   B 1 10 ? -0.979  -2.880  -9.462  1.00 28.13 ? 31 C   B "O2'" 1 
ATOM   653  C "C1'" . C   B 1 10 ? -2.002  -1.943  -7.507  1.00 25.85 ? 31 C   B "C1'" 1 
ATOM   654  N N1    . C   B 1 10 ? -1.637  -1.473  -6.170  1.00 25.82 ? 31 C   B N1    1 
ATOM   655  C C2    . C   B 1 10 ? -0.751  -0.423  -6.068  1.00 26.27 ? 31 C   B C2    1 
ATOM   656  O O2    . C   B 1 10 ? -0.237  0.008   -7.103  1.00 28.35 ? 31 C   B O2    1 
ATOM   657  N N3    . C   B 1 10 ? -0.465  0.093   -4.850  1.00 24.24 ? 31 C   B N3    1 
ATOM   658  C C4    . C   B 1 10 ? -1.019  -0.435  -3.759  1.00 26.08 ? 31 C   B C4    1 
ATOM   659  N N4    . C   B 1 10 ? -0.733  0.121   -2.577  1.00 27.41 ? 31 C   B N4    1 
ATOM   660  C C5    . C   B 1 10 ? -1.896  -1.552  -3.829  1.00 24.53 ? 31 C   B C5    1 
ATOM   661  C C6    . C   B 1 10 ? -2.177  -2.036  -5.045  1.00 25.18 ? 31 C   B C6    1 
ATOM   662  P P     . G   B 1 11 ? -0.032  -6.298  -7.822  1.00 30.36 ? 32 G   B P     1 
ATOM   663  O OP1   . G   B 1 11 ? 0.070   -7.450  -8.761  1.00 31.04 ? 32 G   B OP1   1 
ATOM   664  O OP2   . G   B 1 11 ? -0.249  -6.547  -6.375  1.00 26.24 ? 32 G   B OP2   1 
ATOM   665  O "O5'" . G   B 1 11 ? 1.271   -5.404  -7.988  1.00 28.23 ? 32 G   B "O5'" 1 
ATOM   666  C "C5'" . G   B 1 11 ? 1.581   -4.811  -9.239  1.00 27.03 ? 32 G   B "C5'" 1 
ATOM   667  C "C4'" . G   B 1 11 ? 2.655   -3.770  -9.063  1.00 29.03 ? 32 G   B "C4'" 1 
ATOM   668  O "O4'" . G   B 1 11 ? 2.149   -2.642  -8.300  1.00 26.49 ? 32 G   B "O4'" 1 
ATOM   669  C "C3'" . G   B 1 11 ? 3.857   -4.199  -8.238  1.00 30.04 ? 32 G   B "C3'" 1 
ATOM   670  O "O3'" . G   B 1 11 ? 4.742   -5.034  -8.971  1.00 32.08 ? 32 G   B "O3'" 1 
ATOM   671  C "C2'" . G   B 1 11 ? 4.480   -2.854  -7.913  1.00 27.60 ? 32 G   B "C2'" 1 
ATOM   672  O "O2'" . G   B 1 11 ? 5.133   -2.325  -9.049  1.00 28.76 ? 32 G   B "O2'" 1 
ATOM   673  C "C1'" . G   B 1 11 ? 3.231   -2.019  -7.624  1.00 29.12 ? 32 G   B "C1'" 1 
ATOM   674  N N9    . G   B 1 11 ? 2.920   -1.937  -6.201  1.00 29.49 ? 32 G   B N9    1 
ATOM   675  C C8    . G   B 1 11 ? 1.971   -2.645  -5.501  1.00 29.72 ? 32 G   B C8    1 
ATOM   676  N N7    . G   B 1 11 ? 1.924   -2.327  -4.231  1.00 27.96 ? 32 G   B N7    1 
ATOM   677  C C5    . G   B 1 11 ? 2.911   -1.364  -4.085  1.00 28.25 ? 32 G   B C5    1 
ATOM   678  C C6    . G   B 1 11 ? 3.342   -0.652  -2.927  1.00 29.72 ? 32 G   B C6    1 
ATOM   679  O O6    . G   B 1 11 ? 2.915   -0.732  -1.760  1.00 28.20 ? 32 G   B O6    1 
ATOM   680  N N1    . G   B 1 11 ? 4.383   0.225   -3.230  1.00 27.30 ? 32 G   B N1    1 
ATOM   681  C C2    . G   B 1 11 ? 4.932   0.396   -4.476  1.00 28.47 ? 32 G   B C2    1 
ATOM   682  N N2    . G   B 1 11 ? 5.919   1.286   -4.560  1.00 30.40 ? 32 G   B N2    1 
ATOM   683  N N3    . G   B 1 11 ? 4.541   -0.257  -5.561  1.00 27.61 ? 32 G   B N3    1 
ATOM   684  C C4    . G   B 1 11 ? 3.536   -1.113  -5.293  1.00 28.16 ? 32 G   B C4    1 
ATOM   685  P P     . G   B 1 12 ? 5.773   -5.985  -8.183  1.00 33.66 ? 33 G   B P     1 
ATOM   686  O OP1   . G   B 1 12 ? 6.332   -6.902  -9.206  1.00 33.23 ? 33 G   B OP1   1 
ATOM   687  O OP2   . G   B 1 12 ? 5.135   -6.552  -6.964  1.00 33.58 ? 33 G   B OP2   1 
ATOM   688  O "O5'" . G   B 1 12 ? 6.903   -4.975  -7.675  1.00 34.52 ? 33 G   B "O5'" 1 
ATOM   689  C "C5'" . G   B 1 12 ? 7.672   -4.210  -8.600  1.00 33.78 ? 33 G   B "C5'" 1 
ATOM   690  C "C4'" . G   B 1 12 ? 8.552   -3.215  -7.869  1.00 35.13 ? 33 G   B "C4'" 1 
ATOM   691  O "O4'" . G   B 1 12 ? 7.722   -2.225  -7.205  1.00 33.11 ? 33 G   B "O4'" 1 
ATOM   692  C "C3'" . G   B 1 12 ? 9.425   -3.765  -6.747  1.00 36.51 ? 33 G   B "C3'" 1 
ATOM   693  O "O3'" . G   B 1 12 ? 10.632  -4.345  -7.229  1.00 37.03 ? 33 G   B "O3'" 1 
ATOM   694  C "C2'" . G   B 1 12 ? 9.703   -2.515  -5.923  1.00 36.21 ? 33 G   B "C2'" 1 
ATOM   695  O "O2'" . G   B 1 12 ? 10.714  -1.698  -6.479  1.00 36.49 ? 33 G   B "O2'" 1 
ATOM   696  C "C1'" . G   B 1 12 ? 8.353   -1.799  -6.007  1.00 34.62 ? 33 G   B "C1'" 1 
ATOM   697  N N9    . G   B 1 12 ? 7.497   -2.152  -4.880  1.00 33.73 ? 33 G   B N9    1 
ATOM   698  C C8    . G   B 1 12 ? 6.478   -3.074  -4.865  1.00 34.29 ? 33 G   B C8    1 
ATOM   699  N N7    . G   B 1 12 ? 5.886   -3.165  -3.704  1.00 32.81 ? 33 G   B N7    1 
ATOM   700  C C5    . G   B 1 12 ? 6.556   -2.252  -2.902  1.00 30.67 ? 33 G   B C5    1 
ATOM   701  C C6    . G   B 1 12 ? 6.355   -1.907  -1.546  1.00 29.99 ? 33 G   B C6    1 
ATOM   702  O O6    . G   B 1 12 ? 5.507   -2.339  -0.760  1.00 32.09 ? 33 G   B O6    1 
ATOM   703  N N1    . G   B 1 12 ? 7.266   -0.947  -1.123  1.00 30.63 ? 33 G   B N1    1 
ATOM   704  C C2    . G   B 1 12 ? 8.238   -0.377  -1.913  1.00 31.53 ? 33 G   B C2    1 
ATOM   705  N N2    . G   B 1 12 ? 9.032   0.526   -1.323  1.00 29.82 ? 33 G   B N2    1 
ATOM   706  N N3    . G   B 1 12 ? 8.422   -0.675  -3.189  1.00 31.09 ? 33 G   B N3    1 
ATOM   707  C C4    . G   B 1 12 ? 7.555   -1.620  -3.611  1.00 32.65 ? 33 G   B C4    1 
ATOM   708  P P     . U   B 1 13 ? 11.319  -5.545  -6.408  1.00 40.52 ? 34 U   B P     1 
ATOM   709  O OP1   . U   B 1 13 ? 12.507  -5.950  -7.206  1.00 42.12 ? 34 U   B OP1   1 
ATOM   710  O OP2   . U   B 1 13 ? 10.299  -6.556  -6.052  1.00 40.57 ? 34 U   B OP2   1 
ATOM   711  O "O5'" . U   B 1 13 ? 11.816  -4.873  -5.054  1.00 39.56 ? 34 U   B "O5'" 1 
ATOM   712  C "C5'" . U   B 1 13 ? 12.917  -3.973  -5.061  1.00 38.30 ? 34 U   B "C5'" 1 
ATOM   713  C "C4'" . U   B 1 13 ? 13.062  -3.315  -3.713  1.00 38.12 ? 34 U   B "C4'" 1 
ATOM   714  O "O4'" . U   B 1 13 ? 11.807  -2.675  -3.371  1.00 37.03 ? 34 U   B "O4'" 1 
ATOM   715  C "C3'" . U   B 1 13 ? 13.293  -4.239  -2.527  1.00 38.75 ? 34 U   B "C3'" 1 
ATOM   716  O "O3'" . U   B 1 13 ? 14.661  -4.602  -2.423  1.00 38.97 ? 34 U   B "O3'" 1 
ATOM   717  C "C2'" . U   B 1 13 ? 12.884  -3.345  -1.367  1.00 37.47 ? 34 U   B "C2'" 1 
ATOM   718  O "O2'" . U   B 1 13 ? 13.879  -2.386  -1.057  1.00 40.23 ? 34 U   B "O2'" 1 
ATOM   719  C "C1'" . U   B 1 13 ? 11.666  -2.640  -1.959  1.00 36.81 ? 34 U   B "C1'" 1 
ATOM   720  N N1    . U   B 1 13 ? 10.408  -3.300  -1.582  1.00 34.72 ? 34 U   B N1    1 
ATOM   721  C C2    . U   B 1 13 ? 9.927   -3.035  -0.322  1.00 34.26 ? 34 U   B C2    1 
ATOM   722  O O2    . U   B 1 13 ? 10.488  -2.284  0.446   1.00 35.96 ? 34 U   B O2    1 
ATOM   723  N N3    . U   B 1 13 ? 8.769   -3.684  0.009   1.00 34.67 ? 34 U   B N3    1 
ATOM   724  C C4    . U   B 1 13 ? 8.057   -4.560  -0.777  1.00 34.69 ? 34 U   B C4    1 
ATOM   725  O O4    . U   B 1 13 ? 7.020   -5.063  -0.330  1.00 34.38 ? 34 U   B O4    1 
ATOM   726  C C5    . U   B 1 13 ? 8.615   -4.785  -2.078  1.00 33.04 ? 34 U   B C5    1 
ATOM   727  C C6    . U   B 1 13 ? 9.742   -4.157  -2.429  1.00 34.22 ? 34 U   B C6    1 
ATOM   728  P P     . G   B 1 14 ? 15.070  -5.960  -1.673  1.00 42.06 ? 35 G   B P     1 
ATOM   729  O OP1   . G   B 1 14 ? 16.518  -6.162  -1.942  1.00 45.03 ? 35 G   B OP1   1 
ATOM   730  O OP2   . G   B 1 14 ? 14.108  -7.029  -2.043  1.00 42.47 ? 35 G   B OP2   1 
ATOM   731  O "O5'" . G   B 1 14 ? 14.880  -5.638  -0.123  1.00 41.74 ? 35 G   B "O5'" 1 
ATOM   732  C "C5'" . G   B 1 14 ? 15.693  -4.683  0.543   1.00 40.89 ? 35 G   B "C5'" 1 
ATOM   733  C "C4'" . G   B 1 14 ? 15.132  -4.400  1.921   1.00 45.29 ? 35 G   B "C4'" 1 
ATOM   734  O "O4'" . G   B 1 14 ? 13.780  -3.891  1.776   1.00 46.48 ? 35 G   B "O4'" 1 
ATOM   735  C "C3'" . G   B 1 14 ? 14.993  -5.592  2.862   1.00 47.90 ? 35 G   B "C3'" 1 
ATOM   736  O "O3'" . G   B 1 14 ? 16.184  -5.790  3.623   1.00 52.18 ? 35 G   B "O3'" 1 
ATOM   737  C "C2'" . G   B 1 14 ? 13.883  -5.138  3.801   1.00 47.79 ? 35 G   B "C2'" 1 
ATOM   738  O "O2'" . G   B 1 14 ? 14.365  -4.302  4.827   1.00 50.22 ? 35 G   B "O2'" 1 
ATOM   739  C "C1'" . G   B 1 14 ? 12.985  -4.326  2.867   1.00 45.55 ? 35 G   B "C1'" 1 
ATOM   740  N N9    . G   B 1 14 ? 11.838  -5.076  2.355   1.00 42.05 ? 35 G   B N9    1 
ATOM   741  C C8    . G   B 1 14 ? 11.660  -5.584  1.086   1.00 40.20 ? 35 G   B C8    1 
ATOM   742  N N7    . G   B 1 14 ? 10.514  -6.194  0.934   1.00 38.45 ? 35 G   B N7    1 
ATOM   743  C C5    . G   B 1 14 ? 9.900   -6.087  2.175   1.00 38.10 ? 35 G   B C5    1 
ATOM   744  C C6    . G   B 1 14 ? 8.641   -6.556  2.619   1.00 36.71 ? 35 G   B C6    1 
ATOM   745  O O6    . G   B 1 14 ? 7.782   -7.162  1.978   1.00 38.13 ? 35 G   B O6    1 
ATOM   746  N N1    . G   B 1 14 ? 8.419   -6.246  3.958   1.00 35.79 ? 35 G   B N1    1 
ATOM   747  C C2    . G   B 1 14 ? 9.295   -5.557  4.763   1.00 35.63 ? 35 G   B C2    1 
ATOM   748  N N2    . G   B 1 14 ? 8.905   -5.346  6.021   1.00 33.21 ? 35 G   B N2    1 
ATOM   749  N N3    . G   B 1 14 ? 10.470  -5.107  4.359   1.00 36.07 ? 35 G   B N3    1 
ATOM   750  C C4    . G   B 1 14 ? 10.706  -5.406  3.064   1.00 38.95 ? 35 G   B C4    1 
ATOM   751  P P     . A   B 1 15 ? 16.869  -7.244  3.676   1.00 55.41 ? 36 A   B P     1 
ATOM   752  O OP1   . A   B 1 15 ? 17.879  -7.236  4.754   1.00 56.42 ? 36 A   B OP1   1 
ATOM   753  O OP2   . A   B 1 15 ? 17.264  -7.627  2.299   1.00 55.87 ? 36 A   B OP2   1 
ATOM   754  O "O5'" . A   B 1 15 ? 15.715  -8.227  4.157   1.00 57.35 ? 36 A   B "O5'" 1 
ATOM   755  C "C5'" . A   B 1 15 ? 15.595  -8.600  5.532   1.00 59.49 ? 36 A   B "C5'" 1 
ATOM   756  C "C4'" . A   B 1 15 ? 16.486  -9.785  5.832   1.00 60.68 ? 36 A   B "C4'" 1 
ATOM   757  O "O4'" . A   B 1 15 ? 17.699  -9.326  6.483   1.00 60.86 ? 36 A   B "O4'" 1 
ATOM   758  C "C3'" . A   B 1 15 ? 15.934  -10.792 6.827   1.00 61.14 ? 36 A   B "C3'" 1 
ATOM   759  O "O3'" . A   B 1 15 ? 15.078  -11.706 6.162   1.00 62.26 ? 36 A   B "O3'" 1 
ATOM   760  C "C2'" . A   B 1 15 ? 17.192  -11.507 7.294   1.00 60.40 ? 36 A   B "C2'" 1 
ATOM   761  O "O2'" . A   B 1 15 ? 17.606  -12.494 6.373   1.00 62.11 ? 36 A   B "O2'" 1 
ATOM   762  C "C1'" . A   B 1 15 ? 18.210  -10.366 7.303   1.00 59.67 ? 36 A   B "C1'" 1 
ATOM   763  N N9    . A   B 1 15 ? 18.504  -9.843  8.637   1.00 58.07 ? 36 A   B N9    1 
ATOM   764  C C8    . A   B 1 15 ? 18.506  -8.541  9.070   1.00 56.70 ? 36 A   B C8    1 
ATOM   765  N N7    . A   B 1 15 ? 18.852  -8.403  10.328  1.00 54.98 ? 36 A   B N7    1 
ATOM   766  C C5    . A   B 1 15 ? 19.085  -9.702  10.754  1.00 55.11 ? 36 A   B C5    1 
ATOM   767  C C6    . A   B 1 15 ? 19.484  -10.234 11.993  1.00 54.97 ? 36 A   B C6    1 
ATOM   768  N N6    . A   B 1 15 ? 19.738  -9.491  13.073  1.00 54.32 ? 36 A   B N6    1 
ATOM   769  N N1    . A   B 1 15 ? 19.615  -11.577 12.087  1.00 55.24 ? 36 A   B N1    1 
ATOM   770  C C2    . A   B 1 15 ? 19.363  -12.321 11.002  1.00 56.29 ? 36 A   B C2    1 
ATOM   771  N N3    . A   B 1 15 ? 18.989  -11.936 9.785   1.00 56.34 ? 36 A   B N3    1 
ATOM   772  C C4    . A   B 1 15 ? 18.866  -10.600 9.727   1.00 56.24 ? 36 A   B C4    1 
ATOM   773  P P     . A   B 1 16 ? 13.522  -11.736 6.528   1.00 63.20 ? 37 A   B P     1 
ATOM   774  O OP1   . A   B 1 16 ? 12.818  -12.367 5.387   1.00 62.83 ? 37 A   B OP1   1 
ATOM   775  O OP2   . A   B 1 16 ? 13.148  -10.367 6.957   1.00 62.15 ? 37 A   B OP2   1 
ATOM   776  O "O5'" . A   B 1 16 ? 13.427  -12.676 7.813   1.00 64.90 ? 37 A   B "O5'" 1 
ATOM   777  C "C5'" . A   B 1 16 ? 14.009  -13.985 7.850   1.00 65.71 ? 37 A   B "C5'" 1 
ATOM   778  C "C4'" . A   B 1 16 ? 14.326  -14.338 9.282   1.00 67.81 ? 37 A   B "C4'" 1 
ATOM   779  O "O4'" . A   B 1 16 ? 15.270  -13.357 9.747   1.00 69.45 ? 37 A   B "O4'" 1 
ATOM   780  C "C3'" . A   B 1 16 ? 13.116  -14.252 10.214  1.00 69.20 ? 37 A   B "C3'" 1 
ATOM   781  O "O3'" . A   B 1 16 ? 12.684  -15.582 10.522  1.00 69.35 ? 37 A   B "O3'" 1 
ATOM   782  C "C2'" . A   B 1 16 ? 13.654  -13.633 11.512  1.00 69.72 ? 37 A   B "C2'" 1 
ATOM   783  O "O2'" . A   B 1 16 ? 13.898  -14.584 12.527  1.00 71.21 ? 37 A   B "O2'" 1 
ATOM   784  C "C1'" . A   B 1 16 ? 14.987  -13.013 11.080  1.00 70.39 ? 37 A   B "C1'" 1 
ATOM   785  N N9    . A   B 1 16 ? 15.164  -11.574 11.229  1.00 71.01 ? 37 A   B N9    1 
ATOM   786  C C8    . A   B 1 16 ? 14.828  -10.559 10.367  1.00 70.89 ? 37 A   B C8    1 
ATOM   787  N N7    . A   B 1 16 ? 15.195  -9.370  10.785  1.00 71.57 ? 37 A   B N7    1 
ATOM   788  C C5    . A   B 1 16 ? 15.799  -9.619  12.012  1.00 71.47 ? 37 A   B C5    1 
ATOM   789  C C6    . A   B 1 16 ? 16.408  -8.776  12.960  1.00 72.31 ? 37 A   B C6    1 
ATOM   790  N N6    . A   B 1 16 ? 16.513  -7.449  12.819  1.00 73.11 ? 37 A   B N6    1 
ATOM   791  N N1    . A   B 1 16 ? 16.915  -9.351  14.075  1.00 71.81 ? 37 A   B N1    1 
ATOM   792  C C2    . A   B 1 16 ? 16.809  -10.681 14.216  1.00 71.28 ? 37 A   B C2    1 
ATOM   793  N N3    . A   B 1 16 ? 16.263  -11.573 13.399  1.00 70.23 ? 37 A   B N3    1 
ATOM   794  C C4    . A   B 1 16 ? 15.773  -10.970 12.301  1.00 71.09 ? 37 A   B C4    1 
ATOM   795  P P     . G   B 1 17 ? 11.621  -16.344 9.586   1.00 70.23 ? 38 G   B P     1 
ATOM   796  O OP1   . G   B 1 17 ? 11.765  -17.788 9.909   1.00 68.32 ? 38 G   B OP1   1 
ATOM   797  O OP2   . G   B 1 17 ? 11.768  -15.901 8.176   1.00 70.53 ? 38 G   B OP2   1 
ATOM   798  O "O5'" . G   B 1 17 ? 10.219  -15.838 10.148  1.00 67.73 ? 38 G   B "O5'" 1 
ATOM   799  C "C5'" . G   B 1 17 ? 9.988   -15.758 11.549  1.00 64.75 ? 38 G   B "C5'" 1 
ATOM   800  C "C4'" . G   B 1 17 ? 8.565   -15.336 11.820  1.00 63.79 ? 38 G   B "C4'" 1 
ATOM   801  O "O4'" . G   B 1 17 ? 8.364   -13.971 11.356  1.00 62.47 ? 38 G   B "O4'" 1 
ATOM   802  C "C3'" . G   B 1 17 ? 7.499   -16.137 11.092  1.00 63.19 ? 38 G   B "C3'" 1 
ATOM   803  O "O3'" . G   B 1 17 ? 7.148   -17.325 11.784  1.00 64.50 ? 38 G   B "O3'" 1 
ATOM   804  C "C2'" . G   B 1 17 ? 6.347   -15.153 11.070  1.00 61.63 ? 38 G   B "C2'" 1 
ATOM   805  O "O2'" . G   B 1 17 ? 5.760   -15.046 12.349  1.00 61.56 ? 38 G   B "O2'" 1 
ATOM   806  C "C1'" . G   B 1 17 ? 7.091   -13.861 10.738  1.00 60.94 ? 38 G   B "C1'" 1 
ATOM   807  N N9    . G   B 1 17 ? 7.306   -13.702 9.301   1.00 58.25 ? 38 G   B N9    1 
ATOM   808  C C8    . G   B 1 17 ? 8.518   -13.600 8.662   1.00 56.82 ? 38 G   B C8    1 
ATOM   809  N N7    . G   B 1 17 ? 8.406   -13.486 7.369   1.00 55.79 ? 38 G   B N7    1 
ATOM   810  C C5    . G   B 1 17 ? 7.042   -13.507 7.135   1.00 55.88 ? 38 G   B C5    1 
ATOM   811  C C6    . G   B 1 17 ? 6.322   -13.417 5.918   1.00 56.36 ? 38 G   B C6    1 
ATOM   812  O O6    . G   B 1 17 ? 6.766   -13.293 4.769   1.00 55.30 ? 38 G   B O6    1 
ATOM   813  N N1    . G   B 1 17 ? 4.947   -13.485 6.132   1.00 55.90 ? 38 G   B N1    1 
ATOM   814  C C2    . G   B 1 17 ? 4.346   -13.623 7.360   1.00 56.31 ? 38 G   B C2    1 
ATOM   815  N N2    . G   B 1 17 ? 3.014   -13.675 7.358   1.00 57.62 ? 38 G   B N2    1 
ATOM   816  N N3    . G   B 1 17 ? 5.007   -13.703 8.505   1.00 55.71 ? 38 G   B N3    1 
ATOM   817  C C4    . G   B 1 17 ? 6.344   -13.639 8.318   1.00 56.90 ? 38 G   B C4    1 
ATOM   818  P P     . U   B 1 18 ? 6.910   -18.679 10.948  1.00 67.43 ? 39 U   B P     1 
ATOM   819  O OP1   . U   B 1 18 ? 6.606   -19.757 11.924  1.00 67.46 ? 39 U   B OP1   1 
ATOM   820  O OP2   . U   B 1 18 ? 8.057   -18.833 10.010  1.00 65.43 ? 39 U   B OP2   1 
ATOM   821  O "O5'" . U   B 1 18 ? 5.590   -18.403 10.092  1.00 66.14 ? 39 U   B "O5'" 1 
ATOM   822  C "C5'" . U   B 1 18 ? 4.347   -18.125 10.736  1.00 65.85 ? 39 U   B "C5'" 1 
ATOM   823  C "C4'" . U   B 1 18 ? 3.217   -18.104 9.734   1.00 65.24 ? 39 U   B "C4'" 1 
ATOM   824  O "O4'" . U   B 1 18 ? 3.401   -17.005 8.805   1.00 65.23 ? 39 U   B "O4'" 1 
ATOM   825  C "C3'" . U   B 1 18 ? 3.085   -19.320 8.831   1.00 64.84 ? 39 U   B "C3'" 1 
ATOM   826  O "O3'" . U   B 1 18 ? 2.401   -20.376 9.496   1.00 63.90 ? 39 U   B "O3'" 1 
ATOM   827  C "C2'" . U   B 1 18 ? 2.260   -18.766 7.674   1.00 64.01 ? 39 U   B "C2'" 1 
ATOM   828  O "O2'" . U   B 1 18 ? 0.875   -18.724 7.956   1.00 64.64 ? 39 U   B "O2'" 1 
ATOM   829  C "C1'" . U   B 1 18 ? 2.799   -17.336 7.563   1.00 63.74 ? 39 U   B "C1'" 1 
ATOM   830  N N1    . U   B 1 18 ? 3.787   -17.141 6.493   1.00 62.75 ? 39 U   B N1    1 
ATOM   831  C C2    . U   B 1 18 ? 3.323   -17.074 5.191   1.00 62.34 ? 39 U   B C2    1 
ATOM   832  O O2    . U   B 1 18 ? 2.148   -17.226 4.894   1.00 61.93 ? 39 U   B O2    1 
ATOM   833  N N3    . U   B 1 18 ? 4.287   -16.832 4.245   1.00 62.71 ? 39 U   B N3    1 
ATOM   834  C C4    . U   B 1 18 ? 5.637   -16.662 4.459   1.00 62.59 ? 39 U   B C4    1 
ATOM   835  O O4    . U   B 1 18 ? 6.360   -16.348 3.513   1.00 63.69 ? 39 U   B O4    1 
ATOM   836  C C5    . U   B 1 18 ? 6.041   -16.781 5.827   1.00 62.08 ? 39 U   B C5    1 
ATOM   837  C C6    . U   B 1 18 ? 5.124   -17.009 6.774   1.00 62.15 ? 39 U   B C6    1 
ATOM   838  P P     . C   B 1 19 ? 2.679   -21.901 9.067   1.00 64.09 ? 40 C   B P     1 
ATOM   839  O OP1   . C   B 1 19 ? 2.021   -22.738 10.103  1.00 63.92 ? 40 C   B OP1   1 
ATOM   840  O OP2   . C   B 1 19 ? 4.126   -22.082 8.781   1.00 63.50 ? 40 C   B OP2   1 
ATOM   841  O "O5'" . C   B 1 19 ? 1.903   -22.081 7.687   1.00 63.41 ? 40 C   B "O5'" 1 
ATOM   842  C "C5'" . C   B 1 19 ? 0.483   -22.151 7.641   1.00 63.19 ? 40 C   B "C5'" 1 
ATOM   843  C "C4'" . C   B 1 19 ? 0.004   -22.033 6.215   1.00 64.50 ? 40 C   B "C4'" 1 
ATOM   844  O "O4'" . C   B 1 19 ? 0.442   -20.757 5.676   1.00 63.73 ? 40 C   B "O4'" 1 
ATOM   845  C "C3'" . C   B 1 19 ? 0.594   -23.036 5.237   1.00 66.75 ? 40 C   B "C3'" 1 
ATOM   846  O "O3'" . C   B 1 19 ? -0.068  -24.290 5.260   1.00 69.88 ? 40 C   B "O3'" 1 
ATOM   847  C "C2'" . C   B 1 19 ? 0.397   -22.337 3.901   1.00 65.52 ? 40 C   B "C2'" 1 
ATOM   848  O "O2'" . C   B 1 19 ? -0.904  -22.464 3.368   1.00 65.21 ? 40 C   B "O2'" 1 
ATOM   849  C "C1'" . C   B 1 19 ? 0.683   -20.886 4.280   1.00 63.99 ? 40 C   B "C1'" 1 
ATOM   850  N N1    . C   B 1 19 ? 2.088   -20.554 3.999   1.00 62.10 ? 40 C   B N1    1 
ATOM   851  C C2    . C   B 1 19 ? 2.434   -20.214 2.690   1.00 61.17 ? 40 C   B C2    1 
ATOM   852  O O2    . C   B 1 19 ? 1.539   -20.164 1.832   1.00 60.64 ? 40 C   B O2    1 
ATOM   853  N N3    . C   B 1 19 ? 3.726   -19.952 2.392   1.00 59.77 ? 40 C   B N3    1 
ATOM   854  C C4    . C   B 1 19 ? 4.655   -20.020 3.345   1.00 59.34 ? 40 C   B C4    1 
ATOM   855  N N4    . C   B 1 19 ? 5.920   -19.779 3.000   1.00 59.35 ? 40 C   B N4    1 
ATOM   856  C C5    . C   B 1 19 ? 4.328   -20.346 4.697   1.00 59.55 ? 40 C   B C5    1 
ATOM   857  C C6    . C   B 1 19 ? 3.041   -20.600 4.976   1.00 60.79 ? 40 C   B C6    1 
ATOM   858  P P     . G   B 1 20 ? 0.656   -25.566 4.609   1.00 72.85 ? 41 G   B P     1 
ATOM   859  O OP1   . G   B 1 20 ? -0.270  -26.725 4.736   1.00 73.42 ? 41 G   B OP1   1 
ATOM   860  O OP2   . G   B 1 20 ? 2.023   -25.650 5.191   1.00 70.87 ? 41 G   B OP2   1 
ATOM   861  O "O5'" . G   B 1 20 ? 0.777   -25.186 3.064   1.00 71.40 ? 41 G   B "O5'" 1 
ATOM   862  C "C5'" . G   B 1 20 ? -0.383  -25.121 2.241   1.00 71.81 ? 41 G   B "C5'" 1 
ATOM   863  C "C4'" . G   B 1 20 ? 0.004   -25.131 0.784   1.00 71.91 ? 41 G   B "C4'" 1 
ATOM   864  O "O4'" . G   B 1 20 ? 0.588   -23.854 0.400   1.00 71.05 ? 41 G   B "O4'" 1 
ATOM   865  C "C3'" . G   B 1 20 ? 1.075   -26.136 0.407   1.00 72.22 ? 41 G   B "C3'" 1 
ATOM   866  O "O3'" . G   B 1 20 ? 0.547   -27.444 0.266   1.00 74.74 ? 41 G   B "O3'" 1 
ATOM   867  C "C2'" . G   B 1 20 ? 1.585   -25.562 -0.906  1.00 71.14 ? 41 G   B "C2'" 1 
ATOM   868  O "O2'" . G   B 1 20 ? 0.714   -25.825 -1.992  1.00 70.68 ? 41 G   B "O2'" 1 
ATOM   869  C "C1'" . G   B 1 20 ? 1.593   -24.068 -0.582  1.00 69.18 ? 41 G   B "C1'" 1 
ATOM   870  N N9    . G   B 1 20 ? 2.875   -23.639 -0.025  1.00 67.18 ? 41 G   B N9    1 
ATOM   871  C C8    . G   B 1 20 ? 3.229   -23.580 1.304   1.00 65.90 ? 41 G   B C8    1 
ATOM   872  N N7    . G   B 1 20 ? 4.455   -23.167 1.489   1.00 64.35 ? 41 G   B N7    1 
ATOM   873  C C5    . G   B 1 20 ? 4.937   -22.938 0.207   1.00 63.52 ? 41 G   B C5    1 
ATOM   874  C C6    . G   B 1 20 ? 6.211   -22.478 -0.231  1.00 62.33 ? 41 G   B C6    1 
ATOM   875  O O6    . G   B 1 20 ? 7.198   -22.173 0.447   1.00 59.95 ? 41 G   B O6    1 
ATOM   876  N N1    . G   B 1 20 ? 6.269   -22.384 -1.617  1.00 62.19 ? 41 G   B N1    1 
ATOM   877  C C2    . G   B 1 20 ? 5.239   -22.686 -2.473  1.00 62.61 ? 41 G   B C2    1 
ATOM   878  N N2    . G   B 1 20 ? 5.485   -22.512 -3.777  1.00 62.44 ? 41 G   B N2    1 
ATOM   879  N N3    . G   B 1 20 ? 4.053   -23.122 -2.080  1.00 63.56 ? 41 G   B N3    1 
ATOM   880  C C4    . G   B 1 20 ? 3.973   -23.222 -0.738  1.00 64.84 ? 41 G   B C4    1 
ATOM   881  P P     . C   B 1 21 ? 1.555   -28.691 0.166   1.00 76.04 ? 42 C   B P     1 
ATOM   882  O OP1   . C   B 1 21 ? 0.767   -29.926 0.396   1.00 77.45 ? 42 C   B OP1   1 
ATOM   883  O OP2   . C   B 1 21 ? 2.749   -28.414 1.007   1.00 75.23 ? 42 C   B OP2   1 
ATOM   884  O "O5'" . C   B 1 21 ? 2.008   -28.674 -1.357  1.00 74.98 ? 42 C   B "O5'" 1 
ATOM   885  C "C5'" . C   B 1 21 ? 3.231   -29.271 -1.753  1.00 74.24 ? 42 C   B "C5'" 1 
ATOM   886  C "C4'" . C   B 1 21 ? 3.773   -28.573 -2.970  1.00 73.13 ? 42 C   B "C4'" 1 
ATOM   887  O "O4'" . C   B 1 21 ? 3.926   -27.156 -2.682  1.00 72.60 ? 42 C   B "O4'" 1 
ATOM   888  C "C3'" . C   B 1 21 ? 5.161   -29.016 -3.395  1.00 73.38 ? 42 C   B "C3'" 1 
ATOM   889  O "O3'" . C   B 1 21 ? 5.202   -30.295 -4.048  1.00 74.23 ? 42 C   B "O3'" 1 
ATOM   890  C "C2'" . C   B 1 21 ? 5.634   -27.809 -4.190  1.00 73.20 ? 42 C   B "C2'" 1 
ATOM   891  O "O2'" . C   B 1 21 ? 5.036   -27.755 -5.474  1.00 72.84 ? 42 C   B "O2'" 1 
ATOM   892  C "C1'" . C   B 1 21 ? 5.098   -26.665 -3.321  1.00 71.85 ? 42 C   B "C1'" 1 
ATOM   893  N N1    . C   B 1 21 ? 6.043   -26.213 -2.276  1.00 68.93 ? 42 C   B N1    1 
ATOM   894  C C2    . C   B 1 21 ? 7.199   -25.528 -2.661  1.00 67.15 ? 42 C   B C2    1 
ATOM   895  O O2    . C   B 1 21 ? 7.385   -25.301 -3.860  1.00 67.37 ? 42 C   B O2    1 
ATOM   896  N N3    . C   B 1 21 ? 8.079   -25.125 -1.716  1.00 65.62 ? 42 C   B N3    1 
ATOM   897  C C4    . C   B 1 21 ? 7.835   -25.376 -0.427  1.00 64.95 ? 42 C   B C4    1 
ATOM   898  N N4    . C   B 1 21 ? 8.732   -24.967 0.472   1.00 61.27 ? 42 C   B N4    1 
ATOM   899  C C5    . C   B 1 21 ? 6.658   -26.059 -0.003  1.00 65.87 ? 42 C   B C5    1 
ATOM   900  C C6    . C   B 1 21 ? 5.799   -26.458 -0.953  1.00 68.04 ? 42 C   B C6    1 
HETATM 901  C C11   . JS6 C 2 .  ? -9.733  10.053  -3.580  1.00 25.58 ? 50 JS6 A C11   1 
HETATM 902  O O11   . JS6 C 2 .  ? -10.487 11.207  -3.672  1.00 30.19 ? 50 JS6 A O11   1 
HETATM 903  C C12   . JS6 C 2 .  ? -10.730 15.266  -1.963  1.00 32.78 ? 50 JS6 A C12   1 
HETATM 904  N N12   . JS6 C 2 .  ? -10.695 16.360  -0.950  1.00 39.02 ? 50 JS6 A N12   1 
HETATM 905  C C13   . JS6 C 2 .  ? -7.285  13.015  -4.417  1.00 41.82 ? 50 JS6 A C13   1 
HETATM 906  C C14   . JS6 C 2 .  ? -3.378  12.090  -2.016  1.00 35.97 ? 50 JS6 A C14   1 
HETATM 907  C C15   . JS6 C 2 .  ? -4.855  15.771  -5.416  1.00 51.41 ? 50 JS6 A C15   1 
HETATM 908  C C16   . JS6 C 2 .  ? -4.882  15.646  -11.496 1.00 72.85 ? 50 JS6 A C16   1 
HETATM 909  C C21   . JS6 C 2 .  ? -9.708  9.345   -4.992  1.00 23.56 ? 50 JS6 A C21   1 
HETATM 910  N N21   . JS6 C 2 .  ? -9.158  10.302  -5.939  1.00 22.98 ? 50 JS6 A N21   1 
HETATM 911  C C22   . JS6 C 2 .  ? -11.807 14.163  -1.503  1.00 31.25 ? 50 JS6 A C22   1 
HETATM 912  C C23   . JS6 C 2 .  ? -5.998  13.729  -4.009  1.00 42.40 ? 50 JS6 A C23   1 
HETATM 913  O O23   . JS6 C 2 .  ? -5.606  14.496  -5.244  1.00 46.02 ? 50 JS6 A O23   1 
HETATM 914  C C24   . JS6 C 2 .  ? -1.834  12.641  -1.773  1.00 36.70 ? 50 JS6 A C24   1 
HETATM 915  N N24   . JS6 C 2 .  ? -0.993  12.216  -2.948  1.00 38.21 ? 50 JS6 A N24   1 
HETATM 916  C C25   . JS6 C 2 .  ? -5.308  16.384  -6.738  1.00 55.98 ? 50 JS6 A C25   1 
HETATM 917  N N25   . JS6 C 2 .  ? -5.002  15.406  -7.844  1.00 60.89 ? 50 JS6 A N25   1 
HETATM 918  C C26   . JS6 C 2 .  ? -5.857  16.030  -12.495 1.00 73.83 ? 50 JS6 A C26   1 
HETATM 919  C C31   . JS6 C 2 .  ? -11.246 8.860   -5.395  1.00 25.46 ? 50 JS6 A C31   1 
HETATM 920  O O31   . JS6 C 2 .  ? -10.870 8.313   -6.668  1.00 23.54 ? 50 JS6 A O31   1 
HETATM 921  C C32   . JS6 C 2 .  ? -11.871 12.932  -2.594  1.00 29.95 ? 50 JS6 A C32   1 
HETATM 922  N N32   . JS6 C 2 .  ? -12.823 11.968  -2.203  1.00 30.07 ? 50 JS6 A N32   1 
HETATM 923  C C33   . JS6 C 2 .  ? -5.229  12.480  -3.536  1.00 41.12 ? 50 JS6 A C33   1 
HETATM 924  O O33   . JS6 C 2 .  ? -3.852  12.629  -3.257  1.00 39.99 ? 50 JS6 A O33   1 
HETATM 925  C C34   . JS6 C 2 .  ? -1.294  12.014  -0.418  1.00 35.27 ? 50 JS6 A C34   1 
HETATM 926  O O34   . JS6 C 2 .  ? -2.176  12.520  0.660   1.00 40.85 ? 50 JS6 A O34   1 
HETATM 927  C C35   . JS6 C 2 .  ? -5.841  15.556  -9.150  1.00 65.40 ? 50 JS6 A C35   1 
HETATM 928  C C36   . JS6 C 2 .  ? -5.468  16.888  -13.586 1.00 74.80 ? 50 JS6 A C36   1 
HETATM 929  C C41   . JS6 C 2 .  ? -11.736 7.821   -4.285  1.00 25.75 ? 50 JS6 A C41   1 
HETATM 930  O O41   . JS6 C 2 .  ? -12.676 7.387   -4.580  1.00 26.76 ? 50 JS6 A O41   1 
HETATM 931  C C42   . JS6 C 2 .  ? -10.408 12.252  -2.739  1.00 31.40 ? 50 JS6 A C42   1 
HETATM 932  C C43   . JS6 C 2 .  ? -5.574  11.404  -4.642  1.00 41.84 ? 50 JS6 A C43   1 
HETATM 933  O O43   . JS6 C 2 .  ? -6.875  11.821  -5.124  1.00 42.01 ? 50 JS6 A O43   1 
HETATM 934  C C44   . JS6 C 2 .  ? -1.334  10.360  -0.505  1.00 33.77 ? 50 JS6 A C44   1 
HETATM 935  O O44   . JS6 C 2 .  ? -0.440  9.890   -1.598  1.00 31.37 ? 50 JS6 A O44   1 
HETATM 936  C C45   . JS6 C 2 .  ? -5.294  14.728  -10.327 1.00 69.83 ? 50 JS6 A C45   1 
HETATM 937  C C46   . JS6 C 2 .  ? -4.108  17.365  -13.686 1.00 75.18 ? 50 JS6 A C46   1 
HETATM 938  C C51   . JS6 C 2 .  ? -11.643 8.552   -2.834  1.00 23.94 ? 50 JS6 A C51   1 
HETATM 939  O O51   . JS6 C 2 .  ? -10.296 9.036   -2.636  1.00 22.26 ? 50 JS6 A O51   1 
HETATM 940  C C52   . JS6 C 2 .  ? -9.409  13.394  -3.189  1.00 35.81 ? 50 JS6 A C52   1 
HETATM 941  O O52   . JS6 C 2 .  ? -8.148  12.740  -3.308  1.00 38.28 ? 50 JS6 A O52   1 
HETATM 942  C C53   . JS6 C 2 .  ? -5.794  9.949   -4.200  1.00 40.61 ? 50 JS6 A C53   1 
HETATM 943  O O53   . JS6 C 2 .  ? -6.412  9.716   -2.979  1.00 39.30 ? 50 JS6 A O53   1 
HETATM 944  C C54   . JS6 C 2 .  ? -2.879  9.885   -0.770  1.00 34.09 ? 50 JS6 A C54   1 
HETATM 945  O O54   . JS6 C 2 .  ? -3.367  10.546  -2.050  1.00 35.64 ? 50 JS6 A O54   1 
HETATM 946  C C56   . JS6 C 2 .  ? -3.133  16.985  -12.693 1.00 75.13 ? 50 JS6 A C56   1 
HETATM 947  C C61   . JS6 C 2 .  ? -12.056 7.570   -1.799  1.00 24.44 ? 50 JS6 A C61   1 
HETATM 948  O O61   . JS6 C 2 .  ? -12.117 8.185   -0.605  1.00 22.83 ? 50 JS6 A O61   1 
HETATM 949  C C62   . JS6 C 2 .  ? -9.361  14.569  -2.101  1.00 33.32 ? 50 JS6 A C62   1 
HETATM 950  O O62   . JS6 C 2 .  ? -8.516  15.565  -2.507  1.00 33.07 ? 50 JS6 A O62   1 
HETATM 951  C C64   . JS6 C 2 .  ? -2.893  8.337   -0.873  1.00 32.39 ? 50 JS6 A C64   1 
HETATM 952  N N64   . JS6 C 2 .  ? -2.445  7.947   -2.172  1.00 28.08 ? 50 JS6 A N64   1 
HETATM 953  C C66   . JS6 C 2 .  ? -3.518  16.127  -11.599 1.00 74.10 ? 50 JS6 A C66   1 
HETATM 954  C C11   . JS6 D 2 .  ? 9.821   -10.544 3.229   1.00 53.95 ? 51 JS6 B C11   1 
HETATM 955  O O11   . JS6 D 2 .  ? 10.389  -11.780 3.442   1.00 55.59 ? 51 JS6 B O11   1 
HETATM 956  C C12   . JS6 D 2 .  ? 9.557   -16.115 2.897   1.00 58.98 ? 51 JS6 B C12   1 
HETATM 957  N N12   . JS6 D 2 .  ? 8.825   -17.417 2.898   1.00 58.61 ? 51 JS6 B N12   1 
HETATM 958  C C13   . JS6 D 2 .  ? 9.710   -12.583 -0.290  1.00 64.57 ? 51 JS6 B C13   1 
HETATM 959  C C14   . JS6 D 2 .  ? 5.865   -10.967 -2.389  1.00 64.84 ? 51 JS6 B C14   1 
HETATM 960  C C15   . JS6 D 2 .  ? 9.828   -13.274 -3.877  1.00 74.92 ? 51 JS6 B C15   1 
HETATM 961  C C16   . JS6 D 2 .  ? 14.678  -12.543 -6.491  1.00 90.76 ? 51 JS6 B C16   1 
HETATM 962  C C21   . JS6 D 2 .  ? 10.912  -9.489  2.721   1.00 53.01 ? 51 JS6 B C21   1 
HETATM 963  N N21   . JS6 D 2 .  ? 11.557  -10.049 1.534   1.00 51.10 ? 51 JS6 B N21   1 
HETATM 964  C C22   . JS6 D 2 .  ? 9.497   -15.475 4.375   1.00 57.82 ? 51 JS6 B C22   1 
HETATM 965  C C23   . JS6 D 2 .  ? 8.727   -12.984 -1.393  1.00 66.64 ? 51 JS6 B C23   1 
HETATM 966  O O23   . JS6 D 2 .  ? 9.595   -13.615 -2.452  1.00 68.95 ? 51 JS6 B O23   1 
HETATM 967  C C24   . JS6 D 2 .  ? 4.951   -11.195 -3.737  1.00 65.06 ? 51 JS6 B C24   1 
HETATM 968  N N24   . JS6 D 2 .  ? 5.562   -10.390 -4.859  1.00 65.92 ? 51 JS6 B N24   1 
HETATM 969  C C25   . JS6 D 2 .  ? 11.195  -13.838 -4.244  1.00 78.53 ? 51 JS6 B C25   1 
HETATM 970  N N25   . JS6 D 2 .  ? 12.244  -12.962 -3.605  1.00 83.23 ? 51 JS6 B N25   1 
HETATM 971  C C26   . JS6 D 2 .  ? 16.117  -12.542 -6.604  1.00 91.01 ? 51 JS6 B C26   1 
HETATM 972  C C31   . JS6 D 2 .  ? 11.990  -9.155  3.935   1.00 52.96 ? 51 JS6 B C31   1 
HETATM 973  O O31   . JS6 D 2 .  ? 12.772  -8.233  3.170   1.00 53.42 ? 51 JS6 B O31   1 
HETATM 974  C C32   . JS6 D 2 .  ? 10.292  -14.031 4.421   1.00 57.07 ? 51 JS6 B C32   1 
HETATM 975  N N32   . JS6 D 2 .  ? 10.248  -13.462 5.711   1.00 57.22 ? 51 JS6 B N32   1 
HETATM 976  C C33   . JS6 D 2 .  ? 8.026   -11.609 -1.566  1.00 65.62 ? 51 JS6 B C33   1 
HETATM 977  O O33   . JS6 D 2 .  ? 7.206   -11.392 -2.682  1.00 66.10 ? 51 JS6 B O33   1 
HETATM 978  C C34   . JS6 D 2 .  ? 3.466   -10.721 -3.411  1.00 65.25 ? 51 JS6 B C34   1 
HETATM 979  O O34   . JS6 D 2 .  ? 3.013   -11.598 -2.304  1.00 66.25 ? 51 JS6 B O34   1 
HETATM 980  C C35   . JS6 D 2 .  ? 13.684  -13.055 -4.206  1.00 86.14 ? 51 JS6 B C35   1 
HETATM 981  C C36   . JS6 D 2 .  ? 16.749  -13.093 -7.774  1.00 91.49 ? 51 JS6 B C36   1 
HETATM 982  C C41   . JS6 D 2 .  ? 11.189  -8.539  5.154   1.00 54.27 ? 51 JS6 B C41   1 
HETATM 983  O O41   . JS6 D 2 .  ? 11.882  -8.166  5.875   1.00 56.62 ? 51 JS6 B O41   1 
HETATM 984  C C42   . JS6 D 2 .  ? 9.661   -13.000 3.361   1.00 56.80 ? 51 JS6 B C42   1 
HETATM 985  C C43   . JS6 D 2 .  ? 9.169   -10.556 -1.412  1.00 64.91 ? 51 JS6 B C43   1 
HETATM 986  O O43   . JS6 D 2 .  ? 10.150  -11.237 -0.590  1.00 64.88 ? 51 JS6 B O43   1 
HETATM 987  C C44   . JS6 D 2 .  ? 3.450   -9.119  -2.973  1.00 64.26 ? 51 JS6 B C44   1 
HETATM 988  O O44   . JS6 D 2 .  ? 3.902   -8.267  -4.108  1.00 65.14 ? 51 JS6 B O44   1 
HETATM 989  C C45   . JS6 D 2 .  ? 13.998  -11.951 -5.237  1.00 88.81 ? 51 JS6 B C45   1 
HETATM 990  C C46   . JS6 D 2 .  ? 15.946  -13.650 -8.836  1.00 92.19 ? 51 JS6 B C46   1 
HETATM 991  C C51   . JS6 D 2 .  ? 10.056  -9.622  5.623   1.00 53.78 ? 51 JS6 B C51   1 
HETATM 992  O O51   . JS6 D 2 .  ? 9.210   -9.927  4.459   1.00 53.63 ? 51 JS6 B O51   1 
HETATM 993  C C52   . JS6 D 2 .  ? 9.744   -13.692 1.925   1.00 59.73 ? 51 JS6 B C52   1 
HETATM 994  O O52   . JS6 D 2 .  ? 9.175   -12.744 1.026   1.00 61.15 ? 51 JS6 B O52   1 
HETATM 995  C C53   . JS6 D 2 .  ? 8.844   -9.262  -0.652  1.00 63.13 ? 51 JS6 B C53   1 
HETATM 996  O O53   . JS6 D 2 .  ? 8.034   -9.350  0.474   1.00 63.26 ? 51 JS6 B O53   1 
HETATM 997  C C54   . JS6 D 2 .  ? 4.419   -8.926  -1.673  1.00 63.77 ? 51 JS6 B C54   1 
HETATM 998  O O54   . JS6 D 2 .  ? 5.814   -9.458  -2.008  1.00 64.44 ? 51 JS6 B O54   1 
HETATM 999  C C56   . JS6 D 2 .  ? 14.509  -13.655 -8.731  1.00 92.05 ? 51 JS6 B C56   1 
HETATM 1000 C C61   . JS6 D 2 .  ? 9.289   -9.022  6.759   1.00 51.40 ? 51 JS6 B C61   1 
HETATM 1001 O O61   . JS6 D 2 .  ? 9.541   -9.676  7.915   1.00 50.09 ? 51 JS6 B O61   1 
HETATM 1002 C C62   . JS6 D 2 .  ? 8.933   -15.076 1.909   1.00 59.11 ? 51 JS6 B C62   1 
HETATM 1003 O O62   . JS6 D 2 .  ? 9.016   -15.673 0.672   1.00 59.30 ? 51 JS6 B O62   1 
HETATM 1004 C C64   . JS6 D 2 .  ? 4.411   -7.412  -1.303  1.00 63.06 ? 51 JS6 B C64   1 
HETATM 1005 N N64   . JS6 D 2 .  ? 5.357   -6.709  -2.109  1.00 59.60 ? 51 JS6 B N64   1 
HETATM 1006 C C66   . JS6 D 2 .  ? 13.874  -13.103 -7.560  1.00 91.67 ? 51 JS6 B C66   1 
HETATM 1007 O O     . HOH E 3 .  ? -17.378 14.630  6.688   1.00 44.67 ? 22 HOH A O     1 
HETATM 1008 O O     . HOH E 3 .  ? -7.942  1.763   -6.863  1.00 27.84 ? 23 HOH A O     1 
HETATM 1009 O O     . HOH E 3 .  ? -7.596  2.164   -10.166 1.00 27.09 ? 24 HOH A O     1 
HETATM 1010 O O     . HOH E 3 .  ? -10.854 12.193  -6.963  1.00 28.36 ? 25 HOH A O     1 
HETATM 1011 O O     . HOH E 3 .  ? -5.988  10.245  -0.452  1.00 47.58 ? 26 HOH A O     1 
HETATM 1012 O O     . HOH E 3 .  ? -3.421  9.839   -6.486  1.00 25.50 ? 27 HOH A O     1 
HETATM 1013 O O     . HOH E 3 .  ? -9.301  9.756   -8.723  1.00 28.03 ? 28 HOH A O     1 
HETATM 1014 O O     . HOH E 3 .  ? 0.166   2.241   -0.151  1.00 31.11 ? 29 HOH A O     1 
HETATM 1015 O O     . HOH E 3 .  ? -14.731 8.968   -1.036  1.00 24.42 ? 30 HOH A O     1 
HETATM 1016 O O     . HOH E 3 .  ? -7.676  6.779   -14.488 1.00 29.88 ? 31 HOH A O     1 
HETATM 1017 O O     . HOH E 3 .  ? -25.172 5.683   -7.817  1.00 42.32 ? 33 HOH A O     1 
HETATM 1018 O O     . HOH E 3 .  ? -1.664  9.926   -4.157  1.00 41.15 ? 39 HOH A O     1 
HETATM 1019 O O     . HOH E 3 .  ? -16.058 8.446   1.228   1.00 33.00 ? 40 HOH A O     1 
HETATM 1020 O O     . HOH E 3 .  ? -14.752 4.718   -5.035  1.00 41.36 ? 41 HOH A O     1 
HETATM 1021 O O     . HOH E 3 .  ? -9.221  12.952  -9.065  1.00 38.03 ? 46 HOH A O     1 
HETATM 1022 O O     . HOH E 3 .  ? 1.603   4.433   0.049   1.00 25.87 ? 47 HOH A O     1 
HETATM 1023 O O     . HOH E 3 .  ? -2.105  14.328  -4.817  1.00 39.00 ? 49 HOH A O     1 
HETATM 1024 O O     . HOH E 3 .  ? 5.480   -10.151 1.300   1.00 42.05 ? 56 HOH A O     1 
HETATM 1025 O O     . HOH E 3 .  ? -10.710 1.838   -4.901  1.00 48.42 ? 72 HOH A O     1 
HETATM 1026 O O     . HOH E 3 .  ? -1.292  4.830   -0.442  1.00 53.32 ? 74 HOH A O     1 
HETATM 1027 O O     . HOH F 3 .  ? 0.975   -3.926  -2.417  1.00 31.16 ? 1  HOH B O     1 
HETATM 1028 O O     . HOH F 3 .  ? -6.161  -0.444  2.818   1.00 26.21 ? 4  HOH B O     1 
HETATM 1029 O O     . HOH F 3 .  ? 12.158  0.076   1.011   1.00 36.41 ? 7  HOH B O     1 
HETATM 1030 O O     . HOH F 3 .  ? 16.591  -12.977 4.048   1.00 36.13 ? 8  HOH B O     1 
HETATM 1031 O O     . HOH F 3 .  ? 11.555  0.584   -4.611  1.00 47.50 ? 11 HOH B O     1 
HETATM 1032 O O     . HOH F 3 .  ? 10.376  -7.809  -3.551  1.00 48.17 ? 12 HOH B O     1 
HETATM 1033 O O     . HOH F 3 .  ? 6.217   -20.013 8.095   1.00 32.39 ? 14 HOH B O     1 
HETATM 1034 O O     . HOH F 3 .  ? -5.138  8.753   1.607   1.00 40.07 ? 16 HOH B O     1 
HETATM 1035 O O     . HOH F 3 .  ? 3.766   -4.173  -0.790  1.00 31.87 ? 43 HOH B O     1 
HETATM 1036 O O     . HOH F 3 .  ? 5.807   -3.195  -12.301 1.00 48.03 ? 44 HOH B O     1 
HETATM 1037 O O     . HOH F 3 .  ? 1.450   -2.573  -0.445  1.00 39.52 ? 45 HOH B O     1 
HETATM 1038 O O     . HOH F 3 .  ? -4.350  -6.798  -1.103  1.00 31.30 ? 46 HOH B O     1 
HETATM 1039 O O     . HOH F 3 .  ? -7.406  18.602  -2.814  1.00 41.48 ? 47 HOH B O     1 
HETATM 1040 O O     . HOH F 3 .  ? 13.981  -8.882  0.498   1.00 46.86 ? 60 HOH B O     1 
HETATM 1041 O O     . HOH F 3 .  ? -2.535  -22.597 0.552   1.00 48.70 ? 61 HOH B O     1 
HETATM 1042 O O     . HOH F 3 .  ? 4.427   -5.245  -4.152  1.00 47.51 ? 62 HOH B O     1 
HETATM 1043 O O     . HOH F 3 .  ? 5.899   -23.161 4.109   1.00 27.69 ? 69 HOH B O     1 
HETATM 1044 O O     . HOH F 3 .  ? 6.447   -5.406  -11.347 1.00 49.39 ? 73 HOH B O     1 
# 
loop_
_pdbx_poly_seq_scheme.asym_id 
_pdbx_poly_seq_scheme.entity_id 
_pdbx_poly_seq_scheme.seq_id 
_pdbx_poly_seq_scheme.mon_id 
_pdbx_poly_seq_scheme.ndb_seq_num 
_pdbx_poly_seq_scheme.pdb_seq_num 
_pdbx_poly_seq_scheme.auth_seq_num 
_pdbx_poly_seq_scheme.pdb_mon_id 
_pdbx_poly_seq_scheme.auth_mon_id 
_pdbx_poly_seq_scheme.pdb_strand_id 
_pdbx_poly_seq_scheme.pdb_ins_code 
_pdbx_poly_seq_scheme.hetero 
A 1 1  G 1  1  1  G G A . n 
A 1 2  C 2  2  2  C C A . n 
A 1 3  G 3  3  3  G G A . n 
A 1 4  U 4  4  4  U U A . n 
A 1 5  C 5  5  5  C C A . n 
A 1 6  A 6  6  6  A A A . n 
A 1 7  C 7  7  7  C C A . n 
A 1 8  A 8  8  8  A A A . n 
A 1 9  C 9  9  9  C C A . n 
A 1 10 C 10 10 10 C C A . n 
A 1 11 G 11 11 11 G G A . n 
A 1 12 G 12 12 12 G G A . n 
A 1 13 U 13 13 13 U U A . n 
A 1 14 G 14 14 14 G G A . n 
A 1 15 A 15 15 15 A A A . n 
A 1 16 A 16 16 16 A A A . n 
A 1 17 G 17 17 17 G G A . n 
A 1 18 U 18 18 18 U U A . n 
A 1 19 C 19 19 19 C C A . n 
A 1 20 G 20 20 20 G G A . n 
A 1 21 C 21 21 21 C C A . n 
B 1 1  G 1  22 22 G G B . n 
B 1 2  C 2  23 23 C C B . n 
B 1 3  G 3  24 24 G G B . n 
B 1 4  U 4  25 25 U U B . n 
B 1 5  C 5  26 26 C C B . n 
B 1 6  A 6  27 27 A A B . n 
B 1 7  C 7  28 28 C C B . n 
B 1 8  A 8  29 29 A A B . n 
B 1 9  C 9  30 30 C C B . n 
B 1 10 C 10 31 31 C C B . n 
B 1 11 G 11 32 32 G G B . n 
B 1 12 G 12 33 33 G G B . n 
B 1 13 U 13 34 34 U U B . n 
B 1 14 G 14 35 35 G G B . n 
B 1 15 A 15 36 36 A A B . n 
B 1 16 A 16 37 37 A A B . n 
B 1 17 G 17 38 38 G G B . n 
B 1 18 U 18 39 39 U U B . n 
B 1 19 C 19 40 40 C C B . n 
B 1 20 G 20 41 41 G G B . n 
B 1 21 C 21 42 42 C C B . n 
# 
loop_
_pdbx_nonpoly_scheme.asym_id 
_pdbx_nonpoly_scheme.entity_id 
_pdbx_nonpoly_scheme.mon_id 
_pdbx_nonpoly_scheme.ndb_seq_num 
_pdbx_nonpoly_scheme.pdb_seq_num 
_pdbx_nonpoly_scheme.auth_seq_num 
_pdbx_nonpoly_scheme.pdb_mon_id 
_pdbx_nonpoly_scheme.auth_mon_id 
_pdbx_nonpoly_scheme.pdb_strand_id 
_pdbx_nonpoly_scheme.pdb_ins_code 
C 2 JS6 1  50 50 JS6 JS6 A . 
D 2 JS6 1  51 51 JS6 JS6 B . 
E 3 HOH 1  22 3  HOH HOH A . 
E 3 HOH 2  23 5  HOH HOH A . 
E 3 HOH 3  24 6  HOH HOH A . 
E 3 HOH 4  25 9  HOH HOH A . 
E 3 HOH 5  26 10 HOH HOH A . 
E 3 HOH 6  27 13 HOH HOH A . 
E 3 HOH 7  28 15 HOH HOH A . 
E 3 HOH 8  29 18 HOH HOH A . 
E 3 HOH 9  30 19 HOH HOH A . 
E 3 HOH 10 31 20 HOH HOH A . 
E 3 HOH 11 33 33 HOH HOH A . 
E 3 HOH 12 39 39 HOH HOH A . 
E 3 HOH 13 40 40 HOH HOH A . 
E 3 HOH 14 41 41 HOH HOH A . 
E 3 HOH 15 46 46 HOH HOH A . 
E 3 HOH 16 47 47 HOH HOH A . 
E 3 HOH 17 49 49 HOH HOH A . 
E 3 HOH 18 56 56 HOH HOH A . 
E 3 HOH 19 72 72 HOH HOH A . 
E 3 HOH 20 74 74 HOH HOH A . 
F 3 HOH 1  1  1  HOH HOH B . 
F 3 HOH 2  4  4  HOH HOH B . 
F 3 HOH 3  7  7  HOH HOH B . 
F 3 HOH 4  8  8  HOH HOH B . 
F 3 HOH 5  11 11 HOH HOH B . 
F 3 HOH 6  12 12 HOH HOH B . 
F 3 HOH 7  14 14 HOH HOH B . 
F 3 HOH 8  16 16 HOH HOH B . 
F 3 HOH 9  43 28 HOH HOH B . 
F 3 HOH 10 44 30 HOH HOH B . 
F 3 HOH 11 45 45 HOH HOH B . 
F 3 HOH 12 46 31 HOH HOH B . 
F 3 HOH 13 47 42 HOH HOH B . 
F 3 HOH 14 60 60 HOH HOH B . 
F 3 HOH 15 61 61 HOH HOH B . 
F 3 HOH 16 62 62 HOH HOH B . 
F 3 HOH 17 69 69 HOH HOH B . 
F 3 HOH 18 73 73 HOH HOH B . 
# 
_struct_site_keywords.site_id   1 
_struct_site_keywords.text      bis-intercalation 
# 
_pdbx_struct_assembly.id                   1 
_pdbx_struct_assembly.details              author_and_software_defined_assembly 
_pdbx_struct_assembly.method_details       PISA 
_pdbx_struct_assembly.oligomeric_details   dimeric 
_pdbx_struct_assembly.oligomeric_count     2 
# 
_pdbx_struct_assembly_gen.assembly_id       1 
_pdbx_struct_assembly_gen.oper_expression   1 
_pdbx_struct_assembly_gen.asym_id_list      A,B,C,D,E,F 
# 
loop_
_pdbx_struct_assembly_prop.biol_id 
_pdbx_struct_assembly_prop.type 
_pdbx_struct_assembly_prop.value 
_pdbx_struct_assembly_prop.details 
1 'ABSA (A^2)' 2730 ? 
1 MORE         -17  ? 
1 'SSA (A^2)'  8160 ? 
# 
_pdbx_struct_oper_list.id                   1 
_pdbx_struct_oper_list.type                 'identity operation' 
_pdbx_struct_oper_list.name                 1_555 
_pdbx_struct_oper_list.symmetry_operation   x,y,z 
_pdbx_struct_oper_list.matrix[1][1]         1.0000000000 
_pdbx_struct_oper_list.matrix[1][2]         0.0000000000 
_pdbx_struct_oper_list.matrix[1][3]         0.0000000000 
_pdbx_struct_oper_list.vector[1]            0.0000000000 
_pdbx_struct_oper_list.matrix[2][1]         0.0000000000 
_pdbx_struct_oper_list.matrix[2][2]         1.0000000000 
_pdbx_struct_oper_list.matrix[2][3]         0.0000000000 
_pdbx_struct_oper_list.vector[2]            0.0000000000 
_pdbx_struct_oper_list.matrix[3][1]         0.0000000000 
_pdbx_struct_oper_list.matrix[3][2]         0.0000000000 
_pdbx_struct_oper_list.matrix[3][3]         1.0000000000 
_pdbx_struct_oper_list.vector[3]            0.0000000000 
# 
loop_
_pdbx_audit_revision_history.ordinal 
_pdbx_audit_revision_history.data_content_type 
_pdbx_audit_revision_history.major_revision 
_pdbx_audit_revision_history.minor_revision 
_pdbx_audit_revision_history.revision_date 
1 'Structure model' 1 0 2011-09-21 
2 'Structure model' 1 1 2013-06-19 
3 'Structure model' 1 2 2023-11-01 
# 
_pdbx_audit_revision_details.ordinal             1 
_pdbx_audit_revision_details.revision_ordinal    1 
_pdbx_audit_revision_details.data_content_type   'Structure model' 
_pdbx_audit_revision_details.provider            repository 
_pdbx_audit_revision_details.type                'Initial release' 
_pdbx_audit_revision_details.description         ? 
_pdbx_audit_revision_details.details             ? 
# 
loop_
_pdbx_audit_revision_group.ordinal 
_pdbx_audit_revision_group.revision_ordinal 
_pdbx_audit_revision_group.data_content_type 
_pdbx_audit_revision_group.group 
1 2 'Structure model' 'Database references'    
2 3 'Structure model' 'Data collection'        
3 3 'Structure model' 'Database references'    
4 3 'Structure model' 'Derived calculations'   
5 3 'Structure model' 'Refinement description' 
# 
loop_
_pdbx_audit_revision_category.ordinal 
_pdbx_audit_revision_category.revision_ordinal 
_pdbx_audit_revision_category.data_content_type 
_pdbx_audit_revision_category.category 
1 3 'Structure model' chem_comp_atom                
2 3 'Structure model' chem_comp_bond                
3 3 'Structure model' database_2                    
4 3 'Structure model' pdbx_initial_refinement_model 
5 3 'Structure model' struct_site                   
# 
loop_
_pdbx_audit_revision_item.ordinal 
_pdbx_audit_revision_item.revision_ordinal 
_pdbx_audit_revision_item.data_content_type 
_pdbx_audit_revision_item.item 
1 3 'Structure model' '_database_2.pdbx_DOI'                
2 3 'Structure model' '_database_2.pdbx_database_accession' 
3 3 'Structure model' '_struct_site.pdbx_auth_asym_id'      
4 3 'Structure model' '_struct_site.pdbx_auth_comp_id'      
5 3 'Structure model' '_struct_site.pdbx_auth_seq_id'       
# 
_phasing.method   MR 
# 
loop_
_software.pdbx_ordinal 
_software.name 
_software.version 
_software.date 
_software.type 
_software.contact_author 
_software.contact_author_email 
_software.classification 
_software.location 
_software.language 
_software.citation_id 
1 AMoRE        .    ?               program 'Jorge Navaza'    ccp4@ccp4.ac.uk          phasing           http://www.ccp4.ac.uk/ 
Fortran_77 ? 
2 CNS          .    ?               package 'Axel T. Brunger' axel.brunger@yale.edu    refinement        http://cns-online.org/ 
Fortran_77 ? 
3 PDB_EXTRACT  3.10 'June 10, 2010' package PDB               deposit@deposit.rcsb.org 'data extraction' 
http://sw-tools.pdb.org/apps/PDB_EXTRACT/ C++        ? 
4 CrystalClear .    ?               ?       ?                 ?                        'data reduction'  ? ?          ? 
5 CrystalClear .    ?               ?       ?                 ?                        'data scaling'    ? ?          ? 
# 
loop_
_pdbx_validate_rmsd_bond.id 
_pdbx_validate_rmsd_bond.PDB_model_num 
_pdbx_validate_rmsd_bond.auth_atom_id_1 
_pdbx_validate_rmsd_bond.auth_asym_id_1 
_pdbx_validate_rmsd_bond.auth_comp_id_1 
_pdbx_validate_rmsd_bond.auth_seq_id_1 
_pdbx_validate_rmsd_bond.PDB_ins_code_1 
_pdbx_validate_rmsd_bond.label_alt_id_1 
_pdbx_validate_rmsd_bond.auth_atom_id_2 
_pdbx_validate_rmsd_bond.auth_asym_id_2 
_pdbx_validate_rmsd_bond.auth_comp_id_2 
_pdbx_validate_rmsd_bond.auth_seq_id_2 
_pdbx_validate_rmsd_bond.PDB_ins_code_2 
_pdbx_validate_rmsd_bond.label_alt_id_2 
_pdbx_validate_rmsd_bond.bond_value 
_pdbx_validate_rmsd_bond.bond_target_value 
_pdbx_validate_rmsd_bond.bond_deviation 
_pdbx_validate_rmsd_bond.bond_standard_deviation 
_pdbx_validate_rmsd_bond.linker_flag 
1 1 P A G 1  ? ? OP3 A G 1  ? ? 1.523 1.607 -0.084 0.012 N 
2 1 P B G 22 ? ? OP3 B G 22 ? ? 1.520 1.607 -0.087 0.012 N 
# 
loop_
_chem_comp_atom.comp_id 
_chem_comp_atom.atom_id 
_chem_comp_atom.type_symbol 
_chem_comp_atom.pdbx_aromatic_flag 
_chem_comp_atom.pdbx_stereo_config 
_chem_comp_atom.pdbx_ordinal 
A   OP3    O N N 1   
A   P      P N N 2   
A   OP1    O N N 3   
A   OP2    O N N 4   
A   "O5'"  O N N 5   
A   "C5'"  C N N 6   
A   "C4'"  C N R 7   
A   "O4'"  O N N 8   
A   "C3'"  C N S 9   
A   "O3'"  O N N 10  
A   "C2'"  C N R 11  
A   "O2'"  O N N 12  
A   "C1'"  C N R 13  
A   N9     N Y N 14  
A   C8     C Y N 15  
A   N7     N Y N 16  
A   C5     C Y N 17  
A   C6     C Y N 18  
A   N6     N N N 19  
A   N1     N Y N 20  
A   C2     C Y N 21  
A   N3     N Y N 22  
A   C4     C Y N 23  
A   HOP3   H N N 24  
A   HOP2   H N N 25  
A   "H5'"  H N N 26  
A   "H5''" H N N 27  
A   "H4'"  H N N 28  
A   "H3'"  H N N 29  
A   "HO3'" H N N 30  
A   "H2'"  H N N 31  
A   "HO2'" H N N 32  
A   "H1'"  H N N 33  
A   H8     H N N 34  
A   H61    H N N 35  
A   H62    H N N 36  
A   H2     H N N 37  
C   OP3    O N N 38  
C   P      P N N 39  
C   OP1    O N N 40  
C   OP2    O N N 41  
C   "O5'"  O N N 42  
C   "C5'"  C N N 43  
C   "C4'"  C N R 44  
C   "O4'"  O N N 45  
C   "C3'"  C N S 46  
C   "O3'"  O N N 47  
C   "C2'"  C N R 48  
C   "O2'"  O N N 49  
C   "C1'"  C N R 50  
C   N1     N N N 51  
C   C2     C N N 52  
C   O2     O N N 53  
C   N3     N N N 54  
C   C4     C N N 55  
C   N4     N N N 56  
C   C5     C N N 57  
C   C6     C N N 58  
C   HOP3   H N N 59  
C   HOP2   H N N 60  
C   "H5'"  H N N 61  
C   "H5''" H N N 62  
C   "H4'"  H N N 63  
C   "H3'"  H N N 64  
C   "HO3'" H N N 65  
C   "H2'"  H N N 66  
C   "HO2'" H N N 67  
C   "H1'"  H N N 68  
C   H41    H N N 69  
C   H42    H N N 70  
C   H5     H N N 71  
C   H6     H N N 72  
G   OP3    O N N 73  
G   P      P N N 74  
G   OP1    O N N 75  
G   OP2    O N N 76  
G   "O5'"  O N N 77  
G   "C5'"  C N N 78  
G   "C4'"  C N R 79  
G   "O4'"  O N N 80  
G   "C3'"  C N S 81  
G   "O3'"  O N N 82  
G   "C2'"  C N R 83  
G   "O2'"  O N N 84  
G   "C1'"  C N R 85  
G   N9     N Y N 86  
G   C8     C Y N 87  
G   N7     N Y N 88  
G   C5     C Y N 89  
G   C6     C N N 90  
G   O6     O N N 91  
G   N1     N N N 92  
G   C2     C N N 93  
G   N2     N N N 94  
G   N3     N N N 95  
G   C4     C Y N 96  
G   HOP3   H N N 97  
G   HOP2   H N N 98  
G   "H5'"  H N N 99  
G   "H5''" H N N 100 
G   "H4'"  H N N 101 
G   "H3'"  H N N 102 
G   "HO3'" H N N 103 
G   "H2'"  H N N 104 
G   "HO2'" H N N 105 
G   "H1'"  H N N 106 
G   H8     H N N 107 
G   H1     H N N 108 
G   H21    H N N 109 
G   H22    H N N 110 
HOH O      O N N 111 
HOH H1     H N N 112 
HOH H2     H N N 113 
JS6 C11    C N S 114 
JS6 O11    O N N 115 
JS6 C12    C N R 116 
JS6 N12    N N N 117 
JS6 C13    C N S 118 
JS6 C14    C N R 119 
JS6 C15    C N N 120 
JS6 C16    C Y N 121 
JS6 C21    C N R 122 
JS6 N21    N N N 123 
JS6 C22    C N N 124 
JS6 C23    C N R 125 
JS6 O23    O N N 126 
JS6 C24    C N R 127 
JS6 N24    N N N 128 
JS6 C25    C N N 129 
JS6 N25    N N N 130 
JS6 C26    C Y N 131 
JS6 C31    C N R 132 
JS6 O31    O N N 133 
JS6 C32    C N S 134 
JS6 N32    N N N 135 
JS6 C33    C N R 136 
JS6 O33    O N N 137 
JS6 C34    C N R 138 
JS6 O34    O N N 139 
JS6 C35    C N N 140 
JS6 C36    C Y N 141 
JS6 C41    C N S 142 
JS6 O41    O N N 143 
JS6 C42    C N R 144 
JS6 C43    C N R 145 
JS6 O43    O N N 146 
JS6 C44    C N S 147 
JS6 O44    O N N 148 
JS6 C45    C N N 149 
JS6 C46    C Y N 150 
JS6 C51    C N R 151 
JS6 O51    O N N 152 
JS6 C52    C N R 153 
JS6 O52    O N N 154 
JS6 C53    C N N 155 
JS6 O53    O N N 156 
JS6 C54    C N S 157 
JS6 O54    O N N 158 
JS6 C56    C Y N 159 
JS6 C61    C N N 160 
JS6 O61    O N N 161 
JS6 C62    C N S 162 
JS6 O62    O N N 163 
JS6 C64    C N N 164 
JS6 N64    N N N 165 
JS6 C66    C Y N 166 
JS6 H11    H N N 167 
JS6 H12    H N N 168 
JS6 HN12   H N N 169 
JS6 HN1A   H N N 170 
JS6 H13    H N N 171 
JS6 H14    H N N 172 
JS6 H15    H N N 173 
JS6 H15A   H N N 174 
JS6 H21    H N N 175 
JS6 HN21   H N N 176 
JS6 HN2A   H N N 177 
JS6 H22    H N N 178 
JS6 H22A   H N N 179 
JS6 H23    H N N 180 
JS6 H24    H N N 181 
JS6 HN24   H N N 182 
JS6 HN2B   H N N 183 
JS6 H25    H N N 184 
JS6 H25A   H N N 185 
JS6 HN25   H N N 186 
JS6 H26    H N N 187 
JS6 H31    H N N 188 
JS6 HO31   H N N 189 
JS6 H32    H N N 190 
JS6 HN32   H N N 191 
JS6 HN3A   H N N 192 
JS6 H33    H N N 193 
JS6 H34    H N N 194 
JS6 HO34   H N N 195 
JS6 H35    H N N 196 
JS6 H35A   H N N 197 
JS6 H36    H N N 198 
JS6 H41    H N N 199 
JS6 HO41   H N N 200 
JS6 H42    H N N 201 
JS6 H43    H N N 202 
JS6 H44    H N N 203 
JS6 HO44   H N N 204 
JS6 H45    H N N 205 
JS6 H45A   H N N 206 
JS6 H46    H N N 207 
JS6 H51    H N N 208 
JS6 H52    H N N 209 
JS6 H53    H N N 210 
JS6 H53A   H N N 211 
JS6 HO53   H N N 212 
JS6 H54    H N N 213 
JS6 H56    H N N 214 
JS6 H61    H N N 215 
JS6 H61A   H N N 216 
JS6 HO61   H N N 217 
JS6 H62    H N N 218 
JS6 HO62   H N N 219 
JS6 H64    H N N 220 
JS6 H64A   H N N 221 
JS6 HN64   H N N 222 
JS6 HN6A   H N N 223 
JS6 H66    H N N 224 
U   OP3    O N N 225 
U   P      P N N 226 
U   OP1    O N N 227 
U   OP2    O N N 228 
U   "O5'"  O N N 229 
U   "C5'"  C N N 230 
U   "C4'"  C N R 231 
U   "O4'"  O N N 232 
U   "C3'"  C N S 233 
U   "O3'"  O N N 234 
U   "C2'"  C N R 235 
U   "O2'"  O N N 236 
U   "C1'"  C N R 237 
U   N1     N N N 238 
U   C2     C N N 239 
U   O2     O N N 240 
U   N3     N N N 241 
U   C4     C N N 242 
U   O4     O N N 243 
U   C5     C N N 244 
U   C6     C N N 245 
U   HOP3   H N N 246 
U   HOP2   H N N 247 
U   "H5'"  H N N 248 
U   "H5''" H N N 249 
U   "H4'"  H N N 250 
U   "H3'"  H N N 251 
U   "HO3'" H N N 252 
U   "H2'"  H N N 253 
U   "HO2'" H N N 254 
U   "H1'"  H N N 255 
U   H3     H N N 256 
U   H5     H N N 257 
U   H6     H N N 258 
# 
loop_
_chem_comp_bond.comp_id 
_chem_comp_bond.atom_id_1 
_chem_comp_bond.atom_id_2 
_chem_comp_bond.value_order 
_chem_comp_bond.pdbx_aromatic_flag 
_chem_comp_bond.pdbx_stereo_config 
_chem_comp_bond.pdbx_ordinal 
A   OP3   P      sing N N 1   
A   OP3   HOP3   sing N N 2   
A   P     OP1    doub N N 3   
A   P     OP2    sing N N 4   
A   P     "O5'"  sing N N 5   
A   OP2   HOP2   sing N N 6   
A   "O5'" "C5'"  sing N N 7   
A   "C5'" "C4'"  sing N N 8   
A   "C5'" "H5'"  sing N N 9   
A   "C5'" "H5''" sing N N 10  
A   "C4'" "O4'"  sing N N 11  
A   "C4'" "C3'"  sing N N 12  
A   "C4'" "H4'"  sing N N 13  
A   "O4'" "C1'"  sing N N 14  
A   "C3'" "O3'"  sing N N 15  
A   "C3'" "C2'"  sing N N 16  
A   "C3'" "H3'"  sing N N 17  
A   "O3'" "HO3'" sing N N 18  
A   "C2'" "O2'"  sing N N 19  
A   "C2'" "C1'"  sing N N 20  
A   "C2'" "H2'"  sing N N 21  
A   "O2'" "HO2'" sing N N 22  
A   "C1'" N9     sing N N 23  
A   "C1'" "H1'"  sing N N 24  
A   N9    C8     sing Y N 25  
A   N9    C4     sing Y N 26  
A   C8    N7     doub Y N 27  
A   C8    H8     sing N N 28  
A   N7    C5     sing Y N 29  
A   C5    C6     sing Y N 30  
A   C5    C4     doub Y N 31  
A   C6    N6     sing N N 32  
A   C6    N1     doub Y N 33  
A   N6    H61    sing N N 34  
A   N6    H62    sing N N 35  
A   N1    C2     sing Y N 36  
A   C2    N3     doub Y N 37  
A   C2    H2     sing N N 38  
A   N3    C4     sing Y N 39  
C   OP3   P      sing N N 40  
C   OP3   HOP3   sing N N 41  
C   P     OP1    doub N N 42  
C   P     OP2    sing N N 43  
C   P     "O5'"  sing N N 44  
C   OP2   HOP2   sing N N 45  
C   "O5'" "C5'"  sing N N 46  
C   "C5'" "C4'"  sing N N 47  
C   "C5'" "H5'"  sing N N 48  
C   "C5'" "H5''" sing N N 49  
C   "C4'" "O4'"  sing N N 50  
C   "C4'" "C3'"  sing N N 51  
C   "C4'" "H4'"  sing N N 52  
C   "O4'" "C1'"  sing N N 53  
C   "C3'" "O3'"  sing N N 54  
C   "C3'" "C2'"  sing N N 55  
C   "C3'" "H3'"  sing N N 56  
C   "O3'" "HO3'" sing N N 57  
C   "C2'" "O2'"  sing N N 58  
C   "C2'" "C1'"  sing N N 59  
C   "C2'" "H2'"  sing N N 60  
C   "O2'" "HO2'" sing N N 61  
C   "C1'" N1     sing N N 62  
C   "C1'" "H1'"  sing N N 63  
C   N1    C2     sing N N 64  
C   N1    C6     sing N N 65  
C   C2    O2     doub N N 66  
C   C2    N3     sing N N 67  
C   N3    C4     doub N N 68  
C   C4    N4     sing N N 69  
C   C4    C5     sing N N 70  
C   N4    H41    sing N N 71  
C   N4    H42    sing N N 72  
C   C5    C6     doub N N 73  
C   C5    H5     sing N N 74  
C   C6    H6     sing N N 75  
G   OP3   P      sing N N 76  
G   OP3   HOP3   sing N N 77  
G   P     OP1    doub N N 78  
G   P     OP2    sing N N 79  
G   P     "O5'"  sing N N 80  
G   OP2   HOP2   sing N N 81  
G   "O5'" "C5'"  sing N N 82  
G   "C5'" "C4'"  sing N N 83  
G   "C5'" "H5'"  sing N N 84  
G   "C5'" "H5''" sing N N 85  
G   "C4'" "O4'"  sing N N 86  
G   "C4'" "C3'"  sing N N 87  
G   "C4'" "H4'"  sing N N 88  
G   "O4'" "C1'"  sing N N 89  
G   "C3'" "O3'"  sing N N 90  
G   "C3'" "C2'"  sing N N 91  
G   "C3'" "H3'"  sing N N 92  
G   "O3'" "HO3'" sing N N 93  
G   "C2'" "O2'"  sing N N 94  
G   "C2'" "C1'"  sing N N 95  
G   "C2'" "H2'"  sing N N 96  
G   "O2'" "HO2'" sing N N 97  
G   "C1'" N9     sing N N 98  
G   "C1'" "H1'"  sing N N 99  
G   N9    C8     sing Y N 100 
G   N9    C4     sing Y N 101 
G   C8    N7     doub Y N 102 
G   C8    H8     sing N N 103 
G   N7    C5     sing Y N 104 
G   C5    C6     sing N N 105 
G   C5    C4     doub Y N 106 
G   C6    O6     doub N N 107 
G   C6    N1     sing N N 108 
G   N1    C2     sing N N 109 
G   N1    H1     sing N N 110 
G   C2    N2     sing N N 111 
G   C2    N3     doub N N 112 
G   N2    H21    sing N N 113 
G   N2    H22    sing N N 114 
G   N3    C4     sing N N 115 
HOH O     H1     sing N N 116 
HOH O     H2     sing N N 117 
JS6 C11   O11    sing N N 118 
JS6 C11   C21    sing N N 119 
JS6 C11   O51    sing N N 120 
JS6 O11   C42    sing N N 121 
JS6 C12   N12    sing N N 122 
JS6 C12   C22    sing N N 123 
JS6 C12   C62    sing N N 124 
JS6 C13   C23    sing N N 125 
JS6 C13   O43    sing N N 126 
JS6 C13   O52    sing N N 127 
JS6 C14   C24    sing N N 128 
JS6 C14   O33    sing N N 129 
JS6 C14   O54    sing N N 130 
JS6 C15   O23    sing N N 131 
JS6 C15   C25    sing N N 132 
JS6 C16   C26    doub Y N 133 
JS6 C16   C45    sing N N 134 
JS6 C16   C66    sing Y N 135 
JS6 C21   N21    sing N N 136 
JS6 C21   C31    sing N N 137 
JS6 C22   C32    sing N N 138 
JS6 C23   O23    sing N N 139 
JS6 C23   C33    sing N N 140 
JS6 C24   N24    sing N N 141 
JS6 C24   C34    sing N N 142 
JS6 C25   N25    sing N N 143 
JS6 N25   C35    sing N N 144 
JS6 C26   C36    sing Y N 145 
JS6 C31   O31    sing N N 146 
JS6 C31   C41    sing N N 147 
JS6 C32   N32    sing N N 148 
JS6 C32   C42    sing N N 149 
JS6 C33   O33    sing N N 150 
JS6 C33   C43    sing N N 151 
JS6 C34   O34    sing N N 152 
JS6 C34   C44    sing N N 153 
JS6 C35   C45    sing N N 154 
JS6 C36   C46    doub Y N 155 
JS6 C41   O41    sing N N 156 
JS6 C41   C51    sing N N 157 
JS6 C42   C52    sing N N 158 
JS6 C43   O43    sing N N 159 
JS6 C43   C53    sing N N 160 
JS6 C44   O44    sing N N 161 
JS6 C44   C54    sing N N 162 
JS6 C46   C56    sing Y N 163 
JS6 C51   O51    sing N N 164 
JS6 C51   C61    sing N N 165 
JS6 C52   O52    sing N N 166 
JS6 C52   C62    sing N N 167 
JS6 C53   O53    sing N N 168 
JS6 C54   O54    sing N N 169 
JS6 C54   C64    sing N N 170 
JS6 C56   C66    doub Y N 171 
JS6 C61   O61    sing N N 172 
JS6 C62   O62    sing N N 173 
JS6 C64   N64    sing N N 174 
JS6 C11   H11    sing N N 175 
JS6 C12   H12    sing N N 176 
JS6 N12   HN12   sing N N 177 
JS6 N12   HN1A   sing N N 178 
JS6 C13   H13    sing N N 179 
JS6 C14   H14    sing N N 180 
JS6 C15   H15    sing N N 181 
JS6 C15   H15A   sing N N 182 
JS6 C21   H21    sing N N 183 
JS6 N21   HN21   sing N N 184 
JS6 N21   HN2A   sing N N 185 
JS6 C22   H22    sing N N 186 
JS6 C22   H22A   sing N N 187 
JS6 C23   H23    sing N N 188 
JS6 C24   H24    sing N N 189 
JS6 N24   HN24   sing N N 190 
JS6 N24   HN2B   sing N N 191 
JS6 C25   H25    sing N N 192 
JS6 C25   H25A   sing N N 193 
JS6 N25   HN25   sing N N 194 
JS6 C26   H26    sing N N 195 
JS6 C31   H31    sing N N 196 
JS6 O31   HO31   sing N N 197 
JS6 C32   H32    sing N N 198 
JS6 N32   HN32   sing N N 199 
JS6 N32   HN3A   sing N N 200 
JS6 C33   H33    sing N N 201 
JS6 C34   H34    sing N N 202 
JS6 O34   HO34   sing N N 203 
JS6 C35   H35    sing N N 204 
JS6 C35   H35A   sing N N 205 
JS6 C36   H36    sing N N 206 
JS6 C41   H41    sing N N 207 
JS6 O41   HO41   sing N N 208 
JS6 C42   H42    sing N N 209 
JS6 C43   H43    sing N N 210 
JS6 C44   H44    sing N N 211 
JS6 O44   HO44   sing N N 212 
JS6 C45   H45    sing N N 213 
JS6 C45   H45A   sing N N 214 
JS6 C46   H46    sing N N 215 
JS6 C51   H51    sing N N 216 
JS6 C52   H52    sing N N 217 
JS6 C53   H53    sing N N 218 
JS6 C53   H53A   sing N N 219 
JS6 O53   HO53   sing N N 220 
JS6 C54   H54    sing N N 221 
JS6 C56   H56    sing N N 222 
JS6 C61   H61    sing N N 223 
JS6 C61   H61A   sing N N 224 
JS6 O61   HO61   sing N N 225 
JS6 C62   H62    sing N N 226 
JS6 O62   HO62   sing N N 227 
JS6 C64   H64    sing N N 228 
JS6 C64   H64A   sing N N 229 
JS6 N64   HN64   sing N N 230 
JS6 N64   HN6A   sing N N 231 
JS6 C66   H66    sing N N 232 
U   OP3   P      sing N N 233 
U   OP3   HOP3   sing N N 234 
U   P     OP1    doub N N 235 
U   P     OP2    sing N N 236 
U   P     "O5'"  sing N N 237 
U   OP2   HOP2   sing N N 238 
U   "O5'" "C5'"  sing N N 239 
U   "C5'" "C4'"  sing N N 240 
U   "C5'" "H5'"  sing N N 241 
U   "C5'" "H5''" sing N N 242 
U   "C4'" "O4'"  sing N N 243 
U   "C4'" "C3'"  sing N N 244 
U   "C4'" "H4'"  sing N N 245 
U   "O4'" "C1'"  sing N N 246 
U   "C3'" "O3'"  sing N N 247 
U   "C3'" "C2'"  sing N N 248 
U   "C3'" "H3'"  sing N N 249 
U   "O3'" "HO3'" sing N N 250 
U   "C2'" "O2'"  sing N N 251 
U   "C2'" "C1'"  sing N N 252 
U   "C2'" "H2'"  sing N N 253 
U   "O2'" "HO2'" sing N N 254 
U   "C1'" N1     sing N N 255 
U   "C1'" "H1'"  sing N N 256 
U   N1    C2     sing N N 257 
U   N1    C6     sing N N 258 
U   C2    O2     doub N N 259 
U   C2    N3     sing N N 260 
U   N3    C4     sing N N 261 
U   N3    H3     sing N N 262 
U   C4    O4     doub N N 263 
U   C4    C5     sing N N 264 
U   C5    C6     doub N N 265 
U   C5    H5     sing N N 266 
U   C6    H6     sing N N 267 
# 
loop_
_ndb_struct_conf_na.entry_id 
_ndb_struct_conf_na.feature 
3S4P 'double helix'         
3S4P 'a-form double helix'  
3S4P 'mismatched base pair' 
3S4P 'internal loop'        
# 
loop_
_ndb_struct_na_base_pair.model_number 
_ndb_struct_na_base_pair.i_label_asym_id 
_ndb_struct_na_base_pair.i_label_comp_id 
_ndb_struct_na_base_pair.i_label_seq_id 
_ndb_struct_na_base_pair.i_symmetry 
_ndb_struct_na_base_pair.j_label_asym_id 
_ndb_struct_na_base_pair.j_label_comp_id 
_ndb_struct_na_base_pair.j_label_seq_id 
_ndb_struct_na_base_pair.j_symmetry 
_ndb_struct_na_base_pair.shear 
_ndb_struct_na_base_pair.stretch 
_ndb_struct_na_base_pair.stagger 
_ndb_struct_na_base_pair.buckle 
_ndb_struct_na_base_pair.propeller 
_ndb_struct_na_base_pair.opening 
_ndb_struct_na_base_pair.pair_number 
_ndb_struct_na_base_pair.pair_name 
_ndb_struct_na_base_pair.i_auth_asym_id 
_ndb_struct_na_base_pair.i_auth_seq_id 
_ndb_struct_na_base_pair.i_PDB_ins_code 
_ndb_struct_na_base_pair.j_auth_asym_id 
_ndb_struct_na_base_pair.j_auth_seq_id 
_ndb_struct_na_base_pair.j_PDB_ins_code 
_ndb_struct_na_base_pair.hbond_type_28 
_ndb_struct_na_base_pair.hbond_type_12 
1 A G 1  1_555 B C 21 1_555 0.008  -0.427 -0.375 -8.902 -3.978  -0.532 1  A_G1:C42_B  A 1  ? B 42 ? 19 1 
1 A C 2  1_555 B G 20 1_555 -0.209 -0.371 -0.086 1.895  -3.862  0.742  2  A_C2:G41_B  A 2  ? B 41 ? 19 1 
1 A G 3  1_555 B C 19 1_555 0.186  -0.242 -0.025 -4.700 -10.441 4.483  3  A_G3:C40_B  A 3  ? B 40 ? 19 1 
1 A U 4  1_555 B U 18 1_555 1.699  -1.308 0.274  -1.243 -10.962 11.987 4  A_U4:U39_B  A 4  ? B 39 ? 16 1 
1 A C 5  1_555 B G 17 1_555 0.363  -0.397 -0.094 -3.553 -12.572 1.671  5  A_C5:G38_B  A 5  ? B 38 ? 19 1 
1 A C 7  1_555 B G 14 1_555 0.408  0.034  0.103  10.640 -21.179 3.894  6  A_C7:G35_B  A 7  ? B 35 ? 19 1 
1 A A 8  1_555 B U 13 1_555 0.398  -0.358 0.210  -1.312 -11.162 1.328  7  A_A8:U34_B  A 8  ? B 34 ? 20 1 
1 A C 9  1_555 B G 12 1_555 0.277  -0.413 0.252  1.312  -14.895 -4.654 8  A_C9:G33_B  A 9  ? B 33 ? 19 1 
1 A C 10 1_555 B G 11 1_555 0.014  -0.160 0.372  0.094  -13.594 -0.318 9  A_C10:G32_B A 10 ? B 32 ? 19 1 
1 A G 11 1_555 B C 10 1_555 -0.001 -0.233 -0.307 -4.520 -12.442 -1.717 10 A_G11:C31_B A 11 ? B 31 ? 19 1 
1 A G 12 1_555 B C 9  1_555 -0.214 -0.106 -0.079 -9.500 -17.825 2.657  11 A_G12:C30_B A 12 ? B 30 ? 19 1 
1 A U 13 1_555 B A 8  1_555 -0.317 -0.244 0.111  1.221  -14.464 3.717  12 A_U13:A29_B A 13 ? B 29 ? 20 1 
1 A G 14 1_555 B C 7  1_555 -0.088 -0.127 -0.215 -9.007 -18.182 3.530  13 A_G14:C28_B A 14 ? B 28 ? 19 1 
1 A G 17 1_555 B C 5  1_555 -0.562 -0.166 -0.257 0.858  -6.605  0.087  14 A_G17:C26_B A 17 ? B 26 ? 19 1 
1 A U 18 1_555 B U 4  1_555 -2.123 -1.607 0.314  -4.680 -6.831  7.303  15 A_U18:U25_B A 18 ? B 25 ? 16 1 
1 A C 19 1_555 B G 3  1_555 -0.651 -0.339 -0.030 4.258  -9.855  1.302  16 A_C19:G24_B A 19 ? B 24 ? 19 1 
1 A G 20 1_555 B C 2  1_555 0.266  -0.282 -0.040 -2.137 -6.156  1.522  17 A_G20:C23_B A 20 ? B 23 ? 19 1 
1 A C 21 1_555 B G 1  1_555 0.482  -0.459 0.132  -3.057 -3.364  -1.043 18 A_C21:G22_B A 21 ? B 22 ? 19 1 
# 
loop_
_ndb_struct_na_base_pair_step.model_number 
_ndb_struct_na_base_pair_step.i_label_asym_id_1 
_ndb_struct_na_base_pair_step.i_label_comp_id_1 
_ndb_struct_na_base_pair_step.i_label_seq_id_1 
_ndb_struct_na_base_pair_step.i_symmetry_1 
_ndb_struct_na_base_pair_step.j_label_asym_id_1 
_ndb_struct_na_base_pair_step.j_label_comp_id_1 
_ndb_struct_na_base_pair_step.j_label_seq_id_1 
_ndb_struct_na_base_pair_step.j_symmetry_1 
_ndb_struct_na_base_pair_step.i_label_asym_id_2 
_ndb_struct_na_base_pair_step.i_label_comp_id_2 
_ndb_struct_na_base_pair_step.i_label_seq_id_2 
_ndb_struct_na_base_pair_step.i_symmetry_2 
_ndb_struct_na_base_pair_step.j_label_asym_id_2 
_ndb_struct_na_base_pair_step.j_label_comp_id_2 
_ndb_struct_na_base_pair_step.j_label_seq_id_2 
_ndb_struct_na_base_pair_step.j_symmetry_2 
_ndb_struct_na_base_pair_step.shift 
_ndb_struct_na_base_pair_step.slide 
_ndb_struct_na_base_pair_step.rise 
_ndb_struct_na_base_pair_step.tilt 
_ndb_struct_na_base_pair_step.roll 
_ndb_struct_na_base_pair_step.twist 
_ndb_struct_na_base_pair_step.x_displacement 
_ndb_struct_na_base_pair_step.y_displacement 
_ndb_struct_na_base_pair_step.helical_rise 
_ndb_struct_na_base_pair_step.inclination 
_ndb_struct_na_base_pair_step.tip 
_ndb_struct_na_base_pair_step.helical_twist 
_ndb_struct_na_base_pair_step.step_number 
_ndb_struct_na_base_pair_step.step_name 
_ndb_struct_na_base_pair_step.i_auth_asym_id_1 
_ndb_struct_na_base_pair_step.i_auth_seq_id_1 
_ndb_struct_na_base_pair_step.i_PDB_ins_code_1 
_ndb_struct_na_base_pair_step.j_auth_asym_id_1 
_ndb_struct_na_base_pair_step.j_auth_seq_id_1 
_ndb_struct_na_base_pair_step.j_PDB_ins_code_1 
_ndb_struct_na_base_pair_step.i_auth_asym_id_2 
_ndb_struct_na_base_pair_step.i_auth_seq_id_2 
_ndb_struct_na_base_pair_step.i_PDB_ins_code_2 
_ndb_struct_na_base_pair_step.j_auth_asym_id_2 
_ndb_struct_na_base_pair_step.j_auth_seq_id_2 
_ndb_struct_na_base_pair_step.j_PDB_ins_code_2 
1 A G 1  1_555 B C 21 1_555 A C 2  1_555 B G 20 1_555 -0.540 -1.998 3.072 -3.825 1.463  24.098 -5.145 0.164  2.995 3.472  9.077  
24.439 1  AA_G1C2:G41C42_BB   A 1  ? B 42 ? A 2  ? B 41 ? 
1 A C 2  1_555 B G 20 1_555 A G 3  1_555 B C 19 1_555 0.280  -1.958 3.423 -0.684 9.947  34.201 -4.602 -0.555 2.758 16.485 1.134  
35.583 2  AA_C2G3:C40G41_BB   A 2  ? B 41 ? A 3  ? B 40 ? 
1 A G 3  1_555 B C 19 1_555 A U 4  1_555 B U 18 1_555 0.764  -1.201 3.214 -0.096 -0.336 39.517 -1.738 -1.141 3.222 -0.497 0.143  
39.518 3  AA_G3U4:U39C40_BB   A 3  ? B 40 ? A 4  ? B 39 ? 
1 A U 4  1_555 B U 18 1_555 A C 5  1_555 B G 17 1_555 -0.666 -2.556 3.162 3.704  4.080  27.400 -6.164 2.169  2.650 8.505  -7.720 
27.938 4  AA_U4C5:G38U39_BB   A 4  ? B 39 ? A 5  ? B 38 ? 
1 A C 5  1_555 B G 17 1_555 A C 7  1_555 B G 14 1_555 1.901  -3.343 6.132 -9.786 17.987 77.746 -3.442 -1.936 5.160 14.103 7.673  
79.983 5  AA_C5C7:G35G38_BB   A 5  ? B 38 ? A 7  ? B 35 ? 
1 A C 7  1_555 B G 14 1_555 A A 8  1_555 B U 13 1_555 -0.228 -1.411 3.237 -1.596 15.923 34.839 -3.967 0.166  2.399 25.026 2.509  
38.235 6  AA_C7A8:U34G35_BB   A 7  ? B 35 ? A 8  ? B 34 ? 
1 A A 8  1_555 B U 13 1_555 A C 9  1_555 B G 12 1_555 -0.604 -1.430 3.160 -0.898 4.818  30.297 -3.589 0.977  2.919 9.142  1.704  
30.682 7  AA_A8C9:G33U34_BB   A 8  ? B 34 ? A 9  ? B 33 ? 
1 A C 9  1_555 B G 12 1_555 A C 10 1_555 B G 11 1_555 0.400  -1.356 3.186 0.174  3.938  32.894 -3.009 -0.674 3.010 6.923  -0.306 
33.123 8  AA_C9C10:G32G33_BB  A 9  ? B 33 ? A 10 ? B 32 ? 
1 A C 10 1_555 B G 11 1_555 A G 11 1_555 B C 10 1_555 -0.046 -1.748 3.329 4.642  9.808  27.522 -5.362 1.006  2.530 19.674 -9.312 
29.545 9  AA_C10G11:C31G32_BB A 10 ? B 32 ? A 11 ? B 31 ? 
1 A G 11 1_555 B C 10 1_555 A G 12 1_555 B C 9  1_555 0.667  -1.807 3.297 -1.018 6.997  32.418 -4.281 -1.330 2.834 12.350 1.798  
33.160 10 AA_G11G12:C30C31_BB A 11 ? B 31 ? A 12 ? B 30 ? 
1 A G 12 1_555 B C 9  1_555 A U 13 1_555 B A 8  1_555 -0.100 -1.271 2.989 0.010  1.179  30.508 -2.626 0.193  2.939 2.240  -0.019 
30.530 11 AA_G12U13:A29C30_BB A 12 ? B 30 ? A 13 ? B 29 ? 
1 A U 13 1_555 B A 8  1_555 A G 14 1_555 B C 7  1_555 -0.214 -1.391 3.366 0.946  13.572 35.073 -3.854 0.450  2.659 21.546 -1.502 
37.542 12 AA_U13G14:C28A29_BB A 13 ? B 29 ? A 14 ? B 28 ? 
1 A G 14 1_555 B C 7  1_555 A G 17 1_555 B C 5  1_555 -1.641 -3.650 6.120 10.416 24.993 74.583 -4.060 1.787  4.675 20.006 -8.337 
78.669 13 AA_G14G17:C26C28_BB A 14 ? B 28 ? A 17 ? B 26 ? 
1 A G 17 1_555 B C 5  1_555 A U 18 1_555 B U 4  1_555 0.372  -2.727 3.399 -4.648 -1.114 28.230 -5.252 -1.853 3.398 -2.263 9.443  
28.624 14 AA_G17U18:U25C26_BB A 17 ? B 26 ? A 18 ? B 25 ? 
1 A U 18 1_555 B U 4  1_555 A C 19 1_555 B G 3  1_555 -0.530 -1.459 3.023 0.300  -1.166 36.484 -2.179 0.885  3.062 -1.862 -0.478 
36.503 15 AA_U18C19:G24U25_BB A 18 ? B 25 ? A 19 ? B 24 ? 
1 A C 19 1_555 B G 3  1_555 A G 20 1_555 B C 2  1_555 -0.064 -1.394 3.267 -0.948 11.550 36.783 -3.459 -0.013 2.724 17.770 1.459  
38.505 16 AA_C19G20:C23G24_BB A 19 ? B 24 ? A 20 ? B 23 ? 
1 A G 20 1_555 B C 2  1_555 A C 21 1_555 B G 1  1_555 0.466  -2.104 3.352 -0.663 -0.834 29.008 -4.008 -1.079 3.398 -1.664 1.322  
29.027 17 AA_G20C21:G22C23_BB A 20 ? B 23 ? A 21 ? B 22 ? 
# 
loop_
_pdbx_entity_nonpoly.entity_id 
_pdbx_entity_nonpoly.name 
_pdbx_entity_nonpoly.comp_id 
2 
;(1R,2R,3S,4R,6S)-4,6-diamino-2-{[3-O-(2,6-diamino-2,6-dideoxy-beta-L-idopyranosyl)-2-O-{2-[(2-phenylethyl)amino]ethyl}-beta-D-ribofuranosyl]oxy}-3-hydroxycyclohexyl 2-amino-2-deoxy-alpha-D-glucopyranoside
;
JS6 
3 water HOH 
# 
_pdbx_initial_refinement_model.id               1 
_pdbx_initial_refinement_model.entity_id_list   ? 
_pdbx_initial_refinement_model.type             'experimental model' 
_pdbx_initial_refinement_model.source_name      PDB 
_pdbx_initial_refinement_model.accession_code   1J7T 
_pdbx_initial_refinement_model.details          ? 
# 
